data_5TGU
#
_entry.id   5TGU
#
_cell.length_a   64.111
_cell.length_b   253.873
_cell.length_c   70.199
_cell.angle_alpha   90.00
_cell.angle_beta   111.80
_cell.angle_gamma   90.00
#
_symmetry.space_group_name_H-M   'P 1 21 1'
#
loop_
_entity.id
_entity.type
_entity.pdbx_description
1 polymer 'Hemagglutinin HA1 chain'
2 polymer 'Hemagglutinin HA2 chain'
3 branched 'N-acetyl-alpha-neuraminic acid-(2-6)-beta-D-galactopyranose-(1-4)-2-acetamido-2-deoxy-beta-D-glucopyranose'
4 branched alpha-D-mannopyranose-(1-6)-beta-D-mannopyranose-(1-4)-2-acetamido-2-deoxy-beta-D-glucopyranose
5 branched 2-acetamido-2-deoxy-beta-D-glucopyranose-(1-4)-2-acetamido-2-deoxy-beta-D-glucopyranose
6 non-polymer 'N-acetyl-alpha-neuraminic acid'
7 non-polymer 2-acetamido-2-deoxy-beta-D-glucopyranose
8 water water
#
loop_
_entity_poly.entity_id
_entity_poly.type
_entity_poly.pdbx_seq_one_letter_code
_entity_poly.pdbx_strand_id
1 'polypeptide(L)'
;ADPGDKICLGHHAVANGTIVKTLTNEQEEVTNATETVESTGINRLCMKGRKHKDLGNCHPIGMLIGTPACDLHLTGMWDT
LIERENAIAYCYPGATVNVEALRQKIMESGGINKISTGFTYGSSINSAGTTRACMRNGGNSFYAELKWLVSKSAGQNFPQ
TTNTYRNTDTAEHLIMWGIHHPSSTQEKNTLYGTQSLSISVGSSTYRNNFVPVVGARPQVNGLSSRIDFHWTLVQPGDNI
TFSHNGGLIAPSRVSKLIGRGLGIQSDAPIDNNCESKCFWRGGSINTRLPFQNLSPRTVGQCPKYVNRRSLMLATGMRNV
PEL
;
A,C,E
2 'polypeptide(L)'
;LFGAIAGFLENGWEGMVDGWYGFRHQNAQGTGQAADYKSTQAAIDQITGKLNRLVEKTNTEFESIESEFSEIEHQIGNVI
NWTKDSITDIWTYQAELLVAMENQHTIDMADSEMLNLYERVRKQLRQNAEEDGKGCFEIYHACDDSCMESIRNNTYDHSQ
YREEALLNRLNINSGRLVPR
;
B,D,F
#
loop_
_chem_comp.id
_chem_comp.type
_chem_comp.name
_chem_comp.formula
BMA D-saccharide, beta linking beta-D-mannopyranose 'C6 H12 O6'
GAL D-saccharide, beta linking beta-D-galactopyranose 'C6 H12 O6'
MAN D-saccharide, alpha linking alpha-D-mannopyranose 'C6 H12 O6'
NAG D-saccharide, beta linking 2-acetamido-2-deoxy-beta-D-glucopyranose 'C8 H15 N O6'
SIA D-saccharide, alpha linking 'N-acetyl-alpha-neuraminic acid' 'C11 H19 N O9'
#
# COMPACT_ATOMS: atom_id res chain seq x y z
N ASP A 5 -8.63 33.37 -55.13
CA ASP A 5 -8.56 31.95 -54.86
C ASP A 5 -7.70 31.65 -53.62
N LYS A 6 -8.15 30.66 -52.84
CA LYS A 6 -7.66 30.44 -51.49
C LYS A 6 -8.13 29.07 -50.98
N ILE A 7 -7.34 28.44 -50.12
CA ILE A 7 -7.79 27.23 -49.42
C ILE A 7 -7.38 27.27 -47.93
N CYS A 8 -8.30 26.83 -47.09
CA CYS A 8 -8.16 27.02 -45.65
C CYS A 8 -8.31 25.74 -44.86
N LEU A 9 -7.45 25.62 -43.85
CA LEU A 9 -7.48 24.46 -43.01
C LEU A 9 -8.13 24.80 -41.68
N GLY A 10 -8.80 23.81 -41.11
CA GLY A 10 -9.49 24.01 -39.86
C GLY A 10 -9.82 22.70 -39.17
N HIS A 11 -10.25 22.83 -37.92
CA HIS A 11 -10.71 21.73 -37.10
C HIS A 11 -12.15 21.96 -36.62
N HIS A 12 -12.88 20.90 -36.29
CA HIS A 12 -14.24 21.08 -35.81
C HIS A 12 -14.26 21.58 -34.36
N ALA A 13 -15.44 22.02 -33.95
CA ALA A 13 -15.72 22.42 -32.57
C ALA A 13 -17.20 22.16 -32.34
N VAL A 14 -17.64 22.32 -31.10
CA VAL A 14 -19.04 22.15 -30.76
C VAL A 14 -19.47 23.34 -29.92
N ALA A 15 -20.78 23.57 -29.79
CA ALA A 15 -21.26 24.69 -29.00
C ALA A 15 -20.97 24.46 -27.51
N ASN A 16 -21.25 23.24 -27.05
CA ASN A 16 -21.15 22.87 -25.63
C ASN A 16 -20.00 21.89 -25.34
N GLY A 17 -18.84 22.43 -24.93
CA GLY A 17 -17.66 21.63 -24.63
C GLY A 17 -17.79 20.91 -23.30
N THR A 18 -16.76 20.12 -22.92
CA THR A 18 -16.70 19.51 -21.60
C THR A 18 -15.43 19.89 -20.88
N ILE A 19 -15.54 20.35 -19.64
CA ILE A 19 -14.31 20.63 -18.92
C ILE A 19 -13.58 19.35 -18.48
N VAL A 20 -12.25 19.36 -18.64
CA VAL A 20 -11.37 18.30 -18.15
C VAL A 20 -10.14 18.93 -17.49
N LYS A 21 -9.40 18.16 -16.68
CA LYS A 21 -8.21 18.68 -16.05
C LYS A 21 -6.94 18.20 -16.77
N THR A 22 -5.94 19.06 -16.86
CA THR A 22 -4.66 18.64 -17.45
C THR A 22 -3.58 18.86 -16.43
N LEU A 23 -2.34 18.63 -16.83
CA LEU A 23 -1.19 18.91 -15.98
C LEU A 23 -1.03 20.43 -15.79
N THR A 24 -1.50 21.21 -16.76
CA THR A 24 -1.28 22.66 -16.72
C THR A 24 -2.57 23.42 -16.43
N ASN A 25 -3.71 22.76 -16.58
CA ASN A 25 -4.97 23.49 -16.52
C ASN A 25 -6.11 22.76 -15.80
N GLU A 26 -6.60 23.42 -14.77
CA GLU A 26 -7.78 22.99 -14.03
C GLU A 26 -9.02 22.95 -14.89
N GLN A 27 -9.20 24.01 -15.67
CA GLN A 27 -10.41 24.24 -16.45
C GLN A 27 -10.16 24.21 -17.94
N GLU A 28 -9.88 23.05 -18.50
CA GLU A 28 -9.63 22.94 -19.93
C GLU A 28 -10.85 22.40 -20.66
N GLU A 29 -11.27 23.09 -21.71
CA GLU A 29 -12.47 22.72 -22.42
C GLU A 29 -12.15 21.93 -23.66
N VAL A 30 -12.66 20.71 -23.74
CA VAL A 30 -12.46 19.87 -24.92
C VAL A 30 -13.80 19.50 -25.57
N THR A 31 -13.75 18.89 -26.75
CA THR A 31 -14.94 18.54 -27.53
C THR A 31 -15.83 17.45 -26.95
N ASN A 32 -15.25 16.30 -26.62
CA ASN A 32 -15.93 15.21 -25.93
C ASN A 32 -15.02 14.75 -24.78
N ALA A 33 -15.60 14.03 -23.83
CA ALA A 33 -14.84 13.41 -22.76
C ALA A 33 -15.64 12.24 -22.19
N THR A 34 -15.02 11.44 -21.33
CA THR A 34 -15.70 10.26 -20.77
C THR A 34 -15.25 10.03 -19.32
N GLU A 35 -16.16 9.54 -18.47
CA GLU A 35 -15.89 9.22 -17.06
C GLU A 35 -14.90 8.07 -16.87
N THR A 36 -14.02 8.16 -15.88
CA THR A 36 -13.17 7.02 -15.52
C THR A 36 -13.46 6.47 -14.12
N VAL A 37 -14.36 7.14 -13.40
CA VAL A 37 -14.74 6.69 -12.07
C VAL A 37 -16.18 6.16 -12.07
N GLU A 38 -16.34 4.86 -11.84
CA GLU A 38 -17.65 4.23 -11.77
C GLU A 38 -18.42 4.67 -10.53
N SER A 39 -19.65 5.10 -10.71
CA SER A 39 -20.41 5.64 -9.59
C SER A 39 -21.72 4.91 -9.40
N THR A 40 -22.06 4.01 -10.33
CA THR A 40 -23.30 3.30 -10.18
C THR A 40 -23.04 1.79 -10.10
N GLY A 41 -23.74 1.14 -9.20
CA GLY A 41 -23.61 -0.28 -9.05
C GLY A 41 -24.98 -0.88 -9.15
N ILE A 42 -25.03 -2.21 -9.14
CA ILE A 42 -26.28 -2.95 -9.20
C ILE A 42 -26.76 -3.31 -7.79
N ASN A 43 -28.07 -3.20 -7.56
CA ASN A 43 -28.66 -3.37 -6.23
C ASN A 43 -29.03 -4.82 -5.92
N ARG A 44 -28.32 -5.73 -6.58
CA ARG A 44 -28.52 -7.13 -6.48
C ARG A 44 -27.15 -7.81 -6.38
N LEU A 45 -27.07 -8.92 -5.66
CA LEU A 45 -25.92 -9.82 -5.75
C LEU A 45 -26.09 -10.70 -6.99
N CYS A 46 -25.34 -10.40 -8.04
CA CYS A 46 -25.46 -11.12 -9.31
C CYS A 46 -24.76 -12.46 -9.26
N MET A 47 -25.53 -13.51 -9.02
CA MET A 47 -24.96 -14.81 -8.66
C MET A 47 -25.04 -15.84 -9.81
N LYS A 48 -25.30 -15.34 -11.02
CA LYS A 48 -25.36 -16.21 -12.18
C LYS A 48 -23.97 -16.77 -12.51
N GLY A 49 -23.88 -18.07 -12.71
CA GLY A 49 -22.58 -18.64 -12.98
C GLY A 49 -21.88 -19.08 -11.70
N ARG A 50 -22.45 -18.76 -10.54
CA ARG A 50 -21.84 -19.11 -9.24
C ARG A 50 -22.61 -20.17 -8.52
N LYS A 51 -21.92 -21.15 -7.93
CA LYS A 51 -22.68 -22.01 -7.00
C LYS A 51 -22.73 -21.27 -5.68
N HIS A 52 -23.84 -20.60 -5.42
CA HIS A 52 -23.88 -19.71 -4.29
C HIS A 52 -24.75 -20.21 -3.21
N LYS A 53 -24.43 -19.81 -1.99
CA LYS A 53 -25.27 -20.11 -0.83
C LYS A 53 -25.59 -18.82 -0.16
N ASP A 54 -26.87 -18.49 -0.19
CA ASP A 54 -27.46 -17.43 0.63
C ASP A 54 -27.81 -17.99 1.99
N LEU A 55 -27.12 -17.53 3.03
CA LEU A 55 -27.31 -18.08 4.37
C LEU A 55 -28.54 -17.56 5.11
N GLY A 56 -29.17 -16.51 4.62
CA GLY A 56 -30.30 -15.91 5.28
C GLY A 56 -29.94 -15.44 6.69
N ASN A 57 -30.69 -15.87 7.68
CA ASN A 57 -30.42 -15.48 9.05
C ASN A 57 -29.52 -16.48 9.79
N CYS A 58 -28.83 -17.33 9.03
CA CYS A 58 -27.90 -18.29 9.59
C CYS A 58 -26.45 -17.69 9.58
N HIS A 59 -25.85 -17.56 10.74
CA HIS A 59 -24.49 -17.02 10.81
C HIS A 59 -23.51 -18.16 10.51
N PRO A 60 -22.44 -17.85 9.76
CA PRO A 60 -21.48 -18.92 9.46
C PRO A 60 -21.06 -19.78 10.68
N ILE A 61 -20.76 -19.18 11.83
CA ILE A 61 -20.46 -20.02 13.00
C ILE A 61 -21.60 -21.03 13.25
N GLY A 62 -22.84 -20.56 13.08
CA GLY A 62 -24.01 -21.39 13.37
C GLY A 62 -24.07 -22.65 12.55
N MET A 63 -23.43 -22.64 11.37
CA MET A 63 -23.37 -23.81 10.52
C MET A 63 -22.60 -24.96 11.16
N LEU A 64 -21.53 -24.63 11.89
CA LEU A 64 -20.63 -25.66 12.45
C LEU A 64 -21.26 -26.33 13.68
N ILE A 65 -21.95 -25.56 14.52
CA ILE A 65 -22.52 -26.11 15.75
C ILE A 65 -24.01 -26.48 15.64
N GLY A 66 -24.67 -25.98 14.61
CA GLY A 66 -26.02 -26.40 14.28
C GLY A 66 -27.13 -25.70 15.04
N THR A 67 -27.07 -24.38 15.04
CA THR A 67 -28.10 -23.58 15.64
C THR A 67 -29.38 -23.76 14.78
N PRO A 68 -30.56 -23.80 15.39
CA PRO A 68 -31.80 -24.03 14.61
C PRO A 68 -31.87 -23.22 13.29
N ALA A 69 -31.47 -21.95 13.34
CA ALA A 69 -31.50 -21.12 12.13
C ALA A 69 -30.63 -21.62 10.98
N CYS A 70 -29.66 -22.47 11.28
CA CYS A 70 -28.79 -22.96 10.24
C CYS A 70 -29.16 -24.38 9.81
N ASP A 71 -30.33 -24.86 10.20
CA ASP A 71 -30.70 -26.24 9.88
C ASP A 71 -30.60 -26.53 8.38
N LEU A 72 -30.84 -25.52 7.55
CA LEU A 72 -30.77 -25.70 6.10
C LEU A 72 -29.35 -25.52 5.57
N HIS A 73 -28.42 -25.19 6.46
CA HIS A 73 -27.05 -24.92 5.99
C HIS A 73 -25.99 -25.69 6.78
N LEU A 74 -26.27 -26.93 7.12
CA LEU A 74 -25.34 -27.74 7.93
C LEU A 74 -24.26 -28.41 7.06
N THR A 75 -24.57 -28.69 5.81
CA THR A 75 -23.62 -29.24 4.84
C THR A 75 -23.92 -28.63 3.50
N GLY A 76 -22.91 -28.53 2.64
CA GLY A 76 -23.13 -28.13 1.27
C GLY A 76 -21.85 -27.85 0.53
N MET A 77 -21.97 -27.30 -0.69
CA MET A 77 -20.84 -26.87 -1.50
C MET A 77 -21.16 -25.50 -2.05
N TRP A 78 -20.19 -24.63 -2.19
CA TRP A 78 -20.49 -23.33 -2.78
C TRP A 78 -19.20 -22.73 -3.27
N ASP A 79 -19.28 -21.77 -4.17
CA ASP A 79 -18.08 -21.04 -4.50
C ASP A 79 -18.24 -19.61 -3.98
N THR A 80 -19.40 -19.35 -3.42
CA THR A 80 -19.72 -18.02 -2.95
C THR A 80 -20.63 -18.18 -1.76
N LEU A 81 -20.31 -17.52 -0.65
CA LEU A 81 -21.10 -17.71 0.54
C LEU A 81 -21.59 -16.36 1.01
N ILE A 82 -22.89 -16.21 1.14
CA ILE A 82 -23.47 -14.89 1.44
C ILE A 82 -23.87 -14.81 2.89
N GLU A 83 -23.26 -13.89 3.63
CA GLU A 83 -23.65 -13.74 5.03
C GLU A 83 -24.59 -12.58 5.13
N ARG A 84 -25.59 -12.68 5.99
CA ARG A 84 -26.58 -11.59 6.12
C ARG A 84 -26.52 -10.91 7.45
N GLU A 85 -27.03 -9.69 7.48
CA GLU A 85 -26.99 -8.87 8.67
C GLU A 85 -27.78 -9.46 9.86
N ASN A 86 -28.80 -10.24 9.62
CA ASN A 86 -29.58 -10.65 10.79
C ASN A 86 -29.04 -11.99 11.35
N ALA A 87 -27.81 -12.33 10.97
CA ALA A 87 -27.35 -13.71 11.11
C ALA A 87 -27.24 -14.21 12.57
N ILE A 88 -27.73 -15.40 12.84
CA ILE A 88 -27.78 -16.00 14.18
C ILE A 88 -26.77 -17.13 14.28
N ALA A 89 -25.94 -17.07 15.31
CA ALA A 89 -24.94 -18.09 15.56
C ALA A 89 -25.31 -18.89 16.77
N TYR A 90 -25.82 -18.19 17.78
CA TYR A 90 -26.03 -18.79 19.07
C TYR A 90 -27.49 -18.69 19.47
N CYS A 91 -28.10 -19.83 19.73
CA CYS A 91 -29.41 -19.81 20.31
C CYS A 91 -29.23 -19.76 21.82
N TYR A 92 -28.49 -20.72 22.36
CA TYR A 92 -28.13 -20.62 23.76
C TYR A 92 -27.00 -19.60 23.88
N PRO A 93 -27.19 -18.56 24.71
CA PRO A 93 -26.26 -17.42 24.82
C PRO A 93 -24.84 -17.88 25.16
N GLY A 94 -23.84 -17.21 24.58
CA GLY A 94 -22.45 -17.54 24.78
C GLY A 94 -21.59 -16.87 23.71
N ALA A 95 -20.33 -17.25 23.65
CA ALA A 95 -19.37 -16.67 22.73
C ALA A 95 -18.36 -17.69 22.25
N THR A 96 -17.67 -17.36 21.16
CA THR A 96 -16.63 -18.23 20.61
C THR A 96 -15.25 -17.55 20.65
N VAL A 97 -14.24 -18.34 21.03
CA VAL A 97 -12.86 -17.87 21.10
C VAL A 97 -12.31 -17.79 19.68
N ASN A 98 -11.57 -16.71 19.40
CA ASN A 98 -11.08 -16.41 18.06
C ASN A 98 -12.24 -16.49 17.06
N VAL A 99 -13.35 -15.86 17.38
CA VAL A 99 -14.52 -16.01 16.53
C VAL A 99 -14.30 -15.47 15.11
N GLU A 100 -13.65 -14.33 14.94
CA GLU A 100 -13.58 -13.73 13.61
C GLU A 100 -12.63 -14.52 12.69
N ALA A 101 -11.63 -15.16 13.26
CA ALA A 101 -10.72 -15.98 12.50
C ALA A 101 -11.50 -17.18 11.95
N LEU A 102 -12.35 -17.74 12.80
CA LEU A 102 -13.19 -18.87 12.44
C LEU A 102 -14.25 -18.44 11.37
N ARG A 103 -14.94 -17.34 11.63
CA ARG A 103 -15.87 -16.77 10.62
C ARG A 103 -15.15 -16.63 9.28
N GLN A 104 -13.92 -16.08 9.28
CA GLN A 104 -13.27 -15.88 7.98
C GLN A 104 -12.89 -17.24 7.34
N LYS A 105 -12.48 -18.22 8.15
CA LYS A 105 -12.18 -19.56 7.61
C LYS A 105 -13.40 -20.19 6.90
N ILE A 106 -14.57 -20.11 7.55
CA ILE A 106 -15.83 -20.57 6.96
C ILE A 106 -16.15 -19.81 5.66
N MET A 107 -16.00 -18.49 5.71
CA MET A 107 -16.35 -17.62 4.59
C MET A 107 -15.37 -17.72 3.40
N GLU A 108 -14.26 -18.42 3.55
CA GLU A 108 -13.43 -18.63 2.37
C GLU A 108 -13.51 -20.06 1.94
N SER A 109 -14.38 -20.82 2.60
CA SER A 109 -14.48 -22.25 2.30
C SER A 109 -15.31 -22.43 1.04
N GLY A 110 -15.29 -23.64 0.50
CA GLY A 110 -16.12 -23.96 -0.65
C GLY A 110 -17.13 -25.02 -0.31
N GLY A 111 -17.48 -25.13 0.96
CA GLY A 111 -18.42 -26.14 1.39
C GLY A 111 -18.04 -26.71 2.75
N ILE A 112 -18.95 -27.52 3.28
CA ILE A 112 -18.77 -28.10 4.58
C ILE A 112 -19.31 -29.53 4.59
N ASN A 113 -18.55 -30.48 5.09
CA ASN A 113 -19.09 -31.81 5.36
C ASN A 113 -19.16 -32.02 6.85
N LYS A 114 -20.08 -32.88 7.29
CA LYS A 114 -20.17 -33.15 8.71
C LYS A 114 -19.86 -34.61 9.00
N ILE A 115 -19.04 -34.83 10.00
CA ILE A 115 -18.58 -36.18 10.33
C ILE A 115 -18.86 -36.48 11.80
N SER A 116 -19.58 -37.55 12.05
CA SER A 116 -19.95 -37.92 13.38
C SER A 116 -18.72 -38.33 14.20
N THR A 117 -18.68 -37.89 15.46
CA THR A 117 -17.64 -38.25 16.39
C THR A 117 -17.82 -39.69 16.89
N GLY A 118 -19.07 -40.13 17.01
CA GLY A 118 -19.33 -41.46 17.49
C GLY A 118 -19.32 -41.58 19.00
N PHE A 119 -19.26 -40.45 19.68
CA PHE A 119 -19.26 -40.45 21.14
C PHE A 119 -20.50 -41.14 21.73
N THR A 120 -20.26 -42.02 22.69
CA THR A 120 -21.33 -42.68 23.42
C THR A 120 -21.09 -42.45 24.89
N TYR A 121 -22.16 -42.34 25.64
CA TYR A 121 -22.00 -42.04 27.04
C TYR A 121 -22.73 -43.13 27.81
N GLY A 122 -22.23 -43.45 29.00
CA GLY A 122 -22.84 -44.52 29.76
C GLY A 122 -24.18 -44.08 30.32
N SER A 123 -24.78 -44.94 31.13
CA SER A 123 -26.13 -44.73 31.67
C SER A 123 -26.24 -43.60 32.70
N SER A 124 -25.11 -43.18 33.23
CA SER A 124 -25.09 -42.10 34.20
C SER A 124 -25.19 -40.76 33.51
N ILE A 125 -25.04 -40.74 32.19
CA ILE A 125 -25.09 -39.47 31.49
C ILE A 125 -26.38 -39.32 30.68
N ASN A 126 -27.05 -38.20 30.89
CA ASN A 126 -28.10 -37.73 29.99
C ASN A 126 -27.48 -36.83 28.93
N SER A 127 -27.39 -37.33 27.71
CA SER A 127 -26.84 -36.55 26.61
C SER A 127 -27.89 -35.75 25.83
N ALA A 128 -29.15 -35.80 26.23
CA ALA A 128 -30.20 -35.07 25.53
C ALA A 128 -30.67 -33.84 26.29
N GLY A 129 -29.76 -32.99 26.71
CA GLY A 129 -30.20 -31.74 27.33
C GLY A 129 -30.73 -30.87 26.20
N THR A 130 -31.86 -30.24 26.45
CA THR A 130 -32.45 -29.29 25.52
C THR A 130 -32.84 -28.03 26.27
N THR A 131 -33.24 -27.01 25.53
CA THR A 131 -33.59 -25.73 26.12
C THR A 131 -34.64 -24.97 25.28
N ARG A 132 -35.47 -24.20 25.95
CA ARG A 132 -36.41 -23.31 25.29
C ARG A 132 -35.70 -22.20 24.45
N ALA A 133 -34.39 -22.04 24.64
CA ALA A 133 -33.64 -21.04 23.87
C ALA A 133 -33.33 -21.53 22.45
N CYS A 134 -33.40 -22.83 22.26
CA CYS A 134 -33.14 -23.43 20.97
C CYS A 134 -34.36 -24.22 20.53
N MET A 135 -35.38 -23.53 20.04
CA MET A 135 -36.59 -24.14 19.52
C MET A 135 -36.35 -24.80 18.19
N ARG A 136 -36.96 -25.96 17.99
CA ARG A 136 -36.91 -26.61 16.69
C ARG A 136 -38.19 -27.42 16.54
N ASN A 137 -38.90 -27.23 15.44
CA ASN A 137 -40.22 -27.87 15.23
C ASN A 137 -41.15 -27.63 16.44
N GLY A 138 -41.35 -26.38 16.83
CA GLY A 138 -42.20 -26.07 17.98
C GLY A 138 -41.78 -26.65 19.34
N GLY A 139 -40.62 -27.31 19.41
CA GLY A 139 -40.15 -27.94 20.65
C GLY A 139 -38.73 -27.63 21.12
N ASN A 140 -38.49 -27.80 22.42
CA ASN A 140 -37.19 -27.56 23.03
C ASN A 140 -36.13 -28.41 22.36
N SER A 141 -35.05 -27.78 21.93
CA SER A 141 -34.00 -28.50 21.24
C SER A 141 -32.61 -28.00 21.70
N PHE A 142 -31.59 -28.18 20.86
CA PHE A 142 -30.23 -27.81 21.21
C PHE A 142 -29.42 -27.83 19.94
N TYR A 143 -28.24 -27.23 19.97
CA TYR A 143 -27.34 -27.24 18.83
C TYR A 143 -27.31 -28.63 18.18
N ALA A 144 -27.50 -28.69 16.87
CA ALA A 144 -27.68 -29.98 16.21
C ALA A 144 -26.39 -30.81 16.26
N GLU A 145 -25.24 -30.14 16.22
CA GLU A 145 -23.96 -30.86 16.12
C GLU A 145 -23.27 -31.05 17.45
N LEU A 146 -23.99 -30.83 18.54
CA LEU A 146 -23.36 -30.83 19.86
C LEU A 146 -24.33 -31.47 20.80
N LYS A 147 -23.81 -31.94 21.93
CA LYS A 147 -24.68 -32.57 22.88
C LYS A 147 -24.45 -31.99 24.25
N TRP A 148 -25.53 -31.58 24.90
CA TRP A 148 -25.42 -31.12 26.27
C TRP A 148 -25.49 -32.27 27.28
N LEU A 149 -24.33 -32.61 27.82
CA LEU A 149 -24.18 -33.71 28.77
C LEU A 149 -24.50 -33.22 30.18
N VAL A 150 -25.42 -33.91 30.86
CA VAL A 150 -25.68 -33.67 32.28
C VAL A 150 -25.82 -35.01 33.00
N SER A 151 -25.83 -35.00 34.32
CA SER A 151 -26.02 -36.22 35.11
C SER A 151 -27.42 -36.80 34.89
N LYS A 152 -27.54 -38.09 34.57
CA LYS A 152 -28.87 -38.65 34.39
C LYS A 152 -29.67 -38.65 35.70
N SER A 153 -29.03 -39.04 36.80
CA SER A 153 -29.63 -38.88 38.14
C SER A 153 -29.26 -37.50 38.69
N ALA A 154 -30.25 -36.63 38.81
CA ALA A 154 -30.00 -35.23 39.15
C ALA A 154 -29.20 -35.02 40.46
N GLY A 155 -28.22 -34.12 40.41
CA GLY A 155 -27.47 -33.77 41.60
C GLY A 155 -26.33 -34.73 41.91
N GLN A 156 -26.35 -35.90 41.27
CA GLN A 156 -25.24 -36.83 41.34
C GLN A 156 -24.06 -36.29 40.54
N ASN A 157 -22.86 -36.60 41.01
CA ASN A 157 -21.63 -36.27 40.29
C ASN A 157 -21.55 -36.89 38.90
N PHE A 158 -21.44 -36.03 37.89
CA PHE A 158 -21.24 -36.42 36.51
C PHE A 158 -20.00 -37.29 36.48
N PRO A 159 -20.04 -38.44 35.80
CA PRO A 159 -18.88 -39.34 35.95
C PRO A 159 -17.67 -38.86 35.14
N GLN A 160 -16.48 -39.15 35.67
CA GLN A 160 -15.23 -38.98 34.95
C GLN A 160 -15.35 -39.70 33.61
N THR A 161 -15.25 -38.95 32.51
CA THR A 161 -15.55 -39.48 31.19
C THR A 161 -14.47 -39.15 30.17
N THR A 162 -14.17 -40.08 29.28
CA THR A 162 -13.15 -39.86 28.28
C THR A 162 -13.74 -40.17 26.92
N ASN A 163 -13.58 -39.23 25.98
CA ASN A 163 -14.11 -39.43 24.65
C ASN A 163 -13.01 -39.08 23.67
N THR A 164 -12.86 -39.88 22.63
CA THR A 164 -11.82 -39.64 21.67
C THR A 164 -12.32 -39.68 20.24
N TYR A 165 -12.06 -38.59 19.50
CA TYR A 165 -12.40 -38.56 18.09
C TYR A 165 -11.14 -38.75 17.27
N ARG A 166 -11.22 -39.68 16.33
CA ARG A 166 -10.10 -39.99 15.45
C ARG A 166 -10.40 -39.55 14.01
N ASN A 167 -9.62 -38.60 13.53
CA ASN A 167 -9.67 -38.23 12.15
C ASN A 167 -9.02 -39.28 11.25
N THR A 168 -9.85 -40.13 10.66
CA THR A 168 -9.37 -41.16 9.75
C THR A 168 -9.46 -40.72 8.28
N ASP A 169 -9.56 -39.41 8.07
CA ASP A 169 -9.77 -38.81 6.73
C ASP A 169 -8.43 -38.29 6.20
N THR A 170 -8.40 -37.77 4.98
CA THR A 170 -7.15 -37.25 4.39
C THR A 170 -7.03 -35.75 4.44
N ALA A 171 -7.98 -35.08 5.08
CA ALA A 171 -7.89 -33.62 5.21
C ALA A 171 -8.16 -33.23 6.65
N GLU A 172 -7.82 -32.00 7.01
CA GLU A 172 -8.01 -31.58 8.40
C GLU A 172 -9.49 -31.44 8.76
N HIS A 173 -9.82 -31.66 10.02
CA HIS A 173 -11.18 -31.48 10.46
C HIS A 173 -11.25 -30.38 11.48
N LEU A 174 -12.33 -29.63 11.42
CA LEU A 174 -12.55 -28.58 12.37
C LEU A 174 -13.52 -29.10 13.42
N ILE A 175 -13.11 -29.13 14.67
CA ILE A 175 -13.96 -29.65 15.72
C ILE A 175 -14.23 -28.56 16.75
N MET A 176 -15.48 -28.49 17.17
CA MET A 176 -15.95 -27.49 18.10
C MET A 176 -16.53 -28.11 19.34
N TRP A 177 -16.42 -27.42 20.45
CA TRP A 177 -17.05 -27.90 21.66
C TRP A 177 -17.45 -26.70 22.47
N GLY A 178 -18.22 -26.92 23.53
CA GLY A 178 -18.60 -25.81 24.36
C GLY A 178 -18.25 -26.14 25.78
N ILE A 179 -18.28 -25.12 26.62
CA ILE A 179 -18.06 -25.29 28.03
C ILE A 179 -19.19 -24.59 28.72
N HIS A 180 -20.01 -25.36 29.43
CA HIS A 180 -21.16 -24.75 30.10
C HIS A 180 -20.71 -23.94 31.30
N HIS A 181 -21.14 -22.69 31.37
CA HIS A 181 -20.91 -21.87 32.57
C HIS A 181 -22.22 -21.61 33.28
N PRO A 182 -22.55 -22.41 34.32
CA PRO A 182 -23.84 -22.26 34.98
C PRO A 182 -23.99 -20.90 35.61
N SER A 183 -25.24 -20.57 35.93
CA SER A 183 -25.54 -19.24 36.42
C SER A 183 -25.77 -19.23 37.91
N SER A 184 -25.81 -20.41 38.52
CA SER A 184 -25.92 -20.52 39.96
C SER A 184 -25.36 -21.85 40.47
N THR A 185 -25.11 -21.92 41.79
CA THR A 185 -24.55 -23.11 42.43
C THR A 185 -25.54 -24.26 42.43
N GLN A 186 -26.80 -23.92 42.67
CA GLN A 186 -27.86 -24.92 42.72
C GLN A 186 -27.93 -25.61 41.38
N GLU A 187 -27.75 -24.85 40.32
CA GLU A 187 -27.90 -25.38 38.98
C GLU A 187 -26.68 -26.20 38.56
N LYS A 188 -25.49 -25.67 38.86
CA LYS A 188 -24.27 -26.42 38.71
C LYS A 188 -24.40 -27.77 39.42
N ASN A 189 -24.86 -27.78 40.67
CA ASN A 189 -24.99 -29.04 41.42
C ASN A 189 -26.00 -30.01 40.84
N THR A 190 -27.17 -29.50 40.47
CA THR A 190 -28.18 -30.31 39.83
C THR A 190 -27.62 -30.97 38.56
N LEU A 191 -26.93 -30.20 37.74
CA LEU A 191 -26.49 -30.71 36.44
C LEU A 191 -25.28 -31.66 36.53
N TYR A 192 -24.35 -31.37 37.44
CA TYR A 192 -23.05 -32.04 37.42
C TYR A 192 -22.57 -32.58 38.75
N GLY A 193 -23.23 -32.19 39.83
CA GLY A 193 -22.83 -32.63 41.15
C GLY A 193 -22.06 -31.54 41.88
N THR A 194 -21.65 -31.84 43.11
CA THR A 194 -20.93 -30.88 43.95
C THR A 194 -19.44 -30.90 43.70
N GLN A 195 -18.96 -31.92 43.00
CA GLN A 195 -17.51 -32.06 42.71
C GLN A 195 -16.96 -30.89 41.89
N SER A 196 -15.65 -30.72 41.95
CA SER A 196 -14.96 -29.70 41.18
C SER A 196 -14.88 -30.13 39.72
N LEU A 197 -15.25 -29.24 38.82
CA LEU A 197 -15.40 -29.67 37.43
C LEU A 197 -14.15 -29.31 36.70
N SER A 198 -13.79 -30.17 35.77
CA SER A 198 -12.58 -30.03 35.01
C SER A 198 -12.80 -30.67 33.68
N ILE A 199 -12.46 -29.95 32.62
CA ILE A 199 -12.58 -30.47 31.26
C ILE A 199 -11.27 -30.26 30.56
N SER A 200 -10.63 -31.32 30.10
CA SER A 200 -9.44 -30.99 29.38
C SER A 200 -9.52 -31.63 28.04
N VAL A 201 -8.96 -30.93 27.05
CA VAL A 201 -9.04 -31.37 25.68
C VAL A 201 -7.64 -31.46 25.11
N GLY A 202 -7.34 -32.51 24.38
CA GLY A 202 -6.01 -32.62 23.85
C GLY A 202 -5.91 -33.40 22.59
N SER A 203 -5.06 -32.88 21.70
CA SER A 203 -4.62 -33.61 20.54
C SER A 203 -3.10 -33.40 20.41
N SER A 204 -2.49 -33.95 19.35
CA SER A 204 -1.11 -33.63 18.98
C SER A 204 -0.81 -32.14 18.81
N THR A 205 -1.81 -31.35 18.39
CA THR A 205 -1.58 -29.91 18.15
C THR A 205 -2.41 -29.00 19.03
N TYR A 206 -2.85 -29.52 20.17
CA TYR A 206 -3.69 -28.71 21.04
C TYR A 206 -3.78 -29.30 22.45
N ARG A 207 -3.66 -28.45 23.46
CA ARG A 207 -3.96 -28.87 24.81
C ARG A 207 -4.47 -27.74 25.66
N ASN A 208 -5.54 -28.00 26.39
CA ASN A 208 -6.14 -26.95 27.18
C ASN A 208 -6.96 -27.51 28.30
N ASN A 209 -7.14 -26.70 29.32
CA ASN A 209 -8.00 -27.09 30.40
C ASN A 209 -9.06 -26.05 30.59
N PHE A 210 -10.29 -26.53 30.84
CA PHE A 210 -11.41 -25.63 31.10
C PHE A 210 -12.12 -26.01 32.37
N VAL A 211 -12.56 -24.99 33.09
CA VAL A 211 -13.31 -25.15 34.29
C VAL A 211 -14.56 -24.29 34.23
N PRO A 212 -15.76 -24.92 34.32
CA PRO A 212 -17.01 -24.17 34.39
C PRO A 212 -17.02 -23.24 35.59
N VAL A 213 -17.32 -21.99 35.37
CA VAL A 213 -17.47 -21.03 36.45
C VAL A 213 -18.92 -20.58 36.63
N VAL A 214 -19.38 -20.61 37.88
CA VAL A 214 -20.67 -20.09 38.28
C VAL A 214 -20.63 -18.59 38.45
N GLY A 215 -21.54 -17.89 37.80
CA GLY A 215 -21.55 -16.44 37.89
C GLY A 215 -22.93 -15.86 37.61
N ALA A 216 -23.34 -14.90 38.45
CA ALA A 216 -24.52 -14.12 38.16
C ALA A 216 -24.23 -13.24 36.94
N ARG A 217 -25.18 -13.12 36.02
CA ARG A 217 -25.01 -12.28 34.83
C ARG A 217 -26.37 -12.09 34.18
N PRO A 218 -26.50 -11.04 33.32
CA PRO A 218 -27.80 -10.72 32.74
C PRO A 218 -28.41 -11.88 31.95
N GLN A 219 -29.75 -11.90 31.88
CA GLN A 219 -30.45 -12.88 31.07
C GLN A 219 -30.39 -12.53 29.59
N VAL A 220 -30.04 -13.52 28.77
CA VAL A 220 -30.06 -13.38 27.32
C VAL A 220 -30.90 -14.53 26.80
N ASN A 221 -32.00 -14.19 26.12
CA ASN A 221 -32.99 -15.16 25.66
C ASN A 221 -33.51 -15.93 26.85
N GLY A 222 -33.79 -15.22 27.93
CA GLY A 222 -34.23 -15.80 29.18
C GLY A 222 -33.18 -16.42 30.11
N LEU A 223 -31.95 -16.58 29.62
CA LEU A 223 -30.96 -17.42 30.31
C LEU A 223 -29.71 -16.71 30.84
N SER A 224 -29.36 -16.98 32.10
CA SER A 224 -28.22 -16.33 32.73
C SER A 224 -26.95 -17.17 32.64
N SER A 225 -27.06 -18.41 32.19
CA SER A 225 -25.83 -19.17 32.08
C SER A 225 -25.38 -19.02 30.64
N ARG A 226 -24.15 -19.46 30.35
CA ARG A 226 -23.57 -19.28 29.02
C ARG A 226 -22.97 -20.57 28.55
N ILE A 227 -22.69 -20.60 27.25
CA ILE A 227 -21.88 -21.64 26.66
C ILE A 227 -20.83 -21.00 25.80
N ASP A 228 -19.58 -21.18 26.20
CA ASP A 228 -18.41 -20.73 25.48
C ASP A 228 -17.94 -21.78 24.50
N PHE A 229 -17.73 -21.41 23.25
CA PHE A 229 -17.31 -22.39 22.29
C PHE A 229 -15.81 -22.31 22.03
N HIS A 230 -15.22 -23.47 21.80
CA HIS A 230 -13.79 -23.50 21.49
C HIS A 230 -13.67 -24.36 20.24
N TRP A 231 -12.56 -24.27 19.56
CA TRP A 231 -12.42 -25.02 18.32
C TRP A 231 -10.97 -25.19 18.08
N THR A 232 -10.62 -26.27 17.39
CA THR A 232 -9.29 -26.42 16.93
C THR A 232 -9.31 -27.27 15.68
N LEU A 233 -8.19 -27.36 14.96
CA LEU A 233 -8.13 -28.17 13.77
C LEU A 233 -7.45 -29.51 14.09
N VAL A 234 -8.11 -30.61 13.75
CA VAL A 234 -7.54 -31.93 13.95
C VAL A 234 -7.01 -32.51 12.67
N GLN A 235 -5.69 -32.63 12.57
CA GLN A 235 -5.03 -33.05 11.35
C GLN A 235 -5.34 -34.50 10.98
N PRO A 236 -5.08 -34.89 9.71
CA PRO A 236 -5.40 -36.28 9.37
C PRO A 236 -4.62 -37.29 10.23
N GLY A 237 -5.26 -38.40 10.57
CA GLY A 237 -4.61 -39.45 11.34
C GLY A 237 -4.48 -39.16 12.81
N ASP A 238 -4.65 -37.91 13.21
CA ASP A 238 -4.53 -37.51 14.60
C ASP A 238 -5.83 -37.74 15.40
N ASN A 239 -5.70 -37.73 16.73
CA ASN A 239 -6.83 -37.94 17.61
C ASN A 239 -6.94 -36.87 18.65
N ILE A 240 -8.18 -36.55 19.02
CA ILE A 240 -8.40 -35.52 20.01
C ILE A 240 -9.28 -36.11 21.07
N THR A 241 -8.93 -35.83 22.31
CA THR A 241 -9.57 -36.50 23.42
C THR A 241 -10.14 -35.44 24.34
N PHE A 242 -11.36 -35.70 24.79
CA PHE A 242 -12.02 -34.90 25.78
C PHE A 242 -12.00 -35.71 27.06
N SER A 243 -11.57 -35.10 28.14
CA SER A 243 -11.55 -35.76 29.43
C SER A 243 -12.34 -34.88 30.37
N HIS A 244 -13.50 -35.33 30.79
CA HIS A 244 -14.37 -34.38 31.47
C HIS A 244 -15.18 -34.93 32.62
N ASN A 245 -15.47 -33.99 33.49
CA ASN A 245 -16.04 -34.21 34.79
C ASN A 245 -17.47 -33.74 34.85
N GLY A 246 -17.93 -33.07 33.79
CA GLY A 246 -19.16 -32.34 33.83
C GLY A 246 -18.91 -30.95 33.29
N GLY A 247 -19.85 -30.44 32.48
CA GLY A 247 -19.72 -29.13 31.89
C GLY A 247 -19.31 -29.16 30.43
N LEU A 248 -18.87 -30.32 29.95
CA LEU A 248 -18.51 -30.38 28.53
C LEU A 248 -19.75 -30.32 27.66
N ILE A 249 -19.76 -29.44 26.67
CA ILE A 249 -20.77 -29.49 25.63
C ILE A 249 -20.08 -30.16 24.46
N ALA A 250 -20.38 -31.44 24.28
CA ALA A 250 -19.57 -32.36 23.46
C ALA A 250 -19.96 -32.35 22.01
N PRO A 251 -18.99 -32.47 21.08
CA PRO A 251 -19.38 -32.52 19.67
C PRO A 251 -19.99 -33.87 19.26
N SER A 252 -21.14 -33.88 18.58
CA SER A 252 -21.65 -35.15 18.04
C SER A 252 -21.28 -35.28 16.57
N ARG A 253 -20.94 -34.16 15.96
CA ARG A 253 -20.39 -34.20 14.60
C ARG A 253 -19.27 -33.16 14.53
N VAL A 254 -18.28 -33.39 13.70
CA VAL A 254 -17.30 -32.35 13.46
C VAL A 254 -17.43 -31.88 12.02
N SER A 255 -16.69 -30.83 11.67
CA SER A 255 -16.82 -30.21 10.39
C SER A 255 -15.61 -30.45 9.54
N LYS A 256 -15.80 -30.30 8.24
CA LYS A 256 -14.71 -30.33 7.31
C LYS A 256 -14.97 -29.24 6.29
N LEU A 257 -14.17 -28.18 6.38
CA LEU A 257 -14.23 -27.11 5.39
C LEU A 257 -13.61 -27.67 4.13
N ILE A 258 -14.28 -27.51 3.01
CA ILE A 258 -13.83 -28.05 1.74
C ILE A 258 -13.55 -26.92 0.74
N GLY A 259 -12.39 -26.97 0.11
CA GLY A 259 -12.05 -26.07 -0.99
C GLY A 259 -12.11 -24.61 -0.61
N ARG A 260 -12.36 -23.77 -1.61
CA ARG A 260 -12.33 -22.31 -1.51
C ARG A 260 -13.58 -21.69 -2.13
N GLY A 261 -13.97 -20.55 -1.60
CA GLY A 261 -15.01 -19.76 -2.20
C GLY A 261 -14.85 -18.34 -1.71
N LEU A 262 -15.62 -17.41 -2.31
CA LEU A 262 -15.61 -16.00 -1.93
C LEU A 262 -16.71 -15.72 -0.91
N GLY A 263 -16.33 -15.21 0.25
CA GLY A 263 -17.27 -14.81 1.29
C GLY A 263 -17.80 -13.41 1.02
N ILE A 264 -19.12 -13.23 1.05
CA ILE A 264 -19.73 -11.92 0.85
C ILE A 264 -20.68 -11.58 1.96
N GLN A 265 -20.49 -10.40 2.54
CA GLN A 265 -21.47 -9.81 3.42
C GLN A 265 -22.26 -8.73 2.69
N SER A 266 -23.56 -8.90 2.59
CA SER A 266 -24.34 -7.96 1.79
C SER A 266 -25.75 -7.84 2.30
N ASP A 267 -26.38 -6.72 1.97
CA ASP A 267 -27.80 -6.42 2.20
C ASP A 267 -28.68 -6.79 1.02
N ALA A 268 -28.04 -7.01 -0.13
CA ALA A 268 -28.75 -7.01 -1.39
C ALA A 268 -29.34 -8.37 -1.75
N PRO A 269 -30.54 -8.35 -2.32
CA PRO A 269 -31.15 -9.60 -2.80
C PRO A 269 -30.38 -10.18 -3.95
N ILE A 270 -30.49 -11.48 -4.05
CA ILE A 270 -29.80 -12.24 -5.07
C ILE A 270 -30.49 -12.06 -6.39
N ASP A 271 -29.74 -11.91 -7.45
CA ASP A 271 -30.30 -12.06 -8.79
C ASP A 271 -29.54 -13.18 -9.46
N ASN A 272 -30.15 -14.34 -9.61
CA ASN A 272 -29.45 -15.47 -10.20
C ASN A 272 -29.45 -15.41 -11.72
N ASN A 273 -29.86 -14.27 -12.26
CA ASN A 273 -29.88 -14.12 -13.70
C ASN A 273 -28.89 -13.06 -14.19
N CYS A 274 -28.10 -12.47 -13.31
CA CYS A 274 -27.04 -11.56 -13.79
C CYS A 274 -25.66 -11.97 -13.24
N GLU A 275 -24.64 -11.59 -13.96
CA GLU A 275 -23.30 -12.03 -13.66
C GLU A 275 -22.49 -10.88 -13.09
N SER A 276 -21.62 -11.16 -12.14
CA SER A 276 -20.67 -10.15 -11.66
C SER A 276 -19.45 -10.77 -11.01
N LYS A 277 -18.40 -9.98 -10.88
CA LYS A 277 -17.15 -10.45 -10.26
C LYS A 277 -16.76 -9.54 -9.11
N CYS A 278 -17.56 -8.53 -8.87
CA CYS A 278 -17.24 -7.54 -7.86
C CYS A 278 -18.41 -7.24 -6.95
N PHE A 279 -18.20 -7.38 -5.64
CA PHE A 279 -19.32 -7.25 -4.71
C PHE A 279 -19.03 -6.31 -3.59
N TRP A 280 -20.09 -5.84 -2.95
CA TRP A 280 -19.97 -5.00 -1.77
C TRP A 280 -21.27 -5.09 -0.96
N ARG A 281 -21.34 -4.35 0.13
CA ARG A 281 -22.50 -4.39 1.02
C ARG A 281 -23.83 -4.21 0.25
N GLY A 282 -23.83 -3.31 -0.73
CA GLY A 282 -25.04 -2.93 -1.46
C GLY A 282 -25.38 -3.76 -2.70
N GLY A 283 -24.50 -4.68 -3.09
CA GLY A 283 -24.76 -5.48 -4.27
C GLY A 283 -23.55 -5.72 -5.14
N SER A 284 -23.67 -5.39 -6.43
CA SER A 284 -22.62 -5.72 -7.38
C SER A 284 -22.15 -4.53 -8.20
N ILE A 285 -20.90 -4.60 -8.64
CA ILE A 285 -20.39 -3.61 -9.55
C ILE A 285 -19.93 -4.27 -10.85
N ASN A 286 -20.61 -3.91 -11.94
CA ASN A 286 -20.28 -4.37 -13.29
C ASN A 286 -19.88 -3.22 -14.17
N THR A 287 -18.58 -3.03 -14.35
CA THR A 287 -18.10 -1.87 -15.09
C THR A 287 -16.76 -2.14 -15.80
N ARG A 288 -16.45 -1.35 -16.82
CA ARG A 288 -15.15 -1.48 -17.44
C ARG A 288 -14.19 -0.38 -16.97
N LEU A 289 -14.68 0.57 -16.19
CA LEU A 289 -13.86 1.66 -15.66
C LEU A 289 -12.91 1.18 -14.55
N PRO A 290 -11.65 1.68 -14.54
CA PRO A 290 -10.61 1.22 -13.60
C PRO A 290 -10.79 1.72 -12.17
N PHE A 291 -11.52 2.83 -11.97
CA PHE A 291 -11.77 3.37 -10.65
C PHE A 291 -13.29 3.37 -10.31
N GLN A 292 -13.61 3.39 -9.02
CA GLN A 292 -14.98 3.59 -8.54
C GLN A 292 -15.00 4.35 -7.23
N ASN A 293 -16.13 4.99 -6.97
CA ASN A 293 -16.30 5.77 -5.76
C ASN A 293 -17.54 5.32 -4.99
N LEU A 294 -18.07 4.14 -5.33
CA LEU A 294 -19.21 3.53 -4.62
C LEU A 294 -18.93 3.12 -3.17
N SER A 295 -17.82 2.42 -2.95
CA SER A 295 -17.50 1.90 -1.63
C SER A 295 -16.04 1.49 -1.45
N PRO A 296 -15.41 1.93 -0.36
CA PRO A 296 -14.01 1.57 -0.09
C PRO A 296 -13.89 0.08 0.31
N ARG A 297 -15.01 -0.62 0.46
CA ARG A 297 -14.98 -2.01 0.90
C ARG A 297 -15.62 -2.90 -0.14
N THR A 298 -14.80 -3.56 -0.95
CA THR A 298 -15.33 -4.47 -1.95
C THR A 298 -14.59 -5.79 -1.84
N VAL A 299 -15.16 -6.83 -2.43
CA VAL A 299 -14.48 -8.08 -2.51
C VAL A 299 -14.61 -8.56 -3.92
N GLY A 300 -13.78 -9.50 -4.34
CA GLY A 300 -13.77 -9.99 -5.71
C GLY A 300 -12.78 -9.23 -6.58
N GLN A 301 -13.08 -9.09 -7.87
CA GLN A 301 -12.18 -8.41 -8.82
C GLN A 301 -12.82 -7.11 -9.20
N CYS A 302 -12.34 -6.03 -8.61
CA CYS A 302 -13.04 -4.78 -8.62
C CYS A 302 -12.21 -3.68 -9.24
N PRO A 303 -12.84 -2.60 -9.69
CA PRO A 303 -12.02 -1.40 -9.92
C PRO A 303 -11.53 -0.89 -8.57
N LYS A 304 -10.60 0.05 -8.57
CA LYS A 304 -10.03 0.55 -7.31
C LYS A 304 -10.81 1.73 -6.74
N TYR A 305 -11.03 1.73 -5.43
CA TYR A 305 -11.74 2.85 -4.83
C TYR A 305 -10.87 4.12 -4.80
N VAL A 306 -11.47 5.23 -5.20
CA VAL A 306 -10.82 6.54 -5.22
C VAL A 306 -11.73 7.59 -4.55
N ASN A 307 -11.13 8.51 -3.81
CA ASN A 307 -11.88 9.57 -3.12
C ASN A 307 -12.38 10.72 -4.02
N ARG A 308 -12.82 10.41 -5.23
CA ARG A 308 -13.24 11.43 -6.18
C ARG A 308 -14.63 11.15 -6.79
N ARG A 309 -15.42 12.20 -6.93
CA ARG A 309 -16.77 12.05 -7.46
C ARG A 309 -16.72 11.83 -8.98
N SER A 310 -15.70 12.41 -9.62
CA SER A 310 -15.60 12.40 -11.06
C SER A 310 -14.18 12.66 -11.57
N LEU A 311 -13.78 11.94 -12.60
CA LEU A 311 -12.48 12.19 -13.24
C LEU A 311 -12.64 12.07 -14.77
N MET A 312 -12.60 13.20 -15.48
CA MET A 312 -12.97 13.15 -16.89
C MET A 312 -11.74 12.97 -17.79
N LEU A 313 -11.83 11.98 -18.68
CA LEU A 313 -10.80 11.71 -19.65
C LEU A 313 -11.19 12.35 -21.00
N ALA A 314 -10.44 13.36 -21.43
CA ALA A 314 -10.72 13.98 -22.73
C ALA A 314 -10.67 12.92 -23.83
N THR A 315 -11.62 12.98 -24.75
CA THR A 315 -11.66 12.08 -25.90
C THR A 315 -11.77 12.95 -27.16
N GLY A 316 -11.30 14.19 -27.05
CA GLY A 316 -11.31 15.06 -28.20
C GLY A 316 -10.39 16.23 -28.01
N MET A 317 -10.31 17.09 -29.01
CA MET A 317 -9.36 18.22 -29.00
C MET A 317 -9.86 19.38 -28.16
N ARG A 318 -9.03 20.42 -28.05
CA ARG A 318 -9.48 21.66 -27.41
C ARG A 318 -10.66 22.21 -28.19
N ASN A 319 -11.68 22.65 -27.48
CA ASN A 319 -12.86 23.20 -28.11
C ASN A 319 -12.79 24.74 -28.14
N VAL A 320 -12.73 25.27 -29.36
CA VAL A 320 -12.67 26.71 -29.54
C VAL A 320 -13.84 27.13 -30.41
N PRO A 321 -14.92 27.64 -29.78
CA PRO A 321 -16.14 27.94 -30.54
C PRO A 321 -16.05 29.27 -31.26
N GLU A 322 -16.95 29.46 -32.22
CA GLU A 322 -17.04 30.67 -33.02
C GLU A 322 -17.60 31.88 -32.25
N LEU B 1 2.94 21.86 -27.24
CA LEU B 1 1.86 22.42 -28.08
C LEU B 1 2.40 22.69 -29.49
N PHE B 2 1.58 22.39 -30.48
CA PHE B 2 2.08 22.42 -31.84
C PHE B 2 1.61 23.65 -32.59
N GLY B 3 1.03 24.58 -31.85
CA GLY B 3 0.79 25.95 -32.27
C GLY B 3 -0.37 26.20 -33.22
N ALA B 4 -1.24 25.22 -33.36
CA ALA B 4 -2.30 25.37 -34.36
C ALA B 4 -3.66 25.47 -33.69
N ILE B 5 -4.20 24.38 -33.17
CA ILE B 5 -5.62 24.32 -32.80
C ILE B 5 -6.13 25.47 -31.89
N ALA B 6 -5.40 25.82 -30.84
CA ALA B 6 -5.80 27.04 -30.14
C ALA B 6 -4.73 28.08 -30.32
N GLY B 7 -4.19 28.16 -31.53
CA GLY B 7 -3.03 29.00 -31.81
C GLY B 7 -3.22 29.91 -33.02
N PHE B 8 -2.57 29.59 -34.12
CA PHE B 8 -2.67 30.45 -35.28
C PHE B 8 -3.98 30.24 -36.02
N LEU B 9 -4.67 29.14 -35.76
CA LEU B 9 -6.05 29.04 -36.28
C LEU B 9 -7.00 29.69 -35.27
N GLU B 10 -7.83 30.61 -35.75
CA GLU B 10 -8.65 31.46 -34.89
C GLU B 10 -9.61 30.66 -34.00
N ASN B 11 -10.25 29.67 -34.59
CA ASN B 11 -11.24 28.90 -33.89
C ASN B 11 -11.62 27.68 -34.69
N GLY B 12 -12.50 26.86 -34.11
CA GLY B 12 -12.96 25.66 -34.74
C GLY B 12 -14.15 25.95 -35.63
N TRP B 13 -14.59 24.93 -36.33
CA TRP B 13 -15.73 25.02 -37.21
C TRP B 13 -16.89 24.16 -36.72
N GLU B 14 -17.85 24.76 -36.02
CA GLU B 14 -19.00 24.03 -35.51
C GLU B 14 -19.78 23.39 -36.67
N GLY B 15 -19.60 23.98 -37.86
CA GLY B 15 -20.28 23.50 -39.06
C GLY B 15 -19.68 22.23 -39.62
N MET B 16 -18.49 21.88 -39.15
CA MET B 16 -17.87 20.68 -39.69
C MET B 16 -18.17 19.46 -38.83
N VAL B 17 -19.32 18.86 -39.09
CA VAL B 17 -19.83 17.72 -38.36
C VAL B 17 -19.36 16.45 -39.05
N ASP B 18 -18.61 16.68 -40.13
CA ASP B 18 -18.13 15.62 -41.00
C ASP B 18 -16.85 14.95 -40.47
N GLY B 19 -16.14 15.64 -39.58
CA GLY B 19 -14.88 15.13 -39.06
C GLY B 19 -14.13 16.11 -38.17
N TRP B 20 -12.96 15.70 -37.71
CA TRP B 20 -12.17 16.50 -36.79
C TRP B 20 -11.40 17.61 -37.50
N TYR B 21 -10.88 17.31 -38.68
CA TYR B 21 -10.13 18.30 -39.43
C TYR B 21 -10.63 18.38 -40.85
N GLY B 22 -10.49 19.54 -41.47
CA GLY B 22 -10.90 19.66 -42.85
C GLY B 22 -10.50 20.93 -43.57
N PHE B 23 -11.06 21.08 -44.77
CA PHE B 23 -10.74 22.20 -45.64
C PHE B 23 -11.95 23.09 -45.92
N ARG B 24 -11.72 24.39 -45.97
CA ARG B 24 -12.68 25.32 -46.56
C ARG B 24 -11.99 26.12 -47.68
N HIS B 25 -12.53 26.02 -48.88
CA HIS B 25 -11.94 26.67 -50.06
C HIS B 25 -12.80 27.79 -50.58
N GLN B 26 -12.16 28.78 -51.20
CA GLN B 26 -12.85 29.78 -51.99
C GLN B 26 -12.22 29.91 -53.37
N ASN B 27 -13.04 29.75 -54.40
CA ASN B 27 -12.61 30.04 -55.77
C ASN B 27 -13.71 30.77 -56.52
N ALA B 28 -13.51 31.05 -57.81
CA ALA B 28 -14.45 31.82 -58.61
C ALA B 28 -15.88 31.28 -58.47
N GLN B 29 -16.00 29.95 -58.53
CA GLN B 29 -17.30 29.30 -58.40
C GLN B 29 -17.75 29.11 -56.96
N GLY B 30 -17.31 30.00 -56.08
CA GLY B 30 -17.87 30.09 -54.74
C GLY B 30 -17.03 29.49 -53.61
N THR B 31 -17.72 29.02 -52.58
CA THR B 31 -17.05 28.46 -51.42
C THR B 31 -17.55 27.04 -51.17
N GLY B 32 -16.82 26.30 -50.35
CA GLY B 32 -17.14 24.91 -50.08
C GLY B 32 -16.34 24.33 -48.93
N GLN B 33 -16.70 23.13 -48.50
CA GLN B 33 -16.08 22.52 -47.32
C GLN B 33 -16.05 21.00 -47.38
N ALA B 34 -14.94 20.44 -46.92
CA ALA B 34 -14.79 18.99 -46.82
C ALA B 34 -13.87 18.65 -45.66
N ALA B 35 -14.23 17.61 -44.93
CA ALA B 35 -13.42 17.16 -43.83
C ALA B 35 -12.42 16.16 -44.39
N ASP B 36 -11.18 16.19 -43.88
CA ASP B 36 -10.16 15.27 -44.32
C ASP B 36 -10.17 14.01 -43.49
N TYR B 37 -10.44 12.89 -44.15
CA TYR B 37 -10.64 11.63 -43.48
C TYR B 37 -9.39 11.01 -42.81
N LYS B 38 -8.25 11.04 -43.48
CA LYS B 38 -7.05 10.37 -42.97
C LYS B 38 -6.67 10.94 -41.62
N SER B 39 -6.51 12.25 -41.56
CA SER B 39 -6.14 12.91 -40.34
C SER B 39 -7.12 12.64 -39.19
N THR B 40 -8.42 12.78 -39.42
CA THR B 40 -9.35 12.64 -38.30
C THR B 40 -9.26 11.22 -37.76
N GLN B 41 -9.08 10.25 -38.65
CA GLN B 41 -8.96 8.85 -38.23
C GLN B 41 -7.64 8.58 -37.54
N ALA B 42 -6.63 9.40 -37.84
CA ALA B 42 -5.34 9.26 -37.18
C ALA B 42 -5.49 9.65 -35.71
N ALA B 43 -6.23 10.72 -35.46
CA ALA B 43 -6.44 11.19 -34.10
C ALA B 43 -7.39 10.28 -33.33
N ILE B 44 -8.46 9.87 -34.00
CA ILE B 44 -9.50 9.08 -33.38
C ILE B 44 -8.96 7.74 -32.97
N ASP B 45 -8.16 7.13 -33.85
CA ASP B 45 -7.54 5.85 -33.56
C ASP B 45 -6.70 5.90 -32.30
N GLN B 46 -6.07 7.05 -32.06
CA GLN B 46 -5.20 7.21 -30.91
C GLN B 46 -6.02 7.36 -29.63
N ILE B 47 -7.14 8.07 -29.74
CA ILE B 47 -8.07 8.19 -28.65
C ILE B 47 -8.53 6.79 -28.24
N THR B 48 -9.07 6.03 -29.19
CA THR B 48 -9.69 4.77 -28.85
C THR B 48 -8.63 3.84 -28.23
N GLY B 49 -7.38 4.08 -28.59
CA GLY B 49 -6.26 3.38 -28.00
C GLY B 49 -6.09 3.65 -26.51
N LYS B 50 -6.18 4.92 -26.13
CA LYS B 50 -6.07 5.30 -24.71
C LYS B 50 -7.18 4.64 -23.92
N LEU B 51 -8.39 4.68 -24.50
CA LEU B 51 -9.60 4.06 -23.95
C LEU B 51 -9.49 2.55 -23.79
N ASN B 52 -8.93 1.87 -24.78
CA ASN B 52 -8.71 0.43 -24.65
C ASN B 52 -7.79 0.09 -23.47
N ARG B 53 -6.68 0.84 -23.34
CA ARG B 53 -5.74 0.71 -22.24
C ARG B 53 -6.42 1.01 -20.89
N LEU B 54 -7.30 1.99 -20.89
CA LEU B 54 -8.01 2.35 -19.67
C LEU B 54 -8.84 1.20 -19.09
N VAL B 55 -9.51 0.43 -19.96
CA VAL B 55 -10.39 -0.64 -19.51
C VAL B 55 -9.76 -2.02 -19.61
N GLU B 56 -8.46 -2.08 -19.87
CA GLU B 56 -7.82 -3.38 -20.07
C GLU B 56 -7.84 -4.16 -18.79
N LYS B 57 -7.76 -3.43 -17.67
CA LYS B 57 -7.30 -4.02 -16.43
C LYS B 57 -8.03 -5.33 -16.12
N THR B 58 -7.20 -6.38 -15.97
CA THR B 58 -7.62 -7.70 -15.54
C THR B 58 -7.16 -7.84 -14.10
N ASN B 59 -8.01 -8.39 -13.25
CA ASN B 59 -7.88 -8.00 -11.87
C ASN B 59 -7.72 -9.14 -10.86
N THR B 60 -7.05 -8.74 -9.78
CA THR B 60 -6.77 -9.60 -8.66
C THR B 60 -8.06 -9.82 -7.83
N GLU B 61 -8.27 -11.03 -7.32
CA GLU B 61 -9.41 -11.31 -6.45
C GLU B 61 -9.04 -10.93 -5.02
N PHE B 62 -9.86 -10.11 -4.37
CA PHE B 62 -9.62 -9.73 -2.99
C PHE B 62 -10.74 -10.31 -2.14
N GLU B 63 -10.43 -10.60 -0.89
CA GLU B 63 -11.43 -11.13 0.01
C GLU B 63 -11.62 -10.08 1.11
N SER B 64 -12.56 -10.31 2.02
CA SER B 64 -12.84 -9.34 3.05
C SER B 64 -11.82 -9.40 4.18
N ILE B 65 -11.36 -8.24 4.66
CA ILE B 65 -10.59 -8.25 5.92
C ILE B 65 -11.27 -7.33 6.90
N GLU B 66 -12.47 -6.88 6.52
CA GLU B 66 -13.27 -6.03 7.38
C GLU B 66 -14.68 -6.57 7.47
N SER B 67 -15.09 -6.97 8.67
CA SER B 67 -16.44 -7.44 8.85
C SER B 67 -17.44 -6.30 8.71
N GLU B 68 -18.42 -6.51 7.85
CA GLU B 68 -19.50 -5.55 7.70
C GLU B 68 -20.48 -5.55 8.86
N PHE B 69 -20.57 -6.68 9.58
CA PHE B 69 -21.70 -6.95 10.47
C PHE B 69 -21.30 -7.31 11.91
N SER B 70 -20.02 -7.27 12.20
CA SER B 70 -19.55 -7.64 13.53
C SER B 70 -18.36 -6.76 13.81
N GLU B 71 -17.99 -6.60 15.07
CA GLU B 71 -16.90 -5.71 15.37
C GLU B 71 -15.54 -6.39 15.18
N ILE B 72 -14.57 -5.60 14.76
CA ILE B 72 -13.22 -6.09 14.49
C ILE B 72 -12.36 -5.64 15.67
N GLU B 73 -11.46 -6.50 16.16
CA GLU B 73 -10.57 -6.09 17.27
C GLU B 73 -9.89 -4.74 16.94
N HIS B 74 -9.82 -3.88 17.94
CA HIS B 74 -9.49 -2.47 17.72
C HIS B 74 -8.13 -2.20 17.05
N GLN B 75 -7.08 -2.84 17.54
CA GLN B 75 -5.74 -2.59 17.03
C GLN B 75 -5.59 -3.07 15.58
N ILE B 76 -5.98 -4.30 15.32
CA ILE B 76 -5.91 -4.83 13.96
C ILE B 76 -6.82 -3.96 13.06
N GLY B 77 -7.95 -3.50 13.57
CA GLY B 77 -8.84 -2.65 12.80
C GLY B 77 -8.18 -1.33 12.43
N ASN B 78 -7.41 -0.82 13.38
CA ASN B 78 -6.70 0.42 13.14
C ASN B 78 -5.57 0.23 12.13
N VAL B 79 -4.93 -0.93 12.14
CA VAL B 79 -3.92 -1.18 11.11
C VAL B 79 -4.54 -1.31 9.71
N ILE B 80 -5.64 -2.03 9.64
CA ILE B 80 -6.41 -2.18 8.41
C ILE B 80 -6.91 -0.83 7.87
N ASN B 81 -7.50 -0.01 8.74
CA ASN B 81 -7.89 1.33 8.33
C ASN B 81 -6.74 2.13 7.73
N TRP B 82 -5.58 2.09 8.40
CA TRP B 82 -4.47 2.91 7.99
C TRP B 82 -3.98 2.43 6.64
N THR B 83 -3.91 1.11 6.46
CA THR B 83 -3.49 0.54 5.19
C THR B 83 -4.44 0.89 4.03
N LYS B 84 -5.74 0.57 4.21
CA LYS B 84 -6.74 0.76 3.17
C LYS B 84 -6.79 2.21 2.75
N ASP B 85 -6.68 3.11 3.72
CA ASP B 85 -6.64 4.55 3.43
C ASP B 85 -5.37 4.95 2.68
N SER B 86 -4.24 4.32 3.02
CA SER B 86 -3.00 4.60 2.33
C SER B 86 -3.09 4.16 0.88
N ILE B 87 -3.67 2.99 0.65
CA ILE B 87 -3.83 2.42 -0.65
C ILE B 87 -4.75 3.34 -1.47
N THR B 88 -5.85 3.75 -0.86
CA THR B 88 -6.79 4.64 -1.52
C THR B 88 -6.16 6.00 -1.86
N ASP B 89 -5.30 6.53 -0.99
CA ASP B 89 -4.62 7.79 -1.33
C ASP B 89 -3.77 7.62 -2.61
N ILE B 90 -3.03 6.52 -2.67
CA ILE B 90 -2.24 6.17 -3.83
C ILE B 90 -3.07 6.07 -5.11
N TRP B 91 -4.16 5.31 -5.08
CA TRP B 91 -5.02 5.20 -6.25
C TRP B 91 -5.63 6.55 -6.64
N THR B 92 -6.16 7.29 -5.67
CA THR B 92 -6.71 8.61 -5.94
C THR B 92 -5.67 9.49 -6.63
N TYR B 93 -4.42 9.39 -6.18
CA TYR B 93 -3.33 10.14 -6.75
C TYR B 93 -3.00 9.65 -8.19
N GLN B 94 -2.99 8.34 -8.38
CA GLN B 94 -2.72 7.79 -9.69
C GLN B 94 -3.84 8.04 -10.71
N ALA B 95 -5.08 8.02 -10.24
CA ALA B 95 -6.20 8.33 -11.08
C ALA B 95 -6.13 9.78 -11.53
N GLU B 96 -5.90 10.69 -10.59
CA GLU B 96 -5.78 12.12 -10.90
C GLU B 96 -4.64 12.35 -11.92
N LEU B 97 -3.48 11.76 -11.66
CA LEU B 97 -2.32 11.94 -12.54
C LEU B 97 -2.51 11.30 -13.93
N LEU B 98 -3.18 10.14 -13.95
CA LEU B 98 -3.49 9.42 -15.19
C LEU B 98 -4.32 10.26 -16.13
N VAL B 99 -5.43 10.74 -15.61
CA VAL B 99 -6.30 11.62 -16.33
C VAL B 99 -5.59 12.92 -16.78
N ALA B 100 -4.85 13.59 -15.88
CA ALA B 100 -4.29 14.90 -16.23
C ALA B 100 -3.21 14.80 -17.29
N MET B 101 -2.36 13.80 -17.17
CA MET B 101 -1.28 13.59 -18.13
C MET B 101 -1.83 13.10 -19.46
N GLU B 102 -2.86 12.27 -19.37
CA GLU B 102 -3.49 11.72 -20.55
C GLU B 102 -4.20 12.83 -21.31
N ASN B 103 -4.76 13.77 -20.55
CA ASN B 103 -5.53 14.83 -21.16
C ASN B 103 -4.58 15.81 -21.81
N GLN B 104 -3.40 15.95 -21.25
CA GLN B 104 -2.40 16.82 -21.86
C GLN B 104 -1.97 16.27 -23.22
N HIS B 105 -1.66 14.98 -23.24
CA HIS B 105 -1.24 14.33 -24.46
C HIS B 105 -2.35 14.31 -25.51
N THR B 106 -3.59 14.08 -25.08
CA THR B 106 -4.71 13.99 -26.02
C THR B 106 -4.93 15.31 -26.77
N ILE B 107 -4.99 16.41 -26.03
CA ILE B 107 -5.07 17.75 -26.62
C ILE B 107 -3.90 18.01 -27.58
N ASP B 108 -2.68 17.82 -27.10
CA ASP B 108 -1.50 18.13 -27.92
C ASP B 108 -1.38 17.19 -29.13
N MET B 109 -1.77 15.93 -28.95
CA MET B 109 -1.82 15.01 -30.08
C MET B 109 -2.77 15.57 -31.15
N ALA B 110 -3.94 16.04 -30.74
CA ALA B 110 -4.92 16.56 -31.70
C ALA B 110 -4.40 17.83 -32.41
N ASP B 111 -3.70 18.68 -31.65
CA ASP B 111 -3.01 19.85 -32.19
C ASP B 111 -2.00 19.41 -33.26
N SER B 112 -1.36 18.27 -33.03
CA SER B 112 -0.36 17.72 -33.92
C SER B 112 -0.89 17.18 -35.25
N GLU B 113 -1.94 16.37 -35.19
CA GLU B 113 -2.56 15.82 -36.39
C GLU B 113 -3.06 16.94 -37.30
N MET B 114 -3.38 18.08 -36.70
CA MET B 114 -3.82 19.25 -37.43
C MET B 114 -2.66 19.98 -38.09
N LEU B 115 -1.56 20.15 -37.36
CA LEU B 115 -0.36 20.74 -37.95
C LEU B 115 0.19 19.86 -39.07
N ASN B 116 0.11 18.55 -38.88
CA ASN B 116 0.56 17.61 -39.90
C ASN B 116 -0.24 17.75 -41.20
N LEU B 117 -1.57 17.88 -41.09
CA LEU B 117 -2.38 18.05 -42.31
C LEU B 117 -1.93 19.34 -43.01
N TYR B 118 -1.99 20.43 -42.27
CA TYR B 118 -1.57 21.73 -42.73
C TYR B 118 -0.25 21.67 -43.50
N GLU B 119 0.78 21.06 -42.90
CA GLU B 119 2.10 20.95 -43.48
C GLU B 119 2.13 20.12 -44.76
N ARG B 120 1.36 19.04 -44.77
CA ARG B 120 1.21 18.25 -45.98
C ARG B 120 0.69 19.13 -47.14
N VAL B 121 -0.30 19.96 -46.85
CA VAL B 121 -0.93 20.76 -47.87
C VAL B 121 0.03 21.87 -48.25
N ARG B 122 0.79 22.37 -47.28
CA ARG B 122 1.80 23.36 -47.57
C ARG B 122 2.90 22.85 -48.52
N LYS B 123 3.45 21.67 -48.26
CA LYS B 123 4.50 21.12 -49.11
C LYS B 123 3.92 20.79 -50.47
N GLN B 124 2.73 20.23 -50.48
CA GLN B 124 2.04 19.88 -51.70
C GLN B 124 1.86 21.08 -52.66
N LEU B 125 1.60 22.26 -52.10
CA LEU B 125 1.37 23.43 -52.91
C LEU B 125 2.67 24.05 -53.41
N ARG B 126 3.78 23.70 -52.76
CA ARG B 126 5.12 24.16 -53.14
C ARG B 126 5.18 25.69 -53.32
N GLN B 127 5.46 26.15 -54.55
CA GLN B 127 5.67 27.58 -54.77
C GLN B 127 4.45 28.24 -55.36
N ASN B 128 3.37 27.48 -55.53
CA ASN B 128 2.13 27.99 -56.10
C ASN B 128 1.25 28.75 -55.13
N ALA B 129 1.71 28.91 -53.88
CA ALA B 129 0.87 29.48 -52.83
C ALA B 129 1.66 30.07 -51.68
N GLU B 130 0.99 30.91 -50.90
CA GLU B 130 1.62 31.52 -49.74
C GLU B 130 0.66 31.40 -48.58
N GLU B 131 1.16 31.63 -47.36
CA GLU B 131 0.34 31.49 -46.18
C GLU B 131 -0.07 32.84 -45.63
N ASP B 132 -1.29 32.98 -45.12
CA ASP B 132 -1.56 34.12 -44.23
C ASP B 132 -1.24 33.65 -42.83
N GLY B 133 -1.27 34.51 -41.84
CA GLY B 133 -0.97 34.02 -40.49
C GLY B 133 -1.96 33.02 -39.88
N LYS B 134 -3.11 32.85 -40.52
CA LYS B 134 -4.30 32.24 -39.91
C LYS B 134 -4.70 30.85 -40.45
N GLY B 135 -3.79 30.14 -41.07
CA GLY B 135 -4.10 28.80 -41.52
C GLY B 135 -4.68 28.65 -42.92
N CYS B 136 -4.66 29.72 -43.73
CA CYS B 136 -5.07 29.56 -45.11
C CYS B 136 -3.91 29.63 -46.09
N PHE B 137 -4.14 29.07 -47.27
CA PHE B 137 -3.20 29.21 -48.37
C PHE B 137 -3.81 30.04 -49.50
N GLU B 138 -3.30 31.25 -49.66
CA GLU B 138 -3.68 32.09 -50.81
C GLU B 138 -3.02 31.49 -52.05
N ILE B 139 -3.83 30.80 -52.87
CA ILE B 139 -3.37 30.13 -54.07
C ILE B 139 -3.26 31.11 -55.23
N TYR B 140 -2.09 31.17 -55.88
CA TYR B 140 -1.82 32.20 -56.91
C TYR B 140 -2.07 31.75 -58.34
N HIS B 141 -3.13 31.00 -58.54
CA HIS B 141 -3.60 30.65 -59.86
C HIS B 141 -5.06 30.32 -59.68
N ALA B 142 -5.82 30.19 -60.77
CA ALA B 142 -7.22 29.83 -60.66
C ALA B 142 -7.32 28.36 -60.28
N CYS B 143 -7.98 28.07 -59.17
CA CYS B 143 -8.08 26.67 -58.78
C CYS B 143 -9.50 26.22 -58.98
N ASP B 144 -9.62 25.19 -59.80
CA ASP B 144 -10.88 24.55 -60.12
C ASP B 144 -11.42 23.77 -58.92
N ASP B 145 -12.74 23.72 -58.75
CA ASP B 145 -13.31 22.75 -57.84
C ASP B 145 -12.68 21.36 -58.06
N SER B 146 -12.40 21.01 -59.31
CA SER B 146 -11.69 19.78 -59.60
C SER B 146 -10.24 19.86 -59.08
N CYS B 147 -9.67 21.06 -59.16
CA CYS B 147 -8.31 21.31 -58.65
C CYS B 147 -8.30 21.34 -57.12
N MET B 148 -9.32 21.95 -56.53
CA MET B 148 -9.47 21.97 -55.07
C MET B 148 -9.53 20.55 -54.53
N GLU B 149 -10.31 19.71 -55.19
CA GLU B 149 -10.39 18.32 -54.75
C GLU B 149 -9.02 17.69 -54.77
N SER B 150 -8.19 18.07 -55.74
CA SER B 150 -6.90 17.39 -55.90
C SER B 150 -5.93 17.82 -54.80
N ILE B 151 -6.20 18.95 -54.17
CA ILE B 151 -5.42 19.37 -53.02
C ILE B 151 -5.77 18.51 -51.80
N ARG B 152 -7.06 18.29 -51.57
CA ARG B 152 -7.51 17.43 -50.48
C ARG B 152 -7.22 15.96 -50.74
N ASN B 153 -7.36 15.57 -52.01
CA ASN B 153 -7.18 14.21 -52.49
C ASN B 153 -5.72 13.82 -52.43
N ASN B 154 -4.90 14.83 -52.18
CA ASN B 154 -3.45 14.73 -52.18
C ASN B 154 -2.88 14.27 -53.52
N THR B 155 -3.52 14.69 -54.61
CA THR B 155 -3.05 14.34 -55.94
C THR B 155 -2.69 15.57 -56.79
N TYR B 156 -2.87 16.76 -56.23
CA TYR B 156 -2.47 18.02 -56.86
C TYR B 156 -1.02 18.07 -57.39
N ASP B 157 -0.86 18.35 -58.69
CA ASP B 157 0.47 18.35 -59.35
C ASP B 157 1.01 19.75 -59.53
N HIS B 158 1.88 20.17 -58.63
CA HIS B 158 2.29 21.57 -58.55
C HIS B 158 2.98 22.10 -59.79
N SER B 159 3.69 21.23 -60.50
CA SER B 159 4.44 21.68 -61.67
C SER B 159 3.47 22.23 -62.72
N GLN B 160 2.30 21.61 -62.81
CA GLN B 160 1.26 21.97 -63.74
C GLN B 160 0.85 23.45 -63.71
N TYR B 161 0.97 24.08 -62.55
CA TYR B 161 0.47 25.45 -62.36
C TYR B 161 1.59 26.44 -62.03
N ARG B 162 2.82 25.93 -61.96
CA ARG B 162 3.92 26.68 -61.38
C ARG B 162 4.21 27.98 -62.13
N GLU B 163 4.34 27.89 -63.45
CA GLU B 163 4.60 29.05 -64.29
C GLU B 163 3.62 30.18 -64.03
N GLU B 164 2.34 29.84 -64.19
CA GLU B 164 1.25 30.75 -63.91
C GLU B 164 1.34 31.31 -62.50
N ALA B 165 1.53 30.41 -61.54
CA ALA B 165 1.54 30.80 -60.14
C ALA B 165 2.66 31.78 -59.82
N LEU B 166 3.83 31.51 -60.38
CA LEU B 166 5.02 32.29 -60.09
C LEU B 166 4.93 33.71 -60.65
N LEU B 167 4.33 33.85 -61.82
CA LEU B 167 4.14 35.18 -62.40
C LEU B 167 3.31 36.02 -61.45
N ASN B 168 2.21 35.43 -61.00
CA ASN B 168 1.26 36.11 -60.12
C ASN B 168 1.83 36.51 -58.79
N ARG B 169 2.73 35.68 -58.26
CA ARG B 169 3.38 35.99 -57.01
C ARG B 169 4.29 37.21 -57.16
N LEU B 170 5.00 37.30 -58.28
CA LEU B 170 5.96 38.38 -58.46
C LEU B 170 5.41 39.65 -59.11
N ASN B 171 4.24 39.58 -59.73
CA ASN B 171 3.61 40.76 -60.35
C ASN B 171 2.39 41.23 -59.56
N ASP C 5 19.62 44.88 -41.96
CA ASP C 5 18.26 44.83 -41.42
C ASP C 5 17.65 43.49 -41.08
N LYS C 6 17.62 43.17 -39.78
CA LYS C 6 17.07 41.88 -39.37
C LYS C 6 16.49 41.96 -37.98
N ILE C 7 15.50 41.09 -37.74
CA ILE C 7 14.91 40.95 -36.43
C ILE C 7 15.20 39.54 -35.91
N CYS C 8 15.50 39.41 -34.63
CA CYS C 8 15.93 38.13 -34.10
C CYS C 8 15.09 37.64 -32.93
N LEU C 9 14.96 36.32 -32.81
CA LEU C 9 14.26 35.76 -31.66
C LEU C 9 15.22 35.05 -30.69
N GLY C 10 14.84 35.07 -29.42
CA GLY C 10 15.67 34.49 -28.37
C GLY C 10 14.93 34.44 -27.06
N HIS C 11 15.49 33.71 -26.11
CA HIS C 11 14.86 33.55 -24.81
C HIS C 11 15.80 34.09 -23.77
N HIS C 12 15.34 34.16 -22.52
CA HIS C 12 16.23 34.67 -21.50
C HIS C 12 17.10 33.55 -20.98
N ALA C 13 17.96 33.90 -20.05
CA ALA C 13 18.90 32.98 -19.45
C ALA C 13 19.37 33.61 -18.16
N VAL C 14 20.11 32.86 -17.34
CA VAL C 14 20.64 33.38 -16.08
C VAL C 14 22.06 32.88 -15.85
N ALA C 15 22.82 33.61 -15.05
CA ALA C 15 24.18 33.19 -14.74
C ALA C 15 24.19 31.92 -13.91
N ASN C 16 23.40 31.92 -12.84
CA ASN C 16 23.31 30.78 -11.95
C ASN C 16 21.94 30.09 -12.05
N GLY C 17 21.89 29.02 -12.86
CA GLY C 17 20.69 28.21 -12.95
C GLY C 17 20.77 26.99 -12.04
N THR C 18 19.67 26.28 -11.92
CA THR C 18 19.60 25.14 -11.00
C THR C 18 19.32 23.83 -11.74
N ILE C 19 19.91 22.74 -11.26
CA ILE C 19 19.75 21.44 -11.88
C ILE C 19 18.48 20.69 -11.41
N VAL C 20 17.80 20.04 -12.36
CA VAL C 20 16.66 19.16 -12.06
C VAL C 20 16.85 17.85 -12.82
N LYS C 21 16.12 16.80 -12.44
CA LYS C 21 16.12 15.57 -13.22
C LYS C 21 14.92 15.53 -14.16
N THR C 22 15.14 14.93 -15.32
CA THR C 22 14.07 14.72 -16.28
C THR C 22 13.99 13.24 -16.59
N LEU C 23 13.15 12.85 -17.54
CA LEU C 23 13.08 11.46 -17.93
C LEU C 23 14.39 11.02 -18.61
N THR C 24 15.05 11.93 -19.31
CA THR C 24 16.25 11.59 -20.08
C THR C 24 17.56 12.11 -19.47
N ASN C 25 17.46 13.01 -18.49
CA ASN C 25 18.67 13.66 -17.96
C ASN C 25 18.61 13.92 -16.45
N GLU C 26 19.53 13.30 -15.72
CA GLU C 26 19.61 13.49 -14.27
C GLU C 26 20.34 14.79 -13.91
N GLN C 27 21.00 15.39 -14.90
CA GLN C 27 21.74 16.64 -14.70
C GLN C 27 21.31 17.69 -15.73
N GLU C 28 20.12 18.24 -15.57
CA GLU C 28 19.57 19.15 -16.56
C GLU C 28 19.43 20.57 -15.99
N GLU C 29 20.11 21.54 -16.59
CA GLU C 29 20.07 22.90 -16.04
C GLU C 29 18.94 23.79 -16.62
N VAL C 30 18.28 24.52 -15.72
CA VAL C 30 17.06 25.26 -16.01
C VAL C 30 17.14 26.63 -15.28
N THR C 31 16.27 27.59 -15.59
CA THR C 31 16.32 28.93 -14.98
C THR C 31 15.88 28.99 -13.50
N ASN C 32 14.59 28.82 -13.18
CA ASN C 32 14.13 28.69 -11.77
C ASN C 32 13.83 27.19 -11.54
N ALA C 33 13.80 26.76 -10.28
CA ALA C 33 13.28 25.46 -9.91
C ALA C 33 12.69 25.64 -8.53
N THR C 34 11.99 24.64 -8.02
CA THR C 34 11.39 24.75 -6.69
C THR C 34 11.23 23.37 -6.05
N GLU C 35 11.46 23.31 -4.74
CA GLU C 35 11.39 22.07 -3.98
C GLU C 35 10.00 21.50 -3.89
N THR C 36 9.90 20.17 -3.87
CA THR C 36 8.62 19.50 -3.68
C THR C 36 8.62 18.67 -2.39
N VAL C 37 9.77 18.58 -1.74
CA VAL C 37 9.91 17.78 -0.53
C VAL C 37 10.22 18.67 0.67
N GLU C 38 9.31 18.69 1.64
CA GLU C 38 9.52 19.49 2.84
C GLU C 38 10.58 18.85 3.70
N SER C 39 11.55 19.63 4.15
CA SER C 39 12.67 19.11 4.91
C SER C 39 12.73 19.74 6.29
N THR C 40 12.06 20.86 6.47
CA THR C 40 12.05 21.52 7.76
C THR C 40 10.68 21.45 8.44
N GLY C 41 10.67 20.87 9.65
CA GLY C 41 9.48 20.86 10.46
C GLY C 41 9.61 21.74 11.69
N ILE C 42 8.48 22.04 12.33
CA ILE C 42 8.47 22.82 13.55
C ILE C 42 8.69 21.94 14.77
N ASN C 43 9.77 22.17 15.55
CA ASN C 43 10.03 21.34 16.73
C ASN C 43 9.15 21.75 17.92
N ARG C 44 7.92 22.13 17.63
CA ARG C 44 6.95 22.43 18.66
C ARG C 44 5.65 21.78 18.26
N LEU C 45 4.74 21.60 19.20
CA LEU C 45 3.39 21.14 18.86
C LEU C 45 2.48 22.34 18.66
N CYS C 46 2.24 22.70 17.40
CA CYS C 46 1.31 23.78 17.08
C CYS C 46 -0.13 23.44 17.43
N MET C 47 -0.66 24.06 18.49
CA MET C 47 -2.01 23.73 18.96
C MET C 47 -3.04 24.87 18.82
N LYS C 48 -2.68 25.95 18.13
CA LYS C 48 -3.64 27.01 17.85
C LYS C 48 -4.85 26.45 17.10
N GLY C 49 -6.06 26.71 17.61
CA GLY C 49 -7.29 26.25 16.96
C GLY C 49 -7.81 24.93 17.52
N ARG C 50 -6.97 24.26 18.29
CA ARG C 50 -7.32 22.96 18.85
C ARG C 50 -7.60 23.05 20.32
N LYS C 51 -8.76 22.55 20.74
CA LYS C 51 -8.96 22.36 22.15
C LYS C 51 -8.18 21.11 22.52
N HIS C 52 -7.03 21.30 23.15
CA HIS C 52 -6.17 20.17 23.44
C HIS C 52 -5.98 19.95 24.92
N LYS C 53 -5.68 18.70 25.27
CA LYS C 53 -5.29 18.33 26.63
C LYS C 53 -3.88 17.78 26.54
N ASP C 54 -2.96 18.38 27.30
CA ASP C 54 -1.60 17.85 27.43
C ASP C 54 -1.52 17.03 28.70
N LEU C 55 -1.34 15.72 28.54
CA LEU C 55 -1.37 14.80 29.66
C LEU C 55 -0.13 14.88 30.58
N GLY C 56 0.92 15.54 30.12
CA GLY C 56 2.12 15.64 30.93
C GLY C 56 2.57 14.25 31.30
N ASN C 57 2.89 14.03 32.57
CA ASN C 57 3.34 12.71 33.04
C ASN C 57 2.19 11.72 33.36
N CYS C 58 0.99 12.03 32.91
CA CYS C 58 -0.15 11.12 33.05
C CYS C 58 -0.33 10.27 31.78
N HIS C 59 -0.23 8.96 31.92
CA HIS C 59 -0.53 8.08 30.80
C HIS C 59 -2.04 7.96 30.54
N PRO C 60 -2.42 7.91 29.26
CA PRO C 60 -3.83 7.74 28.93
C PRO C 60 -4.52 6.65 29.76
N ILE C 61 -3.87 5.52 30.03
CA ILE C 61 -4.55 4.47 30.79
C ILE C 61 -4.89 4.94 32.20
N GLY C 62 -3.99 5.68 32.82
CA GLY C 62 -4.20 6.19 34.16
C GLY C 62 -5.35 7.17 34.28
N MET C 63 -5.76 7.81 33.18
CA MET C 63 -7.01 8.59 33.20
C MET C 63 -8.21 7.72 33.63
N LEU C 64 -8.32 6.51 33.11
CA LEU C 64 -9.49 5.67 33.41
C LEU C 64 -9.48 5.09 34.84
N ILE C 65 -8.29 4.74 35.35
CA ILE C 65 -8.24 4.11 36.66
C ILE C 65 -7.94 5.15 37.75
N GLY C 66 -7.42 6.30 37.35
CA GLY C 66 -7.26 7.41 38.29
C GLY C 66 -5.99 7.32 39.13
N THR C 67 -4.91 6.98 38.49
CA THR C 67 -3.61 7.05 39.11
C THR C 67 -3.32 8.52 39.47
N PRO C 68 -2.63 8.75 40.61
CA PRO C 68 -2.46 10.13 41.12
C PRO C 68 -1.90 11.11 40.12
N ALA C 69 -0.99 10.67 39.26
CA ALA C 69 -0.41 11.55 38.24
C ALA C 69 -1.47 12.15 37.29
N CYS C 70 -2.57 11.44 37.09
CA CYS C 70 -3.69 11.86 36.21
C CYS C 70 -4.87 12.50 36.95
N ASP C 71 -4.68 12.93 38.19
CA ASP C 71 -5.79 13.51 38.92
C ASP C 71 -6.38 14.77 38.24
N LEU C 72 -5.59 15.51 37.47
CA LEU C 72 -6.13 16.63 36.68
C LEU C 72 -6.55 16.20 35.27
N HIS C 73 -6.72 14.89 35.08
CA HIS C 73 -7.07 14.35 33.77
C HIS C 73 -8.06 13.20 33.87
N LEU C 74 -8.89 13.25 34.89
CA LEU C 74 -9.89 12.21 35.12
C LEU C 74 -11.16 12.42 34.26
N THR C 75 -11.44 13.65 33.84
CA THR C 75 -12.55 13.92 32.92
C THR C 75 -12.10 14.98 31.94
N GLY C 76 -12.96 15.31 30.98
CA GLY C 76 -12.68 16.42 30.10
C GLY C 76 -13.12 16.17 28.66
N MET C 77 -12.93 17.19 27.83
CA MET C 77 -13.27 17.18 26.42
C MET C 77 -12.10 17.74 25.64
N TRP C 78 -11.83 17.18 24.48
CA TRP C 78 -10.68 17.63 23.70
C TRP C 78 -10.84 17.15 22.27
N ASP C 79 -10.18 17.82 21.33
CA ASP C 79 -10.10 17.28 19.96
C ASP C 79 -8.67 16.80 19.71
N THR C 80 -7.78 17.13 20.64
CA THR C 80 -6.40 16.69 20.54
C THR C 80 -5.88 16.32 21.92
N LEU C 81 -5.44 15.06 22.03
CA LEU C 81 -4.89 14.50 23.24
C LEU C 81 -3.41 14.29 23.04
N ILE C 82 -2.58 14.88 23.89
CA ILE C 82 -1.12 14.76 23.78
C ILE C 82 -0.57 13.81 24.85
N GLU C 83 0.08 12.72 24.43
CA GLU C 83 0.72 11.80 25.35
C GLU C 83 2.25 11.99 25.36
N ARG C 84 2.87 11.85 26.53
CA ARG C 84 4.28 12.15 26.71
C ARG C 84 5.08 10.92 27.01
N GLU C 85 6.40 10.98 26.85
CA GLU C 85 7.23 9.77 26.75
C GLU C 85 7.26 8.83 27.95
N ASN C 86 7.31 9.34 29.16
CA ASN C 86 7.40 8.35 30.23
C ASN C 86 6.19 8.42 31.13
N ALA C 87 5.06 8.79 30.53
CA ALA C 87 3.85 9.02 31.30
C ALA C 87 3.49 7.83 32.18
N ILE C 88 2.92 8.14 33.34
CA ILE C 88 2.62 7.12 34.36
C ILE C 88 1.21 6.60 34.27
N ALA C 89 1.08 5.28 34.28
CA ALA C 89 -0.22 4.65 34.26
C ALA C 89 -0.51 4.00 35.58
N TYR C 90 0.49 3.26 36.07
CA TYR C 90 0.34 2.40 37.24
C TYR C 90 1.20 2.83 38.40
N CYS C 91 0.58 3.28 39.48
CA CYS C 91 1.35 3.62 40.65
C CYS C 91 1.71 2.32 41.40
N TYR C 92 0.78 1.39 41.38
CA TYR C 92 1.01 0.07 41.93
C TYR C 92 1.48 -0.81 40.81
N PRO C 93 2.47 -1.67 41.06
CA PRO C 93 2.96 -2.50 39.96
C PRO C 93 1.86 -3.39 39.38
N GLY C 94 1.96 -3.65 38.07
CA GLY C 94 1.03 -4.48 37.34
C GLY C 94 0.88 -4.03 35.90
N ALA C 95 -0.04 -4.66 35.16
CA ALA C 95 -0.23 -4.26 33.77
C ALA C 95 -1.69 -4.42 33.35
N THR C 96 -2.01 -3.88 32.18
CA THR C 96 -3.36 -3.99 31.61
C THR C 96 -3.40 -5.01 30.48
N VAL C 97 -4.32 -5.95 30.54
CA VAL C 97 -4.50 -6.85 29.44
C VAL C 97 -5.09 -6.08 28.26
N ASN C 98 -4.63 -6.44 27.06
CA ASN C 98 -4.98 -5.73 25.84
C ASN C 98 -4.74 -4.23 25.96
N VAL C 99 -3.53 -3.82 26.41
CA VAL C 99 -3.28 -2.42 26.75
C VAL C 99 -3.29 -1.49 25.56
N GLU C 100 -2.74 -1.96 24.45
CA GLU C 100 -2.48 -1.03 23.35
C GLU C 100 -3.80 -0.73 22.64
N ALA C 101 -4.68 -1.71 22.60
CA ALA C 101 -6.02 -1.50 22.06
C ALA C 101 -6.69 -0.41 22.88
N LEU C 102 -6.63 -0.53 24.21
CA LEU C 102 -7.26 0.43 25.08
C LEU C 102 -6.62 1.80 24.95
N ARG C 103 -5.29 1.90 25.00
CA ARG C 103 -4.62 3.19 24.84
C ARG C 103 -5.05 3.86 23.53
N GLN C 104 -5.11 3.06 22.45
CA GLN C 104 -5.54 3.60 21.17
C GLN C 104 -6.97 4.11 21.25
N LYS C 105 -7.81 3.41 22.01
CA LYS C 105 -9.21 3.86 22.06
C LYS C 105 -9.27 5.21 22.74
N ILE C 106 -8.43 5.43 23.75
CA ILE C 106 -8.48 6.69 24.49
C ILE C 106 -7.88 7.81 23.62
N MET C 107 -6.81 7.50 22.92
CA MET C 107 -6.12 8.45 22.05
C MET C 107 -6.92 8.76 20.77
N GLU C 108 -8.10 8.16 20.64
CA GLU C 108 -9.00 8.42 19.50
C GLU C 108 -10.23 9.19 19.98
N SER C 109 -10.39 9.25 21.29
CA SER C 109 -11.59 9.87 21.84
C SER C 109 -11.47 11.38 21.80
N GLY C 110 -12.59 12.05 22.01
CA GLY C 110 -12.62 13.49 22.07
C GLY C 110 -12.96 13.93 23.48
N GLY C 111 -12.86 13.01 24.44
CA GLY C 111 -13.11 13.32 25.82
C GLY C 111 -13.54 12.11 26.63
N ILE C 112 -13.70 12.32 27.93
CA ILE C 112 -14.07 11.26 28.88
C ILE C 112 -14.97 11.85 29.96
N ASN C 113 -16.09 11.21 30.24
CA ASN C 113 -16.88 11.52 31.43
C ASN C 113 -16.74 10.34 32.37
N LYS C 114 -17.10 10.51 33.64
CA LYS C 114 -17.04 9.44 34.61
C LYS C 114 -18.39 9.20 35.23
N ILE C 115 -18.71 7.92 35.47
CA ILE C 115 -20.01 7.55 36.00
C ILE C 115 -19.82 6.61 37.15
N SER C 116 -20.32 7.01 38.31
CA SER C 116 -20.25 6.17 39.48
C SER C 116 -20.91 4.84 39.18
N THR C 117 -20.33 3.78 39.74
CA THR C 117 -20.91 2.46 39.66
C THR C 117 -21.93 2.28 40.78
N GLY C 118 -21.84 3.09 41.84
CA GLY C 118 -22.72 2.95 42.98
C GLY C 118 -22.46 1.70 43.81
N PHE C 119 -21.31 1.06 43.61
CA PHE C 119 -21.06 -0.19 44.36
C PHE C 119 -20.99 0.03 45.87
N THR C 120 -21.60 -0.87 46.64
CA THR C 120 -21.53 -0.86 48.09
C THR C 120 -21.14 -2.25 48.59
N TYR C 121 -20.56 -2.30 49.77
CA TYR C 121 -20.06 -3.57 50.29
C TYR C 121 -20.46 -3.73 51.73
N GLY C 122 -20.75 -4.96 52.13
CA GLY C 122 -21.14 -5.21 53.49
C GLY C 122 -20.06 -4.95 54.53
N SER C 123 -20.49 -5.03 55.77
CA SER C 123 -19.70 -4.63 56.92
C SER C 123 -18.36 -5.35 57.02
N SER C 124 -18.32 -6.62 56.67
CA SER C 124 -17.11 -7.41 56.85
C SER C 124 -16.10 -7.15 55.73
N ILE C 125 -16.43 -6.24 54.81
CA ILE C 125 -15.46 -5.78 53.79
C ILE C 125 -14.88 -4.40 54.11
N ASN C 126 -13.55 -4.31 54.10
CA ASN C 126 -12.85 -3.03 54.13
C ASN C 126 -12.59 -2.64 52.68
N SER C 127 -13.22 -1.56 52.24
CA SER C 127 -13.11 -1.15 50.84
C SER C 127 -12.21 0.06 50.69
N ALA C 128 -11.61 0.53 51.77
CA ALA C 128 -10.72 1.70 51.69
C ALA C 128 -9.25 1.33 51.80
N GLY C 129 -8.87 0.18 51.28
CA GLY C 129 -7.47 -0.20 51.31
C GLY C 129 -6.62 0.79 50.55
N THR C 130 -5.39 1.02 51.02
CA THR C 130 -4.48 1.96 50.36
C THR C 130 -3.06 1.37 50.33
N THR C 131 -2.14 2.05 49.67
CA THR C 131 -0.76 1.57 49.55
C THR C 131 0.21 2.74 49.49
N ARG C 132 1.47 2.49 49.88
CA ARG C 132 2.47 3.51 49.79
C ARG C 132 2.93 3.68 48.35
N ALA C 133 2.52 2.79 47.47
CA ALA C 133 2.87 2.94 46.06
C ALA C 133 2.03 3.99 45.34
N CYS C 134 0.90 4.39 45.91
CA CYS C 134 0.02 5.40 45.28
C CYS C 134 -0.29 6.54 46.22
N MET C 135 0.42 7.63 46.06
CA MET C 135 0.36 8.64 47.09
C MET C 135 -0.34 9.89 46.68
N ARG C 136 -1.07 10.46 47.64
CA ARG C 136 -1.67 11.77 47.54
C ARG C 136 -1.36 12.51 48.83
N ASN C 137 -1.01 13.77 48.68
CA ASN C 137 -0.56 14.63 49.75
C ASN C 137 0.65 14.01 50.51
N GLY C 138 1.42 13.21 49.79
CA GLY C 138 2.56 12.55 50.37
C GLY C 138 2.15 11.45 51.33
N GLY C 139 0.93 10.96 51.18
CA GLY C 139 0.44 9.88 52.03
C GLY C 139 -0.10 8.72 51.23
N ASN C 140 -0.32 7.58 51.88
CA ASN C 140 -0.89 6.40 51.21
C ASN C 140 -2.30 6.63 50.68
N SER C 141 -2.51 6.22 49.43
CA SER C 141 -3.76 6.44 48.74
C SER C 141 -3.96 5.25 47.80
N PHE C 142 -4.79 5.41 46.78
CA PHE C 142 -5.05 4.34 45.83
C PHE C 142 -5.59 4.93 44.52
N TYR C 143 -5.81 4.08 43.51
CA TYR C 143 -6.41 4.53 42.27
C TYR C 143 -7.77 5.21 42.55
N ALA C 144 -7.95 6.43 42.06
CA ALA C 144 -9.13 7.21 42.44
C ALA C 144 -10.41 6.52 42.00
N GLU C 145 -10.34 5.78 40.89
CA GLU C 145 -11.54 5.20 40.31
C GLU C 145 -11.77 3.78 40.74
N LEU C 146 -10.92 3.26 41.62
CA LEU C 146 -11.03 1.86 42.03
C LEU C 146 -10.96 1.69 43.53
N LYS C 147 -11.41 0.54 44.01
CA LYS C 147 -11.32 0.24 45.44
C LYS C 147 -10.68 -1.11 45.70
N TRP C 148 -9.73 -1.11 46.62
CA TRP C 148 -9.08 -2.32 47.08
C TRP C 148 -9.90 -2.90 48.20
N LEU C 149 -10.70 -3.91 47.89
CA LEU C 149 -11.53 -4.58 48.89
C LEU C 149 -10.73 -5.64 49.62
N VAL C 150 -10.66 -5.57 50.95
CA VAL C 150 -10.09 -6.66 51.75
C VAL C 150 -11.00 -7.00 52.94
N SER C 151 -10.83 -8.18 53.51
CA SER C 151 -11.54 -8.51 54.76
C SER C 151 -11.26 -7.45 55.81
N LYS C 152 -12.31 -6.87 56.38
CA LYS C 152 -12.13 -5.92 57.47
C LYS C 152 -11.40 -6.58 58.63
N SER C 153 -11.71 -7.84 58.87
CA SER C 153 -11.03 -8.54 59.94
C SER C 153 -9.95 -9.42 59.35
N ALA C 154 -8.72 -9.13 59.70
CA ALA C 154 -7.57 -9.75 59.06
C ALA C 154 -7.61 -11.25 59.19
N GLY C 155 -7.19 -11.93 58.12
CA GLY C 155 -7.12 -13.36 58.10
C GLY C 155 -8.46 -14.03 57.85
N GLN C 156 -9.55 -13.27 57.94
CA GLN C 156 -10.90 -13.82 57.78
C GLN C 156 -11.26 -14.06 56.32
N ASN C 157 -12.13 -15.05 56.07
CA ASN C 157 -12.59 -15.28 54.71
C ASN C 157 -13.42 -14.12 54.17
N PHE C 158 -12.94 -13.55 53.07
CA PHE C 158 -13.62 -12.47 52.38
C PHE C 158 -14.95 -13.01 51.90
N PRO C 159 -16.06 -12.32 52.22
CA PRO C 159 -17.42 -12.80 51.91
C PRO C 159 -17.70 -12.96 50.41
N GLN C 160 -18.62 -13.85 50.06
CA GLN C 160 -19.04 -13.95 48.68
C GLN C 160 -19.86 -12.71 48.37
N THR C 161 -19.49 -11.99 47.32
CA THR C 161 -20.05 -10.67 47.05
C THR C 161 -20.46 -10.53 45.59
N THR C 162 -21.56 -9.83 45.36
CA THR C 162 -22.03 -9.56 44.04
C THR C 162 -22.14 -8.07 43.87
N ASN C 163 -21.68 -7.57 42.74
CA ASN C 163 -21.80 -6.16 42.46
C ASN C 163 -22.19 -6.04 41.02
N THR C 164 -23.17 -5.20 40.73
CA THR C 164 -23.67 -5.08 39.37
C THR C 164 -23.72 -3.64 38.95
N TYR C 165 -23.09 -3.35 37.83
CA TYR C 165 -23.23 -2.02 37.25
C TYR C 165 -24.17 -2.04 36.05
N ARG C 166 -25.04 -1.04 35.97
CA ARG C 166 -26.07 -1.02 34.95
C ARG C 166 -25.93 0.18 34.07
N ASN C 167 -25.67 -0.04 32.80
CA ASN C 167 -25.61 1.08 31.89
C ASN C 167 -27.02 1.57 31.47
N THR C 168 -27.49 2.63 32.14
CA THR C 168 -28.78 3.30 31.91
C THR C 168 -28.69 4.44 30.87
N ASP C 169 -27.47 4.70 30.43
CA ASP C 169 -27.19 5.71 29.44
C ASP C 169 -27.56 5.19 28.06
N THR C 170 -27.27 5.96 27.01
CA THR C 170 -27.53 5.58 25.63
C THR C 170 -26.22 5.39 24.83
N ALA C 171 -25.09 5.58 25.50
CA ALA C 171 -23.81 5.32 24.86
C ALA C 171 -23.13 4.18 25.60
N GLU C 172 -22.17 3.53 24.96
CA GLU C 172 -21.44 2.47 25.63
C GLU C 172 -20.47 3.04 26.68
N HIS C 173 -20.22 2.27 27.74
CA HIS C 173 -19.32 2.68 28.79
C HIS C 173 -18.16 1.69 28.93
N LEU C 174 -16.99 2.23 29.26
CA LEU C 174 -15.75 1.48 29.45
C LEU C 174 -15.55 1.21 30.93
N ILE C 175 -15.63 -0.05 31.35
CA ILE C 175 -15.44 -0.37 32.74
C ILE C 175 -14.11 -1.11 32.95
N MET C 176 -13.41 -0.78 34.04
CA MET C 176 -12.10 -1.37 34.33
C MET C 176 -12.07 -1.85 35.75
N TRP C 177 -11.48 -3.01 35.94
CA TRP C 177 -11.29 -3.56 37.24
C TRP C 177 -9.89 -4.11 37.35
N GLY C 178 -9.50 -4.49 38.56
CA GLY C 178 -8.18 -5.00 38.82
C GLY C 178 -8.29 -6.36 39.44
N ILE C 179 -7.25 -7.15 39.27
CA ILE C 179 -7.13 -8.40 39.99
C ILE C 179 -5.82 -8.34 40.77
N HIS C 180 -5.90 -8.60 42.07
CA HIS C 180 -4.74 -8.50 42.91
C HIS C 180 -4.03 -9.84 42.99
N HIS C 181 -2.77 -9.87 42.58
CA HIS C 181 -1.99 -11.08 42.69
C HIS C 181 -1.03 -10.93 43.85
N PRO C 182 -1.36 -11.55 45.01
CA PRO C 182 -0.58 -11.38 46.23
C PRO C 182 0.87 -11.85 46.10
N SER C 183 1.72 -11.47 47.05
CA SER C 183 3.14 -11.79 46.95
C SER C 183 3.50 -13.09 47.68
N SER C 184 2.60 -13.56 48.53
CA SER C 184 2.85 -14.79 49.27
C SER C 184 1.54 -15.30 49.81
N THR C 185 1.54 -16.56 50.21
CA THR C 185 0.39 -17.20 50.81
C THR C 185 -0.01 -16.50 52.09
N GLN C 186 0.97 -16.05 52.87
CA GLN C 186 0.71 -15.34 54.12
C GLN C 186 -0.11 -14.06 53.85
N GLU C 187 0.39 -13.22 52.97
CA GLU C 187 -0.29 -11.99 52.60
C GLU C 187 -1.69 -12.25 52.07
N LYS C 188 -1.79 -13.22 51.17
CA LYS C 188 -3.08 -13.58 50.58
C LYS C 188 -4.07 -13.94 51.68
N ASN C 189 -3.65 -14.83 52.57
CA ASN C 189 -4.50 -15.25 53.69
C ASN C 189 -4.94 -14.07 54.56
N THR C 190 -4.04 -13.14 54.84
CA THR C 190 -4.36 -11.96 55.63
C THR C 190 -5.43 -11.10 54.96
N LEU C 191 -5.26 -10.86 53.66
CA LEU C 191 -6.15 -9.95 52.96
C LEU C 191 -7.51 -10.58 52.66
N TYR C 192 -7.52 -11.82 52.22
CA TYR C 192 -8.74 -12.38 51.69
C TYR C 192 -9.17 -13.68 52.37
N GLY C 193 -8.29 -14.32 53.13
CA GLY C 193 -8.66 -15.55 53.80
C GLY C 193 -8.03 -16.76 53.13
N THR C 194 -8.22 -17.95 53.73
CA THR C 194 -7.55 -19.15 53.24
C THR C 194 -8.33 -19.84 52.14
N GLN C 195 -9.59 -19.46 51.98
CA GLN C 195 -10.46 -20.00 50.93
C GLN C 195 -9.86 -19.83 49.52
N SER C 196 -10.40 -20.58 48.56
CA SER C 196 -9.98 -20.42 47.18
C SER C 196 -10.61 -19.17 46.60
N LEU C 197 -9.85 -18.44 45.78
CA LEU C 197 -10.30 -17.15 45.31
C LEU C 197 -10.78 -17.25 43.88
N SER C 198 -11.95 -16.68 43.62
CA SER C 198 -12.57 -16.74 42.31
C SER C 198 -13.32 -15.43 42.02
N ILE C 199 -12.91 -14.71 41.00
CA ILE C 199 -13.61 -13.52 40.55
C ILE C 199 -14.24 -13.78 39.19
N SER C 200 -15.57 -13.65 39.08
CA SER C 200 -16.20 -13.78 37.77
C SER C 200 -16.93 -12.51 37.34
N VAL C 201 -16.89 -12.22 36.05
CA VAL C 201 -17.38 -10.93 35.59
C VAL C 201 -18.30 -11.20 34.41
N GLY C 202 -19.56 -10.78 34.52
CA GLY C 202 -20.52 -11.14 33.49
C GLY C 202 -21.45 -10.04 33.08
N SER C 203 -21.51 -9.82 31.77
CA SER C 203 -22.55 -8.97 31.18
C SER C 203 -23.32 -9.80 30.15
N SER C 204 -24.08 -9.14 29.27
CA SER C 204 -24.78 -9.86 28.21
C SER C 204 -23.80 -10.35 27.16
N THR C 205 -22.76 -9.57 26.94
CA THR C 205 -21.83 -9.82 25.87
C THR C 205 -20.47 -10.32 26.37
N TYR C 206 -20.18 -10.10 27.65
CA TYR C 206 -18.86 -10.43 28.18
C TYR C 206 -18.92 -11.46 29.29
N ARG C 207 -18.08 -12.47 29.21
CA ARG C 207 -17.91 -13.36 30.32
C ARG C 207 -16.44 -13.67 30.55
N ASN C 208 -16.00 -13.52 31.78
CA ASN C 208 -14.65 -13.92 32.09
C ASN C 208 -14.53 -14.18 33.58
N ASN C 209 -13.50 -14.91 33.96
CA ASN C 209 -13.26 -15.19 35.37
C ASN C 209 -11.76 -15.23 35.67
N PHE C 210 -11.42 -14.90 36.91
CA PHE C 210 -10.04 -14.60 37.27
C PHE C 210 -9.71 -15.24 38.62
N VAL C 211 -8.48 -15.71 38.75
CA VAL C 211 -8.00 -16.34 39.96
C VAL C 211 -6.67 -15.66 40.35
N PRO C 212 -6.65 -14.96 41.49
CA PRO C 212 -5.42 -14.37 42.02
C PRO C 212 -4.29 -15.39 42.11
N VAL C 213 -3.15 -15.06 41.52
CA VAL C 213 -2.01 -15.97 41.59
C VAL C 213 -0.98 -15.49 42.61
N VAL C 214 -0.81 -16.27 43.67
CA VAL C 214 0.23 -15.97 44.65
C VAL C 214 1.60 -16.39 44.14
N GLY C 215 2.57 -15.51 44.24
CA GLY C 215 3.92 -15.93 43.90
C GLY C 215 5.00 -14.93 44.19
N ALA C 216 6.16 -15.46 44.58
CA ALA C 216 7.36 -14.64 44.71
C ALA C 216 7.64 -13.94 43.38
N ARG C 217 7.82 -12.63 43.45
CA ARG C 217 8.08 -11.78 42.30
C ARG C 217 9.09 -10.71 42.68
N PRO C 218 9.80 -10.15 41.70
CA PRO C 218 10.69 -9.04 42.03
C PRO C 218 9.92 -7.87 42.62
N GLN C 219 10.54 -7.13 43.54
CA GLN C 219 9.90 -5.98 44.13
C GLN C 219 9.91 -4.85 43.14
N VAL C 220 8.74 -4.29 42.88
CA VAL C 220 8.62 -3.06 42.10
C VAL C 220 8.03 -2.08 43.10
N ASN C 221 8.78 -1.01 43.41
CA ASN C 221 8.38 -0.10 44.49
C ASN C 221 8.31 -0.84 45.83
N GLY C 222 9.21 -1.80 46.04
CA GLY C 222 9.21 -2.58 47.26
C GLY C 222 8.00 -3.50 47.39
N LEU C 223 7.36 -3.79 46.26
CA LEU C 223 6.12 -4.58 46.21
C LEU C 223 6.17 -5.72 45.20
N SER C 224 6.00 -6.95 45.68
CA SER C 224 6.01 -8.13 44.80
C SER C 224 4.60 -8.52 44.35
N SER C 225 3.58 -7.95 45.02
CA SER C 225 2.23 -8.03 44.52
C SER C 225 2.13 -7.34 43.19
N ARG C 226 1.10 -7.72 42.44
CA ARG C 226 0.73 -7.05 41.20
C ARG C 226 -0.74 -6.81 41.24
N ILE C 227 -1.19 -5.70 40.68
CA ILE C 227 -2.59 -5.55 40.37
C ILE C 227 -2.65 -5.47 38.86
N ASP C 228 -3.24 -6.46 38.23
CA ASP C 228 -3.36 -6.41 36.78
C ASP C 228 -4.75 -5.91 36.42
N PHE C 229 -4.85 -5.18 35.33
CA PHE C 229 -6.12 -4.54 35.00
C PHE C 229 -6.82 -5.18 33.81
N HIS C 230 -8.14 -5.11 33.82
CA HIS C 230 -8.95 -5.72 32.78
C HIS C 230 -10.07 -4.75 32.39
N TRP C 231 -10.60 -4.87 31.17
CA TRP C 231 -11.60 -3.92 30.73
C TRP C 231 -12.53 -4.44 29.64
N THR C 232 -13.72 -3.84 29.59
CA THR C 232 -14.72 -4.21 28.61
C THR C 232 -15.71 -3.07 28.45
N LEU C 233 -16.30 -3.00 27.27
CA LEU C 233 -17.31 -2.02 26.96
C LEU C 233 -18.68 -2.57 27.39
N VAL C 234 -19.47 -1.77 28.09
CA VAL C 234 -20.82 -2.19 28.52
C VAL C 234 -21.89 -1.42 27.73
N GLN C 235 -22.66 -2.11 26.88
CA GLN C 235 -23.60 -1.43 25.97
C GLN C 235 -24.81 -0.78 26.68
N PRO C 236 -25.47 0.19 26.04
CA PRO C 236 -26.65 0.80 26.68
C PRO C 236 -27.71 -0.23 27.06
N GLY C 237 -28.19 -0.14 28.29
CA GLY C 237 -29.27 -0.99 28.76
C GLY C 237 -28.81 -2.33 29.28
N ASP C 238 -27.51 -2.56 29.28
CA ASP C 238 -26.93 -3.82 29.73
C ASP C 238 -26.28 -3.65 31.10
N ASN C 239 -26.11 -4.76 31.78
CA ASN C 239 -25.51 -4.77 33.09
C ASN C 239 -24.29 -5.68 33.10
N ILE C 240 -23.34 -5.37 33.97
CA ILE C 240 -22.20 -6.24 34.10
C ILE C 240 -22.09 -6.56 35.57
N THR C 241 -21.97 -7.84 35.87
CA THR C 241 -22.02 -8.28 37.24
C THR C 241 -20.72 -8.94 37.69
N PHE C 242 -20.19 -8.42 38.78
CA PHE C 242 -19.01 -8.94 39.40
C PHE C 242 -19.37 -9.89 40.55
N SER C 243 -19.06 -11.18 40.38
CA SER C 243 -19.14 -12.15 41.48
C SER C 243 -17.75 -12.48 41.98
N HIS C 244 -17.52 -12.30 43.27
CA HIS C 244 -16.14 -12.30 43.75
C HIS C 244 -16.01 -12.59 45.24
N ASN C 245 -14.90 -13.20 45.62
CA ASN C 245 -14.68 -13.52 47.03
C ASN C 245 -13.24 -13.25 47.47
N GLY C 246 -12.64 -12.22 46.90
CA GLY C 246 -11.31 -11.82 47.31
C GLY C 246 -10.44 -11.65 46.08
N GLY C 247 -9.85 -10.48 45.95
CA GLY C 247 -8.90 -10.24 44.88
C GLY C 247 -9.37 -9.21 43.89
N LEU C 248 -10.66 -8.90 43.90
CA LEU C 248 -11.18 -7.89 42.99
C LEU C 248 -10.72 -6.51 43.46
N ILE C 249 -10.18 -5.73 42.53
CA ILE C 249 -9.99 -4.30 42.72
C ILE C 249 -11.18 -3.70 41.96
N ALA C 250 -12.22 -3.34 42.70
CA ALA C 250 -13.51 -3.02 42.10
C ALA C 250 -13.65 -1.59 41.61
N PRO C 251 -14.23 -1.41 40.43
CA PRO C 251 -14.49 -0.06 39.90
C PRO C 251 -15.47 0.72 40.77
N SER C 252 -15.18 1.99 41.04
CA SER C 252 -16.09 2.88 41.75
C SER C 252 -16.66 3.88 40.77
N ARG C 253 -15.96 4.09 39.67
CA ARG C 253 -16.54 4.80 38.55
C ARG C 253 -16.16 4.07 37.27
N VAL C 254 -16.96 4.27 36.23
CA VAL C 254 -16.57 3.79 34.92
C VAL C 254 -16.40 5.00 34.06
N SER C 255 -15.91 4.79 32.83
CA SER C 255 -15.61 5.89 31.97
C SER C 255 -16.53 5.86 30.77
N LYS C 256 -16.79 7.01 30.18
CA LYS C 256 -17.51 7.09 28.93
C LYS C 256 -16.61 7.84 27.97
N LEU C 257 -16.25 7.24 26.84
CA LEU C 257 -15.40 7.94 25.89
C LEU C 257 -16.28 8.69 24.87
N ILE C 258 -15.98 9.96 24.65
CA ILE C 258 -16.88 10.84 23.94
C ILE C 258 -16.29 11.40 22.64
N GLY C 259 -17.00 11.17 21.53
CA GLY C 259 -16.66 11.77 20.27
C GLY C 259 -15.27 11.41 19.80
N ARG C 260 -14.64 12.32 19.07
CA ARG C 260 -13.42 11.98 18.41
C ARG C 260 -12.41 13.07 18.57
N GLY C 261 -11.14 12.66 18.65
CA GLY C 261 -10.02 13.58 18.64
C GLY C 261 -8.79 12.91 18.07
N LEU C 262 -7.76 13.71 17.78
CA LEU C 262 -6.51 13.16 17.28
C LEU C 262 -5.51 12.94 18.43
N GLY C 263 -4.90 11.74 18.45
CA GLY C 263 -3.92 11.40 19.46
C GLY C 263 -2.51 11.66 18.98
N ILE C 264 -1.75 12.44 19.74
CA ILE C 264 -0.35 12.68 19.43
C ILE C 264 0.58 12.15 20.54
N GLN C 265 1.60 11.39 20.14
CA GLN C 265 2.71 11.02 21.02
C GLN C 265 3.92 11.84 20.69
N SER C 266 4.28 12.77 21.55
CA SER C 266 5.41 13.61 21.24
C SER C 266 5.87 14.36 22.45
N ASP C 267 7.17 14.56 22.58
CA ASP C 267 7.72 15.38 23.66
C ASP C 267 7.97 16.86 23.28
N ALA C 268 7.59 17.26 22.07
CA ALA C 268 7.76 18.65 21.64
C ALA C 268 6.88 19.54 22.48
N PRO C 269 7.37 20.75 22.82
CA PRO C 269 6.58 21.69 23.62
C PRO C 269 5.41 22.25 22.84
N ILE C 270 4.30 22.45 23.55
CA ILE C 270 3.14 23.07 22.95
C ILE C 270 3.45 24.52 22.58
N ASP C 271 2.82 24.97 21.49
CA ASP C 271 2.88 26.33 21.03
C ASP C 271 1.49 26.69 20.56
N ASN C 272 0.84 27.61 21.26
CA ASN C 272 -0.53 27.97 20.93
C ASN C 272 -0.66 29.04 19.86
N ASN C 273 0.45 29.46 19.27
CA ASN C 273 0.43 30.59 18.35
C ASN C 273 0.49 30.17 16.89
N CYS C 274 0.78 28.91 16.65
CA CYS C 274 0.74 28.40 15.29
C CYS C 274 -0.20 27.20 15.21
N GLU C 275 -0.84 27.04 14.06
CA GLU C 275 -1.69 25.89 13.88
C GLU C 275 -0.99 24.92 12.93
N SER C 276 -1.49 23.69 12.92
CA SER C 276 -0.93 22.66 12.06
C SER C 276 -1.97 21.57 11.95
N LYS C 277 -1.79 20.68 10.99
CA LYS C 277 -2.71 19.57 10.86
C LYS C 277 -1.92 18.28 10.78
N CYS C 278 -0.60 18.39 10.92
CA CYS C 278 0.31 17.26 10.75
C CYS C 278 1.39 17.21 11.83
N PHE C 279 1.52 16.07 12.51
CA PHE C 279 2.38 15.98 13.68
C PHE C 279 3.19 14.71 13.68
N TRP C 280 4.32 14.74 14.39
CA TRP C 280 5.15 13.56 14.58
C TRP C 280 5.82 13.69 15.93
N ARG C 281 6.63 12.70 16.32
CA ARG C 281 7.32 12.72 17.59
C ARG C 281 8.07 14.03 17.83
N GLY C 282 8.72 14.56 16.79
CA GLY C 282 9.55 15.73 16.92
C GLY C 282 8.85 17.08 16.73
N GLY C 283 7.53 17.06 16.54
CA GLY C 283 6.81 18.32 16.46
C GLY C 283 5.71 18.33 15.44
N SER C 284 5.61 19.46 14.71
CA SER C 284 4.60 19.65 13.68
C SER C 284 5.25 19.85 12.30
N ILE C 285 4.42 19.76 11.27
CA ILE C 285 4.87 19.99 9.90
C ILE C 285 3.89 20.89 9.17
N ASN C 286 4.35 22.02 8.68
CA ASN C 286 3.48 22.96 7.95
C ASN C 286 4.02 23.29 6.57
N THR C 287 3.34 22.85 5.52
CA THR C 287 3.93 22.94 4.20
C THR C 287 2.90 22.65 3.13
N ARG C 288 3.03 23.34 1.98
CA ARG C 288 2.10 23.16 0.88
C ARG C 288 2.52 21.95 0.05
N LEU C 289 3.77 21.56 0.22
CA LEU C 289 4.36 20.47 -0.55
C LEU C 289 3.65 19.14 -0.29
N PRO C 290 3.55 18.30 -1.34
CA PRO C 290 2.91 16.98 -1.23
C PRO C 290 3.78 15.93 -0.55
N PHE C 291 5.10 16.16 -0.48
CA PHE C 291 6.02 15.16 0.08
C PHE C 291 6.87 15.74 1.21
N GLN C 292 7.34 14.89 2.12
CA GLN C 292 8.18 15.35 3.22
C GLN C 292 9.18 14.27 3.56
N ASN C 293 10.32 14.64 4.14
CA ASN C 293 11.30 13.63 4.53
C ASN C 293 11.68 13.69 6.03
N LEU C 294 10.92 14.45 6.81
CA LEU C 294 11.12 14.57 8.25
C LEU C 294 10.97 13.25 9.02
N SER C 295 9.80 12.62 8.90
CA SER C 295 9.57 11.35 9.58
C SER C 295 8.61 10.45 8.82
N PRO C 296 8.88 9.14 8.85
CA PRO C 296 7.97 8.14 8.29
C PRO C 296 6.72 7.91 9.13
N ARG C 297 6.63 8.54 10.30
CA ARG C 297 5.53 8.25 11.24
C ARG C 297 4.84 9.53 11.65
N THR C 298 3.70 9.81 11.04
CA THR C 298 3.04 11.07 11.30
C THR C 298 1.58 10.81 11.62
N VAL C 299 0.92 11.78 12.23
CA VAL C 299 -0.53 11.71 12.45
C VAL C 299 -1.18 12.98 11.93
N GLY C 300 -2.45 12.88 11.58
CA GLY C 300 -3.18 14.02 11.07
C GLY C 300 -3.22 14.00 9.56
N GLN C 301 -3.29 15.20 8.96
CA GLN C 301 -3.34 15.38 7.51
C GLN C 301 -1.95 15.85 7.01
N CYS C 302 -1.19 14.92 6.43
CA CYS C 302 0.25 15.14 6.18
C CYS C 302 0.68 14.99 4.75
N PRO C 303 1.78 15.66 4.40
CA PRO C 303 2.44 15.32 3.13
C PRO C 303 2.94 13.88 3.18
N LYS C 304 2.99 13.18 2.06
CA LYS C 304 3.44 11.80 2.06
C LYS C 304 4.94 11.71 2.33
N TYR C 305 5.36 10.80 3.20
CA TYR C 305 6.79 10.67 3.50
C TYR C 305 7.54 10.06 2.31
N VAL C 306 8.68 10.63 1.94
CA VAL C 306 9.49 10.01 0.89
C VAL C 306 10.96 9.92 1.30
N ASN C 307 11.59 8.81 0.89
CA ASN C 307 13.03 8.58 1.06
C ASN C 307 13.95 9.42 0.15
N ARG C 308 13.68 10.71 0.01
CA ARG C 308 14.54 11.58 -0.79
C ARG C 308 14.73 12.89 -0.09
N ARG C 309 15.97 13.37 -0.11
CA ARG C 309 16.34 14.64 0.52
C ARG C 309 15.82 15.82 -0.30
N SER C 310 15.77 15.63 -1.62
CA SER C 310 15.39 16.72 -2.51
C SER C 310 14.85 16.28 -3.87
N LEU C 311 13.74 16.89 -4.27
CA LEU C 311 13.22 16.67 -5.60
C LEU C 311 12.84 18.01 -6.22
N MET C 312 13.68 18.51 -7.13
CA MET C 312 13.45 19.82 -7.71
C MET C 312 12.53 19.74 -8.92
N LEU C 313 11.47 20.56 -8.88
CA LEU C 313 10.52 20.70 -9.97
C LEU C 313 10.84 21.94 -10.82
N ALA C 314 11.34 21.70 -12.04
CA ALA C 314 11.64 22.77 -12.98
C ALA C 314 10.47 23.75 -13.09
N THR C 315 10.73 25.02 -12.81
CA THR C 315 9.70 26.03 -12.94
C THR C 315 10.17 27.11 -13.92
N GLY C 316 11.01 26.68 -14.87
CA GLY C 316 11.50 27.54 -15.93
C GLY C 316 11.98 26.73 -17.12
N MET C 317 12.50 27.43 -18.14
CA MET C 317 12.95 26.77 -19.35
C MET C 317 14.39 26.28 -19.22
N ARG C 318 14.88 25.57 -20.22
CA ARG C 318 16.28 25.14 -20.27
C ARG C 318 17.23 26.33 -20.14
N ASN C 319 18.30 26.16 -19.38
CA ASN C 319 19.30 27.23 -19.23
C ASN C 319 20.45 27.08 -20.23
N VAL C 320 20.52 28.01 -21.17
CA VAL C 320 21.56 28.03 -22.19
C VAL C 320 22.30 29.36 -22.18
N PRO C 321 23.27 29.52 -21.27
CA PRO C 321 23.93 30.82 -21.10
C PRO C 321 24.94 31.13 -22.20
N GLU C 322 25.53 32.32 -22.17
CA GLU C 322 26.51 32.74 -23.17
C GLU C 322 27.88 32.09 -22.97
N LEU C 323 28.53 31.74 -24.08
CA LEU C 323 29.90 31.22 -24.08
C LEU C 323 30.94 32.31 -23.83
N LEU D 1 10.83 17.32 -28.19
CA LEU D 1 11.52 18.62 -28.31
C LEU D 1 11.22 19.34 -29.63
N PHE D 2 11.12 20.67 -29.54
CA PHE D 2 10.84 21.54 -30.66
C PHE D 2 12.17 22.15 -31.05
N GLY D 3 12.30 22.70 -32.22
CA GLY D 3 13.67 22.93 -32.70
C GLY D 3 14.57 23.97 -32.02
N ALA D 4 14.00 24.82 -31.18
CA ALA D 4 14.61 26.12 -30.88
C ALA D 4 15.49 26.17 -29.63
N ILE D 5 14.88 26.12 -28.44
CA ILE D 5 15.67 26.30 -27.22
C ILE D 5 16.67 25.16 -27.05
N ALA D 6 17.93 25.54 -26.84
CA ALA D 6 19.10 24.66 -26.94
C ALA D 6 19.14 23.98 -28.31
N GLY D 7 18.58 24.64 -29.32
CA GLY D 7 18.47 24.05 -30.65
C GLY D 7 19.10 24.95 -31.70
N PHE D 8 18.31 25.44 -32.65
CA PHE D 8 18.89 26.31 -33.68
C PHE D 8 19.13 27.71 -33.14
N LEU D 9 18.61 27.97 -31.96
CA LEU D 9 19.03 29.12 -31.17
C LEU D 9 20.26 28.72 -30.36
N GLU D 10 21.41 29.29 -30.68
CA GLU D 10 22.68 28.89 -30.04
C GLU D 10 22.61 29.05 -28.52
N ASN D 11 21.94 30.10 -28.07
CA ASN D 11 21.92 30.40 -26.65
C ASN D 11 20.85 31.42 -26.25
N GLY D 12 20.76 31.65 -24.95
CA GLY D 12 19.77 32.55 -24.39
C GLY D 12 20.37 33.88 -23.98
N TRP D 13 19.49 34.85 -23.77
CA TRP D 13 19.90 36.22 -23.49
C TRP D 13 19.80 36.54 -22.02
N GLU D 14 20.93 36.47 -21.33
CA GLU D 14 20.98 36.82 -19.92
C GLU D 14 20.60 38.27 -19.77
N GLY D 15 20.85 39.04 -20.84
CA GLY D 15 20.51 40.44 -20.87
C GLY D 15 19.03 40.74 -20.89
N MET D 16 18.19 39.75 -21.22
CA MET D 16 16.75 39.97 -21.24
C MET D 16 16.15 39.67 -19.87
N VAL D 17 15.17 40.46 -19.44
CA VAL D 17 14.69 40.35 -18.07
C VAL D 17 13.20 40.65 -17.91
N ASP D 18 12.61 41.25 -18.94
CA ASP D 18 11.19 41.59 -18.88
C ASP D 18 10.34 40.51 -19.55
N GLY D 19 10.88 39.30 -19.63
CA GLY D 19 10.15 38.21 -20.26
C GLY D 19 11.02 37.00 -20.51
N TRP D 20 10.37 35.92 -20.91
CA TRP D 20 11.03 34.67 -21.20
C TRP D 20 11.45 34.62 -22.66
N TYR D 21 10.62 35.22 -23.48
CA TYR D 21 10.84 35.26 -24.91
C TYR D 21 10.83 36.69 -25.41
N GLY D 22 11.71 37.00 -26.36
CA GLY D 22 11.78 38.35 -26.86
C GLY D 22 12.43 38.53 -28.22
N PHE D 23 12.36 39.76 -28.71
CA PHE D 23 12.94 40.16 -29.99
C PHE D 23 14.19 40.98 -29.81
N ARG D 24 15.18 40.75 -30.66
CA ARG D 24 16.28 41.70 -30.82
C ARG D 24 16.33 42.07 -32.30
N HIS D 25 16.51 43.36 -32.59
CA HIS D 25 16.61 43.79 -33.98
C HIS D 25 17.76 44.77 -34.20
N GLN D 26 18.17 44.87 -35.45
CA GLN D 26 19.15 45.86 -35.88
C GLN D 26 18.69 46.49 -37.20
N ASN D 27 18.55 47.81 -37.19
CA ASN D 27 18.24 48.56 -38.41
C ASN D 27 19.18 49.77 -38.54
N ALA D 28 18.78 50.77 -39.31
CA ALA D 28 19.60 51.96 -39.55
C ALA D 28 19.91 52.74 -38.26
N GLN D 29 18.86 52.98 -37.47
CA GLN D 29 18.93 53.80 -36.27
C GLN D 29 19.68 53.12 -35.11
N GLY D 30 20.07 51.87 -35.29
CA GLY D 30 20.72 51.11 -34.24
C GLY D 30 20.01 49.82 -33.85
N THR D 31 20.36 49.31 -32.68
CA THR D 31 19.84 48.03 -32.20
C THR D 31 18.64 48.20 -31.26
N GLY D 32 18.06 47.07 -30.84
CA GLY D 32 16.93 47.10 -29.93
C GLY D 32 16.54 45.74 -29.37
N GLN D 33 15.99 45.71 -28.16
CA GLN D 33 15.57 44.46 -27.50
C GLN D 33 14.26 44.63 -26.72
N ALA D 34 13.26 43.84 -27.09
CA ALA D 34 11.94 43.95 -26.48
C ALA D 34 11.34 42.59 -26.19
N ALA D 35 11.03 42.31 -24.93
CA ALA D 35 10.43 41.03 -24.55
C ALA D 35 9.02 40.90 -25.08
N ASP D 36 8.62 39.69 -25.44
CA ASP D 36 7.26 39.42 -25.88
C ASP D 36 6.40 38.93 -24.71
N TYR D 37 5.38 39.73 -24.38
CA TYR D 37 4.56 39.49 -23.18
C TYR D 37 3.62 38.33 -23.36
N LYS D 38 3.09 38.22 -24.56
CA LYS D 38 2.14 37.18 -24.89
C LYS D 38 2.74 35.78 -24.70
N SER D 39 3.90 35.54 -25.31
CA SER D 39 4.54 34.23 -25.23
C SER D 39 5.09 33.95 -23.83
N THR D 40 5.58 34.98 -23.16
CA THR D 40 6.12 34.85 -21.82
C THR D 40 5.00 34.40 -20.89
N GLN D 41 3.79 34.93 -21.11
CA GLN D 41 2.63 34.55 -20.30
C GLN D 41 2.14 33.14 -20.59
N ALA D 42 2.15 32.76 -21.86
CA ALA D 42 1.77 31.41 -22.25
C ALA D 42 2.57 30.34 -21.49
N ALA D 43 3.84 30.63 -21.23
CA ALA D 43 4.71 29.68 -20.55
C ALA D 43 4.46 29.72 -19.06
N ILE D 44 4.62 30.92 -18.48
CA ILE D 44 4.45 31.12 -17.05
C ILE D 44 3.09 30.60 -16.55
N ASP D 45 2.01 30.94 -17.25
CA ASP D 45 0.68 30.44 -16.90
C ASP D 45 0.63 28.92 -16.86
N GLN D 46 1.32 28.27 -17.78
CA GLN D 46 1.31 26.81 -17.81
C GLN D 46 2.11 26.27 -16.63
N ILE D 47 3.17 26.99 -16.25
CA ILE D 47 3.96 26.61 -15.10
C ILE D 47 3.13 26.73 -13.83
N THR D 48 2.41 27.84 -13.68
CA THR D 48 1.63 28.04 -12.46
C THR D 48 0.56 26.97 -12.35
N GLY D 49 0.07 26.48 -13.47
CA GLY D 49 -0.86 25.37 -13.47
C GLY D 49 -0.30 24.09 -12.85
N LYS D 50 0.96 23.79 -13.18
CA LYS D 50 1.66 22.64 -12.59
C LYS D 50 1.80 22.80 -11.09
N LEU D 51 2.22 24.00 -10.66
CA LEU D 51 2.45 24.29 -9.25
C LEU D 51 1.15 24.20 -8.46
N ASN D 52 0.07 24.66 -9.07
CA ASN D 52 -1.26 24.57 -8.49
C ASN D 52 -1.66 23.15 -8.21
N ARG D 53 -1.44 22.29 -9.19
CA ARG D 53 -1.83 20.90 -9.08
C ARG D 53 -0.97 20.22 -8.03
N LEU D 54 0.24 20.73 -7.89
CA LEU D 54 1.19 20.20 -6.91
C LEU D 54 0.67 20.40 -5.48
N VAL D 55 0.27 21.63 -5.15
CA VAL D 55 -0.19 21.92 -3.80
C VAL D 55 -1.67 21.60 -3.54
N GLU D 56 -2.43 21.24 -4.57
CA GLU D 56 -3.77 20.74 -4.34
C GLU D 56 -3.65 19.54 -3.42
N LYS D 57 -4.04 19.73 -2.16
CA LYS D 57 -3.86 18.72 -1.13
C LYS D 57 -5.15 17.94 -0.81
N THR D 58 -5.11 16.63 -0.99
CA THR D 58 -6.21 15.75 -0.56
C THR D 58 -5.96 15.43 0.91
N ASN D 59 -7.01 15.52 1.71
CA ASN D 59 -6.82 15.59 3.16
C ASN D 59 -7.24 14.36 3.95
N THR D 60 -6.63 13.21 3.65
CA THR D 60 -6.93 12.01 4.41
C THR D 60 -6.32 12.16 5.80
N GLU D 61 -7.16 12.00 6.82
CA GLU D 61 -6.67 12.13 8.18
C GLU D 61 -6.16 10.76 8.65
N PHE D 62 -4.93 10.72 9.12
CA PHE D 62 -4.40 9.47 9.63
C PHE D 62 -4.17 9.52 11.12
N GLU D 63 -4.38 8.38 11.77
CA GLU D 63 -4.05 8.22 13.18
C GLU D 63 -2.84 7.33 13.38
N SER D 64 -2.38 7.21 14.62
CA SER D 64 -1.20 6.38 14.90
C SER D 64 -1.55 4.89 14.96
N ILE D 65 -0.73 4.06 14.31
CA ILE D 65 -0.83 2.62 14.47
C ILE D 65 0.51 2.05 15.02
N GLU D 66 1.40 2.93 15.48
CA GLU D 66 2.72 2.55 15.91
C GLU D 66 3.02 3.37 17.13
N SER D 67 2.95 2.76 18.31
CA SER D 67 3.20 3.52 19.52
C SER D 67 4.65 3.97 19.57
N GLU D 68 4.83 5.22 19.93
CA GLU D 68 6.13 5.84 19.98
C GLU D 68 6.84 5.51 21.30
N PHE D 69 6.06 5.31 22.35
CA PHE D 69 6.55 5.28 23.71
C PHE D 69 6.36 3.94 24.41
N SER D 70 5.75 2.97 23.73
CA SER D 70 5.63 1.64 24.33
C SER D 70 5.91 0.57 23.29
N GLU D 71 5.98 -0.66 23.78
CA GLU D 71 6.35 -1.81 22.98
C GLU D 71 5.18 -2.19 22.10
N ILE D 72 5.49 -2.52 20.85
CA ILE D 72 4.50 -2.97 19.89
C ILE D 72 4.65 -4.48 19.79
N GLU D 73 3.54 -5.22 19.82
CA GLU D 73 3.61 -6.68 19.70
C GLU D 73 4.41 -7.01 18.44
N HIS D 74 5.30 -7.99 18.53
CA HIS D 74 6.34 -8.14 17.53
C HIS D 74 5.85 -8.52 16.12
N GLN D 75 4.91 -9.45 16.03
CA GLN D 75 4.45 -9.87 14.72
C GLN D 75 3.70 -8.75 13.99
N ILE D 76 2.86 -8.02 14.73
CA ILE D 76 2.08 -6.94 14.16
C ILE D 76 3.03 -5.77 13.87
N GLY D 77 4.10 -5.66 14.67
CA GLY D 77 5.07 -4.63 14.45
C GLY D 77 5.75 -4.83 13.10
N ASN D 78 6.05 -6.09 12.77
CA ASN D 78 6.67 -6.38 11.50
C ASN D 78 5.74 -6.14 10.29
N VAL D 79 4.46 -6.51 10.40
CA VAL D 79 3.48 -6.20 9.34
C VAL D 79 3.43 -4.70 9.12
N ILE D 80 3.20 -3.93 10.18
CA ILE D 80 3.16 -2.47 10.08
C ILE D 80 4.39 -1.87 9.39
N ASN D 81 5.60 -2.27 9.81
CA ASN D 81 6.83 -1.80 9.17
C ASN D 81 6.86 -2.15 7.69
N TRP D 82 6.51 -3.38 7.38
CA TRP D 82 6.53 -3.84 6.01
C TRP D 82 5.55 -3.00 5.17
N THR D 83 4.35 -2.78 5.69
CA THR D 83 3.31 -1.98 5.02
C THR D 83 3.79 -0.55 4.84
N LYS D 84 4.31 0.04 5.91
CA LYS D 84 4.74 1.41 5.83
C LYS D 84 5.91 1.55 4.88
N ASP D 85 6.83 0.60 4.91
CA ASP D 85 7.96 0.66 3.97
C ASP D 85 7.47 0.48 2.52
N SER D 86 6.61 -0.52 2.27
CA SER D 86 6.04 -0.70 0.93
C SER D 86 5.31 0.57 0.41
N ILE D 87 4.57 1.24 1.28
CA ILE D 87 3.93 2.51 0.93
C ILE D 87 4.97 3.61 0.65
N THR D 88 6.06 3.63 1.41
CA THR D 88 7.02 4.70 1.22
C THR D 88 7.77 4.48 -0.09
N ASP D 89 8.09 3.22 -0.44
CA ASP D 89 8.68 2.98 -1.75
C ASP D 89 7.77 3.47 -2.87
N ILE D 90 6.48 3.16 -2.79
CA ILE D 90 5.52 3.66 -3.76
C ILE D 90 5.51 5.19 -3.86
N TRP D 91 5.40 5.89 -2.73
CA TRP D 91 5.36 7.35 -2.80
C TRP D 91 6.66 7.94 -3.29
N THR D 92 7.78 7.29 -2.97
CA THR D 92 9.09 7.79 -3.34
C THR D 92 9.28 7.68 -4.83
N TYR D 93 8.96 6.51 -5.37
CA TYR D 93 8.97 6.27 -6.81
C TYR D 93 8.00 7.22 -7.52
N GLN D 94 6.84 7.47 -6.93
CA GLN D 94 5.85 8.38 -7.51
C GLN D 94 6.35 9.81 -7.48
N ALA D 95 7.07 10.17 -6.44
CA ALA D 95 7.65 11.50 -6.34
C ALA D 95 8.74 11.64 -7.42
N GLU D 96 9.61 10.64 -7.53
CA GLU D 96 10.68 10.66 -8.54
C GLU D 96 10.06 10.80 -9.94
N LEU D 97 8.98 10.02 -10.18
CA LEU D 97 8.34 9.99 -11.50
C LEU D 97 7.69 11.32 -11.83
N LEU D 98 6.86 11.80 -10.93
CA LEU D 98 6.17 13.09 -11.08
C LEU D 98 7.12 14.20 -11.50
N VAL D 99 8.22 14.34 -10.79
CA VAL D 99 9.11 15.42 -11.04
C VAL D 99 9.82 15.20 -12.40
N ALA D 100 10.32 13.98 -12.65
CA ALA D 100 11.01 13.72 -13.91
C ALA D 100 10.09 13.91 -15.13
N MET D 101 8.85 13.47 -15.01
CA MET D 101 7.88 13.57 -16.09
C MET D 101 7.46 15.01 -16.30
N GLU D 102 7.19 15.70 -15.20
CA GLU D 102 6.84 17.11 -15.25
C GLU D 102 7.97 17.98 -15.78
N ASN D 103 9.19 17.73 -15.35
CA ASN D 103 10.34 18.50 -15.81
C ASN D 103 10.54 18.36 -17.30
N GLN D 104 10.29 17.14 -17.80
CA GLN D 104 10.45 16.87 -19.22
C GLN D 104 9.46 17.70 -20.00
N HIS D 105 8.23 17.77 -19.51
CA HIS D 105 7.18 18.48 -20.18
C HIS D 105 7.37 19.99 -20.13
N THR D 106 7.86 20.47 -19.00
CA THR D 106 8.02 21.90 -18.80
C THR D 106 9.04 22.46 -19.79
N ILE D 107 10.20 21.84 -19.82
CA ILE D 107 11.28 22.21 -20.72
C ILE D 107 10.86 22.22 -22.18
N ASP D 108 10.10 21.21 -22.60
CA ASP D 108 9.64 21.11 -23.98
C ASP D 108 8.47 22.03 -24.29
N MET D 109 7.64 22.35 -23.30
CA MET D 109 6.59 23.34 -23.50
C MET D 109 7.22 24.72 -23.70
N ALA D 110 8.28 24.98 -22.94
CA ALA D 110 9.07 26.22 -23.05
C ALA D 110 9.67 26.37 -24.44
N ASP D 111 10.23 25.28 -24.95
CA ASP D 111 10.76 25.21 -26.30
C ASP D 111 9.65 25.51 -27.29
N SER D 112 8.53 24.86 -27.07
CA SER D 112 7.37 25.02 -27.91
C SER D 112 6.93 26.46 -28.10
N GLU D 113 6.78 27.18 -26.98
CA GLU D 113 6.28 28.55 -27.03
C GLU D 113 7.24 29.44 -27.79
N MET D 114 8.54 29.13 -27.70
CA MET D 114 9.52 29.85 -28.49
C MET D 114 9.25 29.62 -29.96
N LEU D 115 9.10 28.34 -30.35
CA LEU D 115 8.92 28.00 -31.75
C LEU D 115 7.66 28.65 -32.28
N ASN D 116 6.66 28.81 -31.39
CA ASN D 116 5.38 29.37 -31.80
C ASN D 116 5.49 30.87 -32.10
N LEU D 117 6.28 31.56 -31.28
CA LEU D 117 6.55 32.97 -31.49
C LEU D 117 7.34 33.14 -32.77
N TYR D 118 8.33 32.28 -32.95
CA TYR D 118 9.19 32.33 -34.13
C TYR D 118 8.36 32.08 -35.38
N GLU D 119 7.44 31.12 -35.28
CA GLU D 119 6.55 30.77 -36.37
C GLU D 119 5.55 31.87 -36.69
N ARG D 120 5.11 32.55 -35.65
CA ARG D 120 4.14 33.61 -35.78
C ARG D 120 4.76 34.82 -36.52
N VAL D 121 6.00 35.14 -36.17
CA VAL D 121 6.74 36.21 -36.84
C VAL D 121 7.03 35.84 -38.29
N ARG D 122 7.43 34.58 -38.51
CA ARG D 122 7.79 34.13 -39.85
C ARG D 122 6.62 34.25 -40.82
N LYS D 123 5.46 33.77 -40.40
CA LYS D 123 4.26 33.84 -41.25
C LYS D 123 3.86 35.28 -41.48
N GLN D 124 4.20 36.11 -40.49
CA GLN D 124 3.89 37.52 -40.49
C GLN D 124 4.72 38.20 -41.60
N LEU D 125 6.04 37.99 -41.55
CA LEU D 125 6.98 38.58 -42.49
C LEU D 125 6.80 38.09 -43.90
N ARG D 126 6.17 36.93 -44.02
CA ARG D 126 5.78 36.39 -45.32
C ARG D 126 6.98 36.38 -46.30
N GLN D 127 6.87 37.06 -47.44
CA GLN D 127 7.92 36.98 -48.47
C GLN D 127 8.89 38.17 -48.44
N ASN D 128 8.80 38.95 -47.38
CA ASN D 128 9.67 40.13 -47.27
C ASN D 128 10.93 39.81 -46.51
N ALA D 129 11.02 38.60 -45.97
CA ALA D 129 12.19 38.22 -45.19
C ALA D 129 12.63 36.78 -45.39
N GLU D 130 13.84 36.50 -44.96
CA GLU D 130 14.36 35.15 -45.06
C GLU D 130 15.02 34.74 -43.75
N GLU D 131 14.86 33.47 -43.41
CA GLU D 131 15.39 32.96 -42.15
C GLU D 131 16.89 32.76 -42.17
N ASP D 132 17.50 33.23 -41.10
CA ASP D 132 18.91 33.10 -40.77
C ASP D 132 19.34 31.63 -40.66
N GLY D 133 18.53 30.82 -40.00
CA GLY D 133 18.93 29.47 -39.61
C GLY D 133 19.30 29.47 -38.13
N LYS D 134 19.65 30.65 -37.64
CA LYS D 134 20.05 30.84 -36.26
C LYS D 134 18.98 31.59 -35.45
N GLY D 135 17.77 31.67 -36.02
CA GLY D 135 16.66 32.30 -35.34
C GLY D 135 16.34 33.73 -35.74
N CYS D 136 17.05 34.27 -36.74
CA CYS D 136 16.85 35.66 -37.16
C CYS D 136 16.10 35.75 -38.48
N PHE D 137 15.54 36.91 -38.74
CA PHE D 137 14.95 37.13 -40.05
C PHE D 137 15.63 38.28 -40.77
N GLU D 138 16.37 37.96 -41.81
CA GLU D 138 16.93 39.00 -42.65
C GLU D 138 15.77 39.63 -43.40
N ILE D 139 15.47 40.87 -43.04
CA ILE D 139 14.42 41.61 -43.70
C ILE D 139 15.04 42.29 -44.92
N TYR D 140 14.46 42.06 -46.09
CA TYR D 140 15.04 42.57 -47.32
C TYR D 140 14.42 43.90 -47.68
N HIS D 141 14.13 44.71 -46.67
CA HIS D 141 13.82 46.11 -46.89
C HIS D 141 14.27 46.91 -45.68
N ALA D 142 14.05 48.21 -45.73
CA ALA D 142 14.41 49.09 -44.63
C ALA D 142 13.25 49.08 -43.67
N CYS D 143 13.55 48.88 -42.38
CA CYS D 143 12.45 48.84 -41.42
C CYS D 143 12.84 49.70 -40.22
N ASP D 144 12.24 50.90 -40.13
CA ASP D 144 12.47 51.79 -39.00
C ASP D 144 11.82 51.26 -37.72
N ASP D 145 12.17 51.88 -36.60
CA ASP D 145 11.69 51.44 -35.29
C ASP D 145 10.20 51.14 -35.22
N SER D 146 9.39 51.96 -35.88
CA SER D 146 7.95 51.73 -35.89
C SER D 146 7.59 50.49 -36.67
N CYS D 147 8.44 50.13 -37.63
CA CYS D 147 8.24 48.93 -38.42
C CYS D 147 8.59 47.72 -37.57
N MET D 148 9.60 47.86 -36.72
CA MET D 148 9.95 46.80 -35.80
C MET D 148 8.82 46.54 -34.81
N GLU D 149 8.36 47.59 -34.13
CA GLU D 149 7.23 47.47 -33.21
C GLU D 149 6.06 46.80 -33.90
N SER D 150 5.84 47.17 -35.16
CA SER D 150 4.78 46.57 -35.94
C SER D 150 4.94 45.06 -36.08
N ILE D 151 6.20 44.60 -36.10
CA ILE D 151 6.47 43.18 -36.19
C ILE D 151 6.13 42.52 -34.87
N ARG D 152 6.57 43.15 -33.78
CA ARG D 152 6.31 42.64 -32.44
C ARG D 152 4.84 42.74 -32.04
N ASN D 153 4.16 43.80 -32.48
CA ASN D 153 2.75 44.04 -32.19
C ASN D 153 1.80 43.15 -32.98
N ASN D 154 2.36 42.41 -33.92
CA ASN D 154 1.58 41.64 -34.90
C ASN D 154 0.67 42.57 -35.72
N THR D 155 1.17 43.77 -36.01
CA THR D 155 0.44 44.73 -36.84
C THR D 155 1.15 45.07 -38.15
N TYR D 156 2.16 44.27 -38.49
CA TYR D 156 2.94 44.45 -39.72
C TYR D 156 2.19 43.93 -40.95
N ASP D 157 1.78 44.81 -41.86
CA ASP D 157 1.19 44.38 -43.13
C ASP D 157 2.31 44.17 -44.14
N HIS D 158 2.53 42.92 -44.55
CA HIS D 158 3.62 42.58 -45.45
C HIS D 158 3.42 43.21 -46.83
N SER D 159 2.17 43.29 -47.31
CA SER D 159 1.90 43.76 -48.67
C SER D 159 2.44 45.17 -48.93
N GLN D 160 2.66 45.94 -47.87
CA GLN D 160 3.19 47.29 -47.97
C GLN D 160 4.68 47.33 -48.42
N TYR D 161 5.45 46.34 -47.99
CA TYR D 161 6.86 46.33 -48.33
C TYR D 161 7.21 45.27 -49.37
N ARG D 162 6.21 44.53 -49.80
CA ARG D 162 6.46 43.31 -50.55
C ARG D 162 7.21 43.57 -51.84
N GLU D 163 6.68 44.45 -52.70
CA GLU D 163 7.30 44.69 -54.01
C GLU D 163 8.73 45.19 -53.86
N GLU D 164 8.97 46.05 -52.88
CA GLU D 164 10.34 46.52 -52.62
C GLU D 164 11.24 45.40 -52.13
N ALA D 165 10.74 44.58 -51.20
CA ALA D 165 11.56 43.54 -50.60
C ALA D 165 11.81 42.42 -51.59
N LEU D 166 10.77 42.04 -52.32
CA LEU D 166 10.90 41.01 -53.34
C LEU D 166 12.00 41.35 -54.35
N LEU D 167 12.10 42.62 -54.75
CA LEU D 167 13.13 43.04 -55.69
C LEU D 167 14.51 42.88 -55.09
N ASN D 168 14.62 43.12 -53.79
CA ASN D 168 15.92 42.97 -53.15
C ASN D 168 16.31 41.50 -53.00
N ARG D 169 15.32 40.64 -52.77
CA ARG D 169 15.58 39.21 -52.64
C ARG D 169 16.03 38.64 -53.97
N LEU D 170 15.46 39.17 -55.05
CA LEU D 170 15.76 38.66 -56.38
C LEU D 170 17.05 39.23 -57.01
N ASN D 171 17.64 40.25 -56.42
CA ASN D 171 18.86 40.83 -57.01
C ASN D 171 19.97 41.10 -56.00
N ASP E 5 18.94 16.38 -59.36
CA ASP E 5 19.97 16.84 -58.44
C ASP E 5 19.38 17.15 -57.04
N LYS E 6 19.65 16.30 -56.04
CA LYS E 6 18.78 16.23 -54.87
C LYS E 6 19.36 15.64 -53.56
N ILE E 7 19.06 16.22 -52.39
CA ILE E 7 19.47 15.59 -51.13
C ILE E 7 18.26 15.16 -50.25
N CYS E 8 18.25 13.89 -49.85
CA CYS E 8 17.07 13.32 -49.16
C CYS E 8 17.33 13.04 -47.70
N LEU E 9 16.37 13.37 -46.84
CA LEU E 9 16.53 13.03 -45.44
C LEU E 9 15.77 11.76 -45.07
N GLY E 10 16.29 11.02 -44.08
CA GLY E 10 15.63 9.80 -43.67
C GLY E 10 16.23 9.24 -42.39
N HIS E 11 15.72 8.08 -41.97
CA HIS E 11 16.07 7.42 -40.73
C HIS E 11 16.29 5.92 -40.96
N HIS E 12 16.91 5.22 -40.00
CA HIS E 12 17.14 3.79 -40.18
C HIS E 12 15.89 2.97 -39.89
N ALA E 13 15.93 1.70 -40.30
CA ALA E 13 14.89 0.75 -40.00
C ALA E 13 15.50 -0.65 -39.96
N VAL E 14 14.79 -1.63 -39.39
CA VAL E 14 15.38 -2.97 -39.28
C VAL E 14 14.51 -4.06 -39.87
N ALA E 15 15.15 -5.19 -40.18
CA ALA E 15 14.43 -6.34 -40.73
C ALA E 15 13.38 -6.84 -39.73
N ASN E 16 13.77 -7.03 -38.47
CA ASN E 16 12.81 -7.44 -37.44
C ASN E 16 12.78 -6.46 -36.25
N GLY E 17 11.67 -5.74 -36.12
CA GLY E 17 11.49 -4.83 -35.00
C GLY E 17 10.90 -5.57 -33.81
N THR E 18 10.58 -4.81 -32.76
CA THR E 18 9.91 -5.38 -31.60
C THR E 18 8.63 -4.64 -31.26
N ILE E 19 7.58 -5.39 -30.97
CA ILE E 19 6.33 -4.81 -30.52
C ILE E 19 6.47 -4.32 -29.08
N VAL E 20 6.11 -3.06 -28.83
CA VAL E 20 5.97 -2.51 -27.48
C VAL E 20 4.59 -1.85 -27.31
N LYS E 21 4.22 -1.54 -26.06
CA LYS E 21 2.97 -0.81 -25.80
C LYS E 21 3.23 0.68 -25.62
N THR E 22 2.27 1.50 -26.04
CA THR E 22 2.30 2.94 -25.77
C THR E 22 0.97 3.32 -25.15
N LEU E 23 0.79 4.60 -24.86
CA LEU E 23 -0.47 5.09 -24.31
C LEU E 23 -1.60 4.89 -25.32
N THR E 24 -1.29 5.04 -26.59
CA THR E 24 -2.31 5.09 -27.63
C THR E 24 -2.33 3.84 -28.50
N ASN E 25 -1.47 2.87 -28.19
CA ASN E 25 -1.19 1.79 -29.12
C ASN E 25 -0.50 0.60 -28.45
N GLU E 26 -1.21 -0.51 -28.34
CA GLU E 26 -0.55 -1.81 -28.09
C GLU E 26 -0.17 -2.36 -29.46
N GLN E 27 0.89 -3.14 -29.57
CA GLN E 27 1.37 -3.62 -30.88
C GLN E 27 1.96 -2.47 -31.70
N GLU E 28 2.82 -1.67 -31.09
CA GLU E 28 3.54 -0.62 -31.80
C GLU E 28 4.95 -1.09 -32.09
N GLU E 29 5.28 -1.21 -33.37
CA GLU E 29 6.59 -1.77 -33.72
C GLU E 29 7.69 -0.72 -33.64
N VAL E 30 8.76 -1.03 -32.91
CA VAL E 30 9.93 -0.16 -32.83
C VAL E 30 11.22 -0.92 -33.16
N THR E 31 12.30 -0.17 -33.38
CA THR E 31 13.54 -0.76 -33.86
C THR E 31 14.19 -1.66 -32.81
N ASN E 32 14.01 -1.33 -31.54
CA ASN E 32 14.62 -2.08 -30.45
C ASN E 32 13.89 -1.86 -29.12
N ALA E 33 13.90 -2.86 -28.27
CA ALA E 33 13.33 -2.71 -26.94
C ALA E 33 14.09 -3.55 -25.92
N THR E 34 13.96 -3.20 -24.65
CA THR E 34 14.63 -3.91 -23.59
C THR E 34 13.61 -4.20 -22.50
N GLU E 35 13.76 -5.36 -21.86
CA GLU E 35 12.80 -5.86 -20.87
C GLU E 35 12.99 -5.11 -19.54
N THR E 36 11.89 -4.77 -18.89
CA THR E 36 11.96 -4.13 -17.59
C THR E 36 11.56 -5.07 -16.45
N VAL E 37 11.05 -6.25 -16.79
CA VAL E 37 10.55 -7.17 -15.78
C VAL E 37 11.42 -8.43 -15.74
N GLU E 38 12.24 -8.54 -14.69
CA GLU E 38 13.08 -9.73 -14.47
C GLU E 38 12.28 -10.97 -14.17
N SER E 39 12.40 -11.99 -15.00
CA SER E 39 11.62 -13.21 -14.80
C SER E 39 12.55 -14.39 -14.52
N THR E 40 13.85 -14.10 -14.51
CA THR E 40 14.91 -15.07 -14.29
C THR E 40 15.61 -14.88 -12.94
N GLY E 41 15.51 -15.85 -12.05
CA GLY E 41 16.28 -15.75 -10.81
C GLY E 41 17.35 -16.83 -10.83
N ILE E 42 18.24 -16.86 -9.84
CA ILE E 42 19.11 -18.03 -9.75
C ILE E 42 18.73 -18.88 -8.53
N ASN E 43 18.69 -20.19 -8.75
CA ASN E 43 18.18 -21.15 -7.77
C ASN E 43 19.17 -21.49 -6.65
N ARG E 44 19.87 -20.47 -6.14
CA ARG E 44 20.86 -20.65 -5.09
C ARG E 44 20.87 -19.47 -4.12
N LEU E 45 21.28 -19.71 -2.88
CA LEU E 45 21.41 -18.61 -1.93
C LEU E 45 22.83 -18.06 -2.00
N CYS E 46 22.97 -16.99 -2.74
CA CYS E 46 24.25 -16.33 -2.92
C CYS E 46 24.73 -15.65 -1.65
N MET E 47 25.78 -16.19 -1.03
CA MET E 47 26.20 -15.70 0.28
C MET E 47 27.57 -14.99 0.32
N LYS E 48 28.13 -14.67 -0.86
CA LYS E 48 29.42 -13.99 -0.91
C LYS E 48 29.30 -12.64 -0.23
N GLY E 49 30.25 -12.34 0.66
CA GLY E 49 30.19 -11.11 1.41
C GLY E 49 29.20 -11.16 2.57
N ARG E 50 28.53 -12.30 2.74
CA ARG E 50 27.61 -12.48 3.86
C ARG E 50 28.16 -13.47 4.90
N LYS E 51 28.22 -13.01 6.15
CA LYS E 51 28.48 -13.90 7.27
C LYS E 51 27.17 -14.60 7.66
N HIS E 52 27.04 -15.85 7.27
CA HIS E 52 25.77 -16.50 7.41
C HIS E 52 25.85 -17.80 8.14
N LYS E 53 24.68 -18.25 8.61
CA LYS E 53 24.53 -19.56 9.22
C LYS E 53 23.36 -20.26 8.55
N ASP E 54 23.66 -21.37 7.88
CA ASP E 54 22.65 -22.30 7.40
C ASP E 54 22.34 -23.28 8.54
N LEU E 55 21.08 -23.31 8.95
CA LEU E 55 20.70 -24.08 10.11
C LEU E 55 20.35 -25.52 9.74
N GLY E 56 20.37 -25.86 8.46
CA GLY E 56 20.05 -27.21 8.04
C GLY E 56 18.74 -27.73 8.64
N ASN E 57 18.77 -28.92 9.23
CA ASN E 57 17.56 -29.49 9.78
C ASN E 57 17.28 -28.98 11.20
N CYS E 58 17.94 -27.89 11.56
CA CYS E 58 17.70 -27.24 12.85
C CYS E 58 16.78 -26.03 12.80
N HIS E 59 15.68 -26.10 13.55
CA HIS E 59 14.66 -25.04 13.51
C HIS E 59 15.09 -23.90 14.44
N PRO E 60 14.82 -22.63 14.05
CA PRO E 60 15.31 -21.53 14.88
C PRO E 60 14.91 -21.63 16.35
N ILE E 61 13.70 -22.09 16.63
CA ILE E 61 13.26 -22.26 18.00
C ILE E 61 14.14 -23.30 18.72
N GLY E 62 14.59 -24.30 17.99
CA GLY E 62 15.49 -25.31 18.51
C GLY E 62 16.81 -24.77 19.06
N MET E 63 17.29 -23.66 18.48
CA MET E 63 18.49 -22.98 18.95
C MET E 63 18.41 -22.51 20.39
N LEU E 64 17.24 -22.01 20.77
CA LEU E 64 17.07 -21.42 22.10
C LEU E 64 16.97 -22.51 23.16
N ILE E 65 16.32 -23.63 22.84
CA ILE E 65 16.09 -24.64 23.87
C ILE E 65 17.09 -25.82 23.84
N GLY E 66 17.86 -25.98 22.75
CA GLY E 66 18.92 -26.97 22.71
C GLY E 66 18.46 -28.35 22.28
N THR E 67 17.56 -28.39 21.32
CA THR E 67 17.18 -29.64 20.70
C THR E 67 18.44 -30.24 20.07
N PRO E 68 18.59 -31.57 20.17
CA PRO E 68 19.82 -32.24 19.70
C PRO E 68 20.22 -31.80 18.29
N ALA E 69 19.23 -31.68 17.40
CA ALA E 69 19.48 -31.27 16.02
C ALA E 69 20.15 -29.90 15.90
N CYS E 70 20.07 -29.09 16.94
CA CYS E 70 20.65 -27.75 16.91
C CYS E 70 21.92 -27.63 17.77
N ASP E 71 22.48 -28.77 18.18
CA ASP E 71 23.66 -28.74 19.06
C ASP E 71 24.76 -27.84 18.48
N LEU E 72 24.92 -27.85 17.17
CA LEU E 72 25.91 -26.98 16.54
C LEU E 72 25.39 -25.54 16.33
N HIS E 73 24.18 -25.24 16.79
CA HIS E 73 23.61 -23.92 16.51
C HIS E 73 23.06 -23.22 17.74
N LEU E 74 23.64 -23.51 18.88
CA LEU E 74 23.26 -22.91 20.15
C LEU E 74 23.79 -21.50 20.38
N THR E 75 24.90 -21.16 19.72
CA THR E 75 25.45 -19.81 19.73
C THR E 75 26.00 -19.55 18.34
N GLY E 76 26.33 -18.30 18.07
CA GLY E 76 26.89 -17.94 16.79
C GLY E 76 26.77 -16.46 16.53
N MET E 77 27.36 -16.01 15.41
CA MET E 77 27.12 -14.66 14.92
C MET E 77 26.90 -14.74 13.43
N TRP E 78 26.05 -13.87 12.91
CA TRP E 78 25.75 -13.92 11.49
C TRP E 78 25.11 -12.59 11.07
N ASP E 79 25.15 -12.28 9.78
CA ASP E 79 24.34 -11.17 9.26
C ASP E 79 23.18 -11.76 8.45
N THR E 80 23.23 -13.08 8.29
CA THR E 80 22.24 -13.79 7.52
C THR E 80 21.95 -15.13 8.17
N LEU E 81 20.66 -15.45 8.34
CA LEU E 81 20.26 -16.73 8.92
C LEU E 81 19.30 -17.44 7.99
N ILE E 82 19.62 -18.69 7.70
CA ILE E 82 18.86 -19.47 6.73
C ILE E 82 18.14 -20.64 7.35
N GLU E 83 16.82 -20.61 7.26
CA GLU E 83 15.97 -21.68 7.76
C GLU E 83 15.50 -22.59 6.60
N ARG E 84 15.48 -23.90 6.85
CA ARG E 84 15.12 -24.91 5.86
C ARG E 84 13.79 -25.49 6.20
N GLU E 85 13.10 -26.05 5.20
CA GLU E 85 11.80 -26.65 5.45
C GLU E 85 11.93 -27.91 6.32
N ASN E 86 10.95 -28.14 7.18
CA ASN E 86 10.87 -29.30 8.08
C ASN E 86 12.04 -29.37 9.08
N ALA E 87 12.59 -28.22 9.42
CA ALA E 87 13.62 -28.20 10.44
C ALA E 87 13.00 -28.65 11.76
N ILE E 88 13.79 -29.31 12.57
CA ILE E 88 13.32 -29.85 13.85
C ILE E 88 13.51 -28.84 14.99
N ALA E 89 12.43 -28.50 15.65
CA ALA E 89 12.49 -27.65 16.83
C ALA E 89 12.36 -28.45 18.10
N TYR E 90 11.63 -29.54 18.05
CA TYR E 90 11.32 -30.28 19.24
C TYR E 90 11.70 -31.70 19.09
N CYS E 91 12.29 -32.25 20.14
CA CYS E 91 12.59 -33.65 20.17
C CYS E 91 11.48 -34.37 20.92
N TYR E 92 10.84 -33.67 21.85
CA TYR E 92 9.73 -34.19 22.67
C TYR E 92 8.39 -33.52 22.26
N PRO E 93 7.26 -34.27 22.30
CA PRO E 93 5.99 -33.68 21.80
C PRO E 93 5.64 -32.42 22.58
N GLY E 94 5.08 -31.42 21.90
CA GLY E 94 4.68 -30.17 22.52
C GLY E 94 4.87 -29.03 21.52
N ALA E 95 4.66 -27.80 21.95
CA ALA E 95 4.82 -26.69 21.04
C ALA E 95 5.09 -25.44 21.84
N THR E 96 5.42 -24.37 21.15
CA THR E 96 5.69 -23.11 21.79
C THR E 96 4.46 -22.22 21.64
N VAL E 97 4.03 -21.64 22.75
CA VAL E 97 3.05 -20.58 22.72
C VAL E 97 3.68 -19.32 22.10
N ASN E 98 2.97 -18.68 21.18
CA ASN E 98 3.41 -17.43 20.57
C ASN E 98 4.68 -17.67 19.75
N VAL E 99 4.69 -18.73 18.97
CA VAL E 99 5.89 -19.22 18.33
C VAL E 99 6.35 -18.37 17.16
N GLU E 100 5.40 -17.85 16.38
CA GLU E 100 5.79 -17.21 15.14
C GLU E 100 6.46 -15.89 15.42
N ALA E 101 6.05 -15.22 16.50
CA ALA E 101 6.72 -13.99 16.91
C ALA E 101 8.17 -14.27 17.33
N LEU E 102 8.37 -15.36 18.09
CA LEU E 102 9.71 -15.73 18.56
C LEU E 102 10.62 -16.08 17.38
N ARG E 103 10.10 -16.86 16.44
CA ARG E 103 10.89 -17.29 15.30
C ARG E 103 11.31 -16.06 14.49
N GLN E 104 10.44 -15.05 14.38
CA GLN E 104 10.79 -13.83 13.65
C GLN E 104 11.87 -13.03 14.37
N LYS E 105 11.83 -13.02 15.71
CA LYS E 105 12.88 -12.35 16.49
C LYS E 105 14.26 -12.95 16.21
N ILE E 106 14.30 -14.27 16.24
CA ILE E 106 15.53 -15.00 16.01
C ILE E 106 16.04 -14.77 14.58
N MET E 107 15.11 -14.78 13.63
CA MET E 107 15.42 -14.54 12.24
C MET E 107 15.61 -13.07 11.95
N GLU E 108 15.40 -12.21 12.94
CA GLU E 108 15.74 -10.78 12.81
C GLU E 108 17.11 -10.48 13.47
N SER E 109 17.70 -11.46 14.16
CA SER E 109 18.92 -11.26 14.97
C SER E 109 20.22 -11.40 14.17
N GLY E 110 21.33 -10.99 14.76
CA GLY E 110 22.63 -11.13 14.12
C GLY E 110 23.51 -12.10 14.87
N GLY E 111 22.88 -12.95 15.69
CA GLY E 111 23.63 -13.90 16.50
C GLY E 111 22.96 -14.21 17.83
N ILE E 112 23.51 -15.19 18.54
CA ILE E 112 22.98 -15.62 19.82
C ILE E 112 24.09 -15.97 20.79
N ASN E 113 24.11 -15.38 21.99
CA ASN E 113 24.92 -15.93 23.08
C ASN E 113 24.05 -16.67 24.06
N LYS E 114 24.67 -17.52 24.86
CA LYS E 114 23.96 -18.16 25.92
C LYS E 114 24.57 -17.76 27.27
N ILE E 115 23.73 -17.60 28.28
CA ILE E 115 24.13 -17.29 29.63
C ILE E 115 23.48 -18.27 30.62
N SER E 116 24.32 -18.90 31.43
CA SER E 116 23.87 -19.81 32.42
C SER E 116 22.97 -19.04 33.41
N THR E 117 21.92 -19.69 33.87
CA THR E 117 20.99 -19.12 34.82
C THR E 117 21.51 -19.31 36.25
N GLY E 118 22.37 -20.31 36.42
CA GLY E 118 22.97 -20.60 37.69
C GLY E 118 22.03 -21.34 38.63
N PHE E 119 20.87 -21.74 38.12
CA PHE E 119 19.87 -22.42 38.94
C PHE E 119 20.46 -23.67 39.60
N THR E 120 20.12 -23.90 40.87
CA THR E 120 20.52 -25.11 41.56
C THR E 120 19.33 -25.61 42.33
N TYR E 121 19.27 -26.92 42.53
CA TYR E 121 18.10 -27.50 43.15
C TYR E 121 18.44 -28.31 44.39
N GLY E 122 17.51 -28.36 45.33
CA GLY E 122 17.73 -29.08 46.56
C GLY E 122 17.90 -30.57 46.33
N SER E 123 18.15 -31.29 47.40
CA SER E 123 18.44 -32.71 47.31
C SER E 123 17.26 -33.57 46.88
N SER E 124 16.03 -33.14 47.14
CA SER E 124 14.86 -33.97 46.83
C SER E 124 14.41 -33.81 45.38
N ILE E 125 15.08 -32.92 44.65
CA ILE E 125 14.88 -32.78 43.22
C ILE E 125 15.89 -33.59 42.39
N ASN E 126 15.42 -34.41 41.45
CA ASN E 126 16.29 -34.91 40.39
C ASN E 126 16.22 -33.93 39.20
N SER E 127 17.34 -33.36 38.80
CA SER E 127 17.32 -32.40 37.71
C SER E 127 17.92 -32.99 36.45
N ALA E 128 18.19 -34.28 36.46
CA ALA E 128 18.86 -34.89 35.31
C ALA E 128 17.92 -35.75 34.52
N GLY E 129 16.62 -35.52 34.68
CA GLY E 129 15.62 -36.21 33.88
C GLY E 129 15.94 -36.10 32.40
N THR E 130 15.70 -37.20 31.70
CA THR E 130 16.01 -37.37 30.29
C THR E 130 14.84 -38.12 29.64
N THR E 131 14.83 -38.18 28.32
CA THR E 131 13.85 -38.97 27.62
C THR E 131 14.42 -39.70 26.40
N ARG E 132 13.85 -40.85 26.10
CA ARG E 132 14.15 -41.61 24.91
C ARG E 132 13.80 -40.84 23.62
N ALA E 133 12.91 -39.87 23.75
CA ALA E 133 12.47 -39.11 22.58
C ALA E 133 13.49 -38.06 22.16
N CYS E 134 14.38 -37.68 23.07
CA CYS E 134 15.46 -36.74 22.73
C CYS E 134 16.78 -37.50 22.86
N MET E 135 17.06 -38.34 21.87
CA MET E 135 18.28 -39.07 21.83
C MET E 135 19.44 -38.12 21.52
N ARG E 136 20.59 -38.37 22.12
CA ARG E 136 21.79 -37.61 21.77
C ARG E 136 23.00 -38.56 21.86
N ASN E 137 23.65 -38.75 20.72
CA ASN E 137 24.79 -39.66 20.66
C ASN E 137 24.43 -41.07 21.18
N GLY E 138 23.17 -41.43 21.04
CA GLY E 138 22.70 -42.79 21.25
C GLY E 138 22.13 -42.97 22.63
N GLY E 139 22.05 -41.88 23.39
CA GLY E 139 21.57 -42.00 24.77
C GLY E 139 20.38 -41.09 24.98
N ASN E 140 19.47 -41.54 25.84
CA ASN E 140 18.44 -40.71 26.38
C ASN E 140 19.01 -39.40 26.88
N SER E 141 18.42 -38.29 26.43
CA SER E 141 18.91 -36.97 26.75
C SER E 141 17.74 -36.00 26.88
N PHE E 142 18.01 -34.72 26.70
CA PHE E 142 17.02 -33.69 26.91
C PHE E 142 17.51 -32.46 26.23
N TYR E 143 16.60 -31.51 26.03
CA TYR E 143 16.95 -30.21 25.54
C TYR E 143 18.15 -29.70 26.32
N ALA E 144 19.17 -29.25 25.60
CA ALA E 144 20.44 -28.87 26.22
C ALA E 144 20.24 -27.68 27.17
N GLU E 145 19.35 -26.74 26.82
CA GLU E 145 19.24 -25.50 27.61
C GLU E 145 18.21 -25.55 28.73
N LEU E 146 17.70 -26.73 29.03
CA LEU E 146 16.63 -26.85 29.98
C LEU E 146 16.87 -28.03 30.86
N LYS E 147 16.19 -28.10 32.00
CA LYS E 147 16.28 -29.28 32.84
C LYS E 147 14.90 -29.77 33.20
N TRP E 148 14.71 -31.07 33.09
CA TRP E 148 13.48 -31.68 33.48
C TRP E 148 13.53 -32.07 34.97
N LEU E 149 12.93 -31.25 35.82
CA LEU E 149 12.90 -31.48 37.25
C LEU E 149 11.79 -32.45 37.61
N VAL E 150 12.18 -33.53 38.30
CA VAL E 150 11.25 -34.48 38.91
C VAL E 150 11.68 -34.81 40.34
N SER E 151 10.79 -35.44 41.10
CA SER E 151 11.12 -35.89 42.45
C SER E 151 12.19 -36.95 42.45
N LYS E 152 13.25 -36.72 43.21
CA LYS E 152 14.34 -37.68 43.32
C LYS E 152 13.78 -39.04 43.74
N SER E 153 12.83 -38.99 44.68
CA SER E 153 12.12 -40.20 45.09
C SER E 153 10.72 -40.24 44.49
N ALA E 154 10.45 -41.25 43.68
CA ALA E 154 9.20 -41.36 42.95
C ALA E 154 7.98 -41.31 43.88
N GLY E 155 6.92 -40.66 43.41
CA GLY E 155 5.65 -40.61 44.11
C GLY E 155 5.54 -39.55 45.19
N GLN E 156 6.69 -39.06 45.67
CA GLN E 156 6.70 -38.06 46.74
C GLN E 156 6.54 -36.65 46.20
N ASN E 157 5.96 -35.77 47.03
CA ASN E 157 5.71 -34.40 46.62
C ASN E 157 7.00 -33.62 46.35
N PHE E 158 7.11 -33.17 45.10
CA PHE E 158 8.13 -32.25 44.64
C PHE E 158 8.05 -31.03 45.57
N PRO E 159 9.20 -30.59 46.10
CA PRO E 159 9.19 -29.49 47.08
C PRO E 159 8.87 -28.16 46.45
N GLN E 160 8.43 -27.21 47.26
CA GLN E 160 8.24 -25.84 46.81
C GLN E 160 9.62 -25.24 46.58
N THR E 161 9.85 -24.81 45.35
CA THR E 161 11.15 -24.42 44.89
C THR E 161 11.06 -23.03 44.31
N THR E 162 12.11 -22.25 44.52
CA THR E 162 12.20 -20.93 43.94
C THR E 162 13.53 -20.78 43.23
N ASN E 163 13.51 -20.24 42.01
CA ASN E 163 14.73 -19.99 41.24
C ASN E 163 14.64 -18.63 40.61
N THR E 164 15.68 -17.82 40.73
CA THR E 164 15.63 -16.49 40.15
C THR E 164 16.79 -16.21 39.23
N TYR E 165 16.47 -15.84 38.00
CA TYR E 165 17.49 -15.44 37.06
C TYR E 165 17.60 -13.93 37.02
N ARG E 166 18.82 -13.43 37.16
CA ARG E 166 19.05 -11.99 37.19
C ARG E 166 19.85 -11.57 35.97
N ASN E 167 19.28 -10.69 35.16
CA ASN E 167 20.03 -10.15 34.07
C ASN E 167 20.93 -9.07 34.66
N THR E 168 22.25 -9.28 34.59
CA THR E 168 23.23 -8.32 35.09
C THR E 168 23.99 -7.75 33.90
N ASP E 169 23.52 -8.08 32.71
CA ASP E 169 24.11 -7.61 31.46
C ASP E 169 23.44 -6.27 31.06
N THR E 170 23.90 -5.61 30.00
CA THR E 170 23.24 -4.38 29.58
C THR E 170 22.25 -4.52 28.43
N ALA E 171 21.85 -5.75 28.11
CA ALA E 171 20.88 -5.97 27.05
C ALA E 171 19.88 -6.98 27.52
N GLU E 172 18.69 -6.95 26.94
CA GLU E 172 17.64 -7.87 27.30
C GLU E 172 17.99 -9.33 26.99
N HIS E 173 17.50 -10.22 27.83
CA HIS E 173 17.73 -11.64 27.65
C HIS E 173 16.41 -12.33 27.36
N LEU E 174 16.45 -13.30 26.47
CA LEU E 174 15.29 -14.09 26.13
C LEU E 174 15.33 -15.42 26.89
N ILE E 175 14.42 -15.57 27.85
CA ILE E 175 14.41 -16.76 28.66
C ILE E 175 13.25 -17.66 28.22
N MET E 176 13.53 -18.96 28.05
CA MET E 176 12.50 -19.93 27.69
C MET E 176 12.40 -20.98 28.79
N TRP E 177 11.17 -21.35 29.12
CA TRP E 177 10.93 -22.48 30.02
C TRP E 177 9.92 -23.40 29.40
N GLY E 178 9.76 -24.59 29.96
CA GLY E 178 8.77 -25.52 29.47
C GLY E 178 7.82 -25.87 30.60
N ILE E 179 6.69 -26.44 30.25
CA ILE E 179 5.74 -26.94 31.24
C ILE E 179 5.40 -28.38 30.86
N HIS E 180 5.56 -29.32 31.79
CA HIS E 180 5.22 -30.68 31.44
C HIS E 180 3.74 -30.93 31.67
N HIS E 181 3.05 -31.37 30.61
CA HIS E 181 1.67 -31.82 30.75
C HIS E 181 1.70 -33.34 30.73
N PRO E 182 1.52 -33.96 31.91
CA PRO E 182 1.63 -35.41 32.11
C PRO E 182 0.55 -36.17 31.35
N SER E 183 0.83 -37.42 31.03
CA SER E 183 -0.06 -38.25 30.25
C SER E 183 -1.22 -38.87 31.03
N SER E 184 -1.13 -38.80 32.35
CA SER E 184 -2.13 -39.37 33.26
C SER E 184 -1.79 -38.96 34.66
N THR E 185 -2.77 -39.04 35.53
CA THR E 185 -2.61 -38.72 36.94
C THR E 185 -1.61 -39.66 37.64
N GLN E 186 -1.50 -40.88 37.15
CA GLN E 186 -0.57 -41.84 37.70
C GLN E 186 0.88 -41.40 37.39
N GLU E 187 1.14 -41.00 36.15
CA GLU E 187 2.45 -40.48 35.78
C GLU E 187 2.67 -39.18 36.52
N LYS E 188 1.62 -38.37 36.65
CA LYS E 188 1.81 -37.09 37.32
C LYS E 188 2.24 -37.28 38.78
N ASN E 189 1.65 -38.25 39.47
CA ASN E 189 1.97 -38.49 40.89
C ASN E 189 3.37 -39.05 41.08
N THR E 190 3.77 -39.97 40.21
CA THR E 190 5.14 -40.48 40.22
C THR E 190 6.14 -39.35 40.13
N LEU E 191 5.97 -38.47 39.15
CA LEU E 191 7.01 -37.50 38.85
C LEU E 191 7.05 -36.40 39.90
N TYR E 192 5.88 -36.04 40.42
CA TYR E 192 5.77 -34.81 41.17
C TYR E 192 5.01 -34.90 42.48
N GLY E 193 4.43 -36.05 42.78
CA GLY E 193 3.63 -36.22 43.98
C GLY E 193 2.16 -35.88 43.77
N THR E 194 1.36 -36.03 44.81
CA THR E 194 -0.09 -35.92 44.67
C THR E 194 -0.61 -34.53 44.82
N GLN E 195 0.24 -33.61 45.29
CA GLN E 195 -0.16 -32.22 45.49
C GLN E 195 -0.64 -31.52 44.21
N SER E 196 -1.25 -30.35 44.37
CA SER E 196 -1.63 -29.54 43.23
C SER E 196 -0.44 -28.76 42.75
N LEU E 197 -0.18 -28.90 41.45
CA LEU E 197 0.96 -28.29 40.80
C LEU E 197 0.67 -26.87 40.35
N SER E 198 1.62 -25.98 40.63
CA SER E 198 1.50 -24.60 40.22
C SER E 198 2.87 -24.05 39.85
N ILE E 199 2.99 -23.40 38.70
CA ILE E 199 4.23 -22.78 38.25
C ILE E 199 4.05 -21.30 37.96
N SER E 200 4.55 -20.43 38.84
CA SER E 200 4.46 -18.97 38.65
C SER E 200 5.78 -18.41 38.14
N VAL E 201 5.67 -17.42 37.27
CA VAL E 201 6.80 -16.87 36.60
C VAL E 201 6.62 -15.37 36.66
N GLY E 202 7.46 -14.69 37.41
CA GLY E 202 7.25 -13.27 37.65
C GLY E 202 8.52 -12.47 37.51
N SER E 203 8.42 -11.37 36.78
CA SER E 203 9.50 -10.40 36.69
C SER E 203 8.88 -9.03 36.97
N SER E 204 9.61 -7.95 36.71
CA SER E 204 9.07 -6.62 36.96
C SER E 204 7.96 -6.29 35.98
N THR E 205 8.00 -6.94 34.82
CA THR E 205 7.07 -6.64 33.75
C THR E 205 6.39 -7.88 33.16
N TYR E 206 6.37 -8.99 33.88
CA TYR E 206 5.72 -10.18 33.37
C TYR E 206 5.25 -11.00 34.57
N ARG E 207 4.02 -11.53 34.51
CA ARG E 207 3.60 -12.55 35.47
C ARG E 207 2.62 -13.49 34.83
N ASN E 208 2.74 -14.76 35.15
CA ASN E 208 1.90 -15.77 34.54
C ASN E 208 1.86 -16.96 35.47
N ASN E 209 0.80 -17.74 35.39
CA ASN E 209 0.76 -18.97 36.12
C ASN E 209 0.42 -20.08 35.16
N PHE E 210 0.95 -21.27 35.45
CA PHE E 210 0.71 -22.45 34.64
C PHE E 210 0.38 -23.64 35.49
N VAL E 211 -0.53 -24.45 34.99
CA VAL E 211 -0.97 -25.61 35.68
C VAL E 211 -0.91 -26.75 34.69
N PRO E 212 -0.07 -27.77 34.95
CA PRO E 212 -0.06 -28.91 34.02
C PRO E 212 -1.45 -29.50 33.79
N VAL E 213 -1.75 -29.74 32.53
CA VAL E 213 -2.99 -30.31 32.13
C VAL E 213 -2.80 -31.81 32.00
N VAL E 214 -3.38 -32.54 32.94
CA VAL E 214 -3.10 -33.94 33.07
C VAL E 214 -3.97 -34.69 32.11
N GLY E 215 -3.31 -35.51 31.31
CA GLY E 215 -3.97 -36.28 30.29
C GLY E 215 -4.78 -37.42 30.87
N ALA E 216 -5.10 -38.36 29.99
CA ALA E 216 -5.91 -39.46 30.43
C ALA E 216 -5.70 -40.71 29.61
N ARG E 217 -5.93 -41.85 30.25
CA ARG E 217 -6.34 -43.13 29.62
C ARG E 217 -5.27 -43.73 28.66
N PRO E 218 -5.55 -44.07 27.36
CA PRO E 218 -4.34 -44.60 26.72
C PRO E 218 -3.31 -43.56 26.32
N GLN E 219 -2.04 -43.96 26.35
CA GLN E 219 -0.96 -43.09 25.88
C GLN E 219 -1.13 -42.75 24.39
N VAL E 220 -1.93 -43.53 23.67
CA VAL E 220 -2.10 -43.26 22.25
C VAL E 220 -3.51 -42.67 22.00
N ASN E 221 -3.87 -41.66 22.81
CA ASN E 221 -4.97 -40.78 22.44
C ASN E 221 -4.41 -39.35 22.34
N GLY E 222 -5.22 -38.33 22.52
CA GLY E 222 -4.69 -36.98 22.28
C GLY E 222 -4.21 -36.22 23.49
N LEU E 223 -4.56 -36.75 24.66
CA LEU E 223 -4.12 -36.23 25.93
C LEU E 223 -3.01 -37.09 26.52
N SER E 224 -1.80 -36.94 26.00
CA SER E 224 -0.65 -37.70 26.52
C SER E 224 0.50 -36.75 26.87
N SER E 225 1.67 -37.26 27.22
CA SER E 225 2.72 -36.39 27.73
C SER E 225 3.19 -35.39 26.68
N ARG E 226 3.25 -34.13 27.07
CA ARG E 226 3.83 -33.10 26.22
C ARG E 226 4.54 -32.09 27.07
N ILE E 227 5.48 -31.39 26.45
CA ILE E 227 6.13 -30.26 27.07
C ILE E 227 5.90 -29.07 26.17
N ASP E 228 5.22 -28.09 26.71
CA ASP E 228 4.96 -26.87 25.98
C ASP E 228 5.87 -25.79 26.52
N PHE E 229 6.30 -24.91 25.63
CA PHE E 229 7.23 -23.85 25.94
C PHE E 229 6.66 -22.45 25.94
N HIS E 230 7.26 -21.63 26.79
CA HIS E 230 6.89 -20.25 26.97
C HIS E 230 8.13 -19.40 27.02
N TRP E 231 8.00 -18.13 26.65
CA TRP E 231 9.15 -17.24 26.64
C TRP E 231 8.80 -15.80 26.97
N THR E 232 9.83 -15.02 27.25
CA THR E 232 9.64 -13.63 27.60
C THR E 232 11.00 -12.98 27.61
N LEU E 233 11.03 -11.66 27.50
CA LEU E 233 12.28 -10.95 27.53
C LEU E 233 12.50 -10.50 28.97
N VAL E 234 13.75 -10.60 29.45
CA VAL E 234 14.10 -10.08 30.76
C VAL E 234 15.01 -8.89 30.54
N GLN E 235 14.51 -7.71 30.92
CA GLN E 235 15.23 -6.46 30.72
C GLN E 235 16.52 -6.40 31.56
N PRO E 236 17.49 -5.56 31.16
CA PRO E 236 18.72 -5.47 31.95
C PRO E 236 18.42 -4.97 33.38
N GLY E 237 19.06 -5.57 34.37
CA GLY E 237 18.89 -5.14 35.74
C GLY E 237 17.68 -5.73 36.43
N ASP E 238 16.93 -6.55 35.70
CA ASP E 238 15.70 -7.12 36.25
C ASP E 238 15.82 -8.62 36.51
N ASN E 239 15.03 -9.11 37.45
CA ASN E 239 15.05 -10.52 37.79
C ASN E 239 13.76 -11.22 37.44
N ILE E 240 13.82 -12.52 37.16
CA ILE E 240 12.62 -13.29 36.92
C ILE E 240 12.61 -14.54 37.80
N THR E 241 11.49 -14.76 38.45
CA THR E 241 11.39 -15.79 39.46
C THR E 241 10.45 -16.89 39.04
N PHE E 242 10.87 -18.13 39.29
CA PHE E 242 10.07 -19.30 39.04
C PHE E 242 9.69 -19.87 40.39
N SER E 243 8.39 -19.90 40.71
CA SER E 243 7.90 -20.60 41.92
C SER E 243 7.17 -21.81 41.47
N HIS E 244 7.60 -22.98 41.90
CA HIS E 244 7.07 -24.18 41.30
C HIS E 244 7.14 -25.38 42.19
N ASN E 245 6.47 -26.41 41.72
CA ASN E 245 5.91 -27.44 42.55
C ASN E 245 6.05 -28.77 41.90
N GLY E 246 6.58 -28.76 40.69
CA GLY E 246 6.57 -29.94 39.85
C GLY E 246 5.91 -29.57 38.55
N GLY E 247 6.57 -29.86 37.45
CA GLY E 247 6.02 -29.61 36.13
C GLY E 247 6.78 -28.57 35.36
N LEU E 248 7.62 -27.78 36.07
CA LEU E 248 8.46 -26.79 35.39
C LEU E 248 9.59 -27.52 34.71
N ILE E 249 9.80 -27.20 33.45
CA ILE E 249 10.99 -27.56 32.70
C ILE E 249 11.85 -26.29 32.71
N ALA E 250 12.80 -26.23 33.64
CA ALA E 250 13.48 -24.98 33.99
C ALA E 250 14.61 -24.70 33.03
N PRO E 251 14.90 -23.42 32.80
CA PRO E 251 16.04 -23.06 31.97
C PRO E 251 17.37 -23.26 32.73
N SER E 252 18.40 -23.79 32.06
CA SER E 252 19.74 -23.82 32.67
C SER E 252 20.60 -22.81 31.94
N ARG E 253 20.13 -22.37 30.80
CA ARG E 253 20.73 -21.20 30.15
C ARG E 253 19.64 -20.31 29.52
N VAL E 254 19.87 -19.00 29.48
CA VAL E 254 18.95 -18.11 28.79
C VAL E 254 19.68 -17.64 27.55
N SER E 255 18.96 -17.06 26.59
CA SER E 255 19.62 -16.55 25.38
C SER E 255 19.68 -15.04 25.34
N LYS E 256 20.55 -14.55 24.47
CA LYS E 256 20.71 -13.14 24.21
C LYS E 256 20.79 -12.99 22.71
N LEU E 257 19.76 -12.40 22.10
CA LEU E 257 19.78 -12.10 20.67
C LEU E 257 20.64 -10.87 20.46
N ILE E 258 21.46 -10.92 19.41
CA ILE E 258 22.43 -9.87 19.16
C ILE E 258 22.38 -9.29 17.75
N GLY E 259 22.33 -7.97 17.64
CA GLY E 259 22.39 -7.28 16.36
C GLY E 259 21.27 -7.64 15.40
N ARG E 260 21.41 -7.24 14.14
CA ARG E 260 20.44 -7.58 13.13
C ARG E 260 21.09 -8.47 12.13
N GLY E 261 20.31 -9.43 11.64
CA GLY E 261 20.65 -10.18 10.44
C GLY E 261 19.42 -10.32 9.61
N LEU E 262 19.60 -10.83 8.40
CA LEU E 262 18.49 -11.08 7.49
C LEU E 262 18.13 -12.55 7.52
N GLY E 263 16.85 -12.82 7.73
CA GLY E 263 16.34 -14.17 7.81
C GLY E 263 15.80 -14.63 6.50
N ILE E 264 16.20 -15.82 6.09
CA ILE E 264 15.78 -16.37 4.81
C ILE E 264 15.17 -17.72 4.99
N GLN E 265 13.95 -17.92 4.52
CA GLN E 265 13.46 -19.29 4.44
C GLN E 265 13.61 -19.77 3.02
N SER E 266 14.42 -20.80 2.83
CA SER E 266 14.60 -21.38 1.51
C SER E 266 15.22 -22.76 1.57
N ASP E 267 14.99 -23.56 0.55
CA ASP E 267 15.72 -24.81 0.42
C ASP E 267 16.65 -24.74 -0.79
N ALA E 268 17.10 -23.53 -1.13
CA ALA E 268 18.09 -23.38 -2.18
C ALA E 268 19.51 -23.59 -1.62
N PRO E 269 20.30 -24.41 -2.32
CA PRO E 269 21.68 -24.64 -1.94
C PRO E 269 22.46 -23.33 -1.81
N ILE E 270 23.34 -23.26 -0.84
CA ILE E 270 24.19 -22.10 -0.66
C ILE E 270 25.31 -22.01 -1.71
N ASP E 271 25.41 -20.87 -2.39
CA ASP E 271 26.51 -20.60 -3.29
C ASP E 271 27.36 -19.43 -2.79
N ASN E 272 28.64 -19.69 -2.57
CA ASN E 272 29.53 -18.72 -1.93
C ASN E 272 30.35 -17.84 -2.87
N ASN E 273 30.47 -18.24 -4.14
CA ASN E 273 31.19 -17.41 -5.11
C ASN E 273 30.28 -16.25 -5.55
N CYS E 274 29.01 -16.41 -5.22
CA CYS E 274 27.92 -15.61 -5.73
C CYS E 274 27.38 -14.57 -4.73
N GLU E 275 27.19 -13.33 -5.18
CA GLU E 275 26.72 -12.26 -4.29
C GLU E 275 25.31 -11.80 -4.66
N SER E 276 24.46 -11.62 -3.66
CA SER E 276 23.10 -11.18 -3.91
C SER E 276 22.58 -10.36 -2.74
N LYS E 277 21.49 -9.63 -2.96
CA LYS E 277 20.87 -8.83 -1.91
C LYS E 277 19.38 -9.14 -1.78
N CYS E 278 18.86 -9.94 -2.71
CA CYS E 278 17.44 -10.23 -2.75
C CYS E 278 17.22 -11.71 -2.77
N PHE E 279 16.34 -12.22 -1.91
CA PHE E 279 16.16 -13.68 -1.80
C PHE E 279 14.72 -14.07 -1.73
N TRP E 280 14.42 -15.27 -2.23
CA TRP E 280 13.10 -15.84 -2.06
C TRP E 280 13.16 -17.35 -1.80
N ARG E 281 12.02 -17.96 -1.61
CA ARG E 281 11.99 -19.38 -1.34
C ARG E 281 12.88 -20.19 -2.29
N GLY E 282 12.96 -19.79 -3.55
CA GLY E 282 13.62 -20.57 -4.60
C GLY E 282 15.03 -20.17 -4.95
N GLY E 283 15.55 -19.17 -4.24
CA GLY E 283 16.93 -18.78 -4.45
C GLY E 283 17.11 -17.29 -4.30
N SER E 284 17.92 -16.70 -5.17
CA SER E 284 18.16 -15.27 -5.13
C SER E 284 17.78 -14.64 -6.44
N ILE E 285 17.74 -13.30 -6.44
CA ILE E 285 17.43 -12.51 -7.63
C ILE E 285 18.48 -11.44 -7.79
N ASN E 286 19.23 -11.55 -8.88
CA ASN E 286 20.24 -10.55 -9.18
C ASN E 286 19.93 -9.90 -10.53
N THR E 287 19.48 -8.66 -10.45
CA THR E 287 18.94 -7.99 -11.62
C THR E 287 19.03 -6.52 -11.43
N ARG E 288 19.02 -5.80 -12.54
CA ARG E 288 18.99 -4.36 -12.49
C ARG E 288 17.59 -3.85 -12.80
N LEU E 289 16.73 -4.72 -13.33
CA LEU E 289 15.38 -4.32 -13.69
C LEU E 289 14.61 -3.94 -12.44
N PRO E 290 13.72 -2.94 -12.53
CA PRO E 290 13.01 -2.51 -11.31
C PRO E 290 11.86 -3.44 -10.93
N PHE E 291 11.54 -4.40 -11.78
CA PHE E 291 10.39 -5.28 -11.54
C PHE E 291 10.79 -6.72 -11.71
N GLN E 292 10.05 -7.61 -11.05
CA GLN E 292 10.26 -9.03 -11.27
C GLN E 292 8.91 -9.72 -11.18
N ASN E 293 8.73 -10.83 -11.89
CA ASN E 293 7.54 -11.64 -11.72
C ASN E 293 7.88 -13.04 -11.20
N LEU E 294 9.07 -13.19 -10.61
CA LEU E 294 9.49 -14.46 -9.99
C LEU E 294 8.63 -14.87 -8.80
N SER E 295 8.52 -13.99 -7.81
CA SER E 295 7.79 -14.25 -6.58
C SER E 295 7.38 -12.99 -5.82
N PRO E 296 6.14 -12.99 -5.31
CA PRO E 296 5.53 -12.02 -4.38
C PRO E 296 6.10 -12.07 -2.96
N ARG E 297 6.83 -13.13 -2.65
CA ARG E 297 7.41 -13.24 -1.32
C ARG E 297 8.93 -13.18 -1.46
N THR E 298 9.52 -12.00 -1.25
CA THR E 298 10.95 -11.88 -1.29
C THR E 298 11.36 -11.15 -0.03
N VAL E 299 12.61 -11.33 0.41
CA VAL E 299 13.16 -10.50 1.47
C VAL E 299 14.48 -9.92 0.99
N GLY E 300 14.94 -8.87 1.65
CA GLY E 300 16.15 -8.16 1.25
C GLY E 300 15.84 -6.92 0.42
N GLN E 301 16.77 -6.56 -0.45
CA GLN E 301 16.60 -5.43 -1.34
C GLN E 301 16.23 -5.98 -2.68
N CYS E 302 14.95 -5.81 -3.02
CA CYS E 302 14.36 -6.50 -4.14
C CYS E 302 13.74 -5.54 -5.12
N PRO E 303 13.68 -5.96 -6.39
CA PRO E 303 12.85 -5.23 -7.34
C PRO E 303 11.38 -5.55 -7.05
N LYS E 304 10.49 -4.60 -7.28
CA LYS E 304 9.11 -4.79 -6.93
C LYS E 304 8.47 -5.87 -7.77
N TYR E 305 7.73 -6.77 -7.14
CA TYR E 305 6.99 -7.82 -7.83
C TYR E 305 5.78 -7.29 -8.63
N VAL E 306 5.58 -7.78 -9.86
CA VAL E 306 4.41 -7.38 -10.66
C VAL E 306 3.84 -8.59 -11.41
N ASN E 307 2.53 -8.59 -11.67
CA ASN E 307 1.86 -9.72 -12.34
C ASN E 307 1.90 -9.62 -13.85
N ARG E 308 3.09 -9.50 -14.40
CA ARG E 308 3.25 -9.36 -15.84
C ARG E 308 4.45 -10.17 -16.25
N ARG E 309 4.28 -11.02 -17.26
CA ARG E 309 5.42 -11.71 -17.85
C ARG E 309 6.39 -10.67 -18.43
N SER E 310 5.88 -9.78 -19.27
CA SER E 310 6.77 -8.88 -19.99
C SER E 310 6.27 -7.45 -20.10
N LEU E 311 7.14 -6.51 -19.78
CA LEU E 311 6.89 -5.09 -20.07
C LEU E 311 8.07 -4.51 -20.82
N MET E 312 7.94 -4.36 -22.14
CA MET E 312 9.06 -3.94 -22.98
C MET E 312 9.19 -2.42 -23.04
N LEU E 313 10.40 -1.91 -22.82
CA LEU E 313 10.66 -0.49 -22.94
C LEU E 313 11.33 -0.21 -24.28
N ALA E 314 10.76 0.67 -25.08
CA ALA E 314 11.33 0.99 -26.39
C ALA E 314 12.74 1.59 -26.22
N THR E 315 13.71 1.15 -27.03
CA THR E 315 15.05 1.78 -27.06
C THR E 315 15.40 2.30 -28.47
N GLY E 316 14.37 2.56 -29.25
CA GLY E 316 14.54 3.05 -30.60
C GLY E 316 13.22 3.58 -31.14
N MET E 317 13.30 4.30 -32.26
CA MET E 317 12.15 4.88 -32.97
C MET E 317 11.18 3.84 -33.51
N ARG E 318 10.07 4.33 -34.05
CA ARG E 318 9.16 3.53 -34.85
C ARG E 318 9.93 2.83 -35.99
N ASN E 319 9.69 1.54 -36.17
CA ASN E 319 10.29 0.80 -37.27
C ASN E 319 9.37 0.86 -38.46
N VAL E 320 9.84 1.45 -39.54
CA VAL E 320 8.99 1.66 -40.70
C VAL E 320 9.70 1.06 -41.91
N PRO E 321 9.52 -0.25 -42.10
CA PRO E 321 10.19 -0.90 -43.22
C PRO E 321 9.61 -0.46 -44.56
N GLU E 322 10.39 -0.61 -45.63
CA GLU E 322 9.91 -0.21 -46.96
C GLU E 322 8.61 -0.91 -47.42
N LEU F 1 3.21 14.13 -31.79
CA LEU F 1 3.85 13.67 -33.01
C LEU F 1 4.35 14.79 -33.92
N PHE F 2 5.59 14.63 -34.35
CA PHE F 2 6.19 15.50 -35.30
C PHE F 2 5.82 14.88 -36.65
N GLY F 3 6.17 15.47 -37.76
CA GLY F 3 5.50 14.94 -38.95
C GLY F 3 6.23 13.89 -39.74
N ALA F 4 7.41 13.46 -39.26
CA ALA F 4 8.42 12.85 -40.13
C ALA F 4 8.42 11.32 -40.07
N ILE F 5 8.81 10.73 -38.93
CA ILE F 5 8.94 9.28 -38.91
C ILE F 5 7.55 8.66 -38.91
N ALA F 6 7.36 7.76 -39.86
CA ALA F 6 6.03 7.26 -40.19
C ALA F 6 5.11 8.41 -40.58
N GLY F 7 5.70 9.52 -41.01
CA GLY F 7 4.95 10.67 -41.49
C GLY F 7 5.20 10.92 -42.96
N PHE F 8 5.78 12.09 -43.28
CA PHE F 8 5.99 12.44 -44.69
C PHE F 8 7.25 11.74 -45.22
N LEU F 9 8.06 11.20 -44.33
CA LEU F 9 9.03 10.18 -44.69
C LEU F 9 8.23 8.92 -44.94
N GLU F 10 8.30 8.39 -46.15
CA GLU F 10 7.48 7.24 -46.55
C GLU F 10 7.81 6.00 -45.74
N ASN F 11 9.11 5.83 -45.44
CA ASN F 11 9.61 4.67 -44.73
C ASN F 11 11.05 4.88 -44.23
N GLY F 12 11.52 3.97 -43.39
CA GLY F 12 12.89 3.99 -42.92
C GLY F 12 13.81 3.29 -43.89
N TRP F 13 15.12 3.46 -43.72
CA TRP F 13 16.14 2.87 -44.58
C TRP F 13 16.84 1.72 -43.85
N GLU F 14 16.63 0.47 -44.29
CA GLU F 14 17.29 -0.67 -43.65
C GLU F 14 18.79 -0.73 -43.89
N GLY F 15 19.24 -0.09 -44.97
CA GLY F 15 20.63 -0.16 -45.39
C GLY F 15 21.46 0.84 -44.64
N MET F 16 20.80 1.71 -43.86
CA MET F 16 21.57 2.67 -43.06
C MET F 16 21.86 2.11 -41.65
N VAL F 17 23.06 1.61 -41.44
CA VAL F 17 23.37 0.86 -40.22
C VAL F 17 24.43 1.55 -39.36
N ASP F 18 24.78 2.79 -39.70
CA ASP F 18 25.79 3.51 -38.93
C ASP F 18 25.22 4.75 -38.26
N GLY F 19 23.90 4.83 -38.20
CA GLY F 19 23.27 5.93 -37.50
C GLY F 19 21.76 5.78 -37.53
N TRP F 20 21.08 6.56 -36.70
CA TRP F 20 19.63 6.54 -36.69
C TRP F 20 19.04 7.38 -37.82
N TYR F 21 19.73 8.48 -38.16
CA TYR F 21 19.29 9.43 -39.18
C TYR F 21 20.40 9.70 -40.19
N GLY F 22 20.02 10.06 -41.41
CA GLY F 22 21.02 10.29 -42.41
C GLY F 22 20.58 10.89 -43.72
N PHE F 23 21.49 10.83 -44.68
CA PHE F 23 21.34 11.52 -45.94
C PHE F 23 21.53 10.58 -47.10
N ARG F 24 20.62 10.65 -48.06
CA ARG F 24 20.83 10.00 -49.34
C ARG F 24 20.79 11.09 -50.40
N HIS F 25 21.85 11.18 -51.19
CA HIS F 25 21.94 12.25 -52.17
C HIS F 25 21.99 11.76 -53.60
N GLN F 26 21.77 12.70 -54.50
CA GLN F 26 21.75 12.47 -55.93
C GLN F 26 22.34 13.67 -56.64
N ASN F 27 23.43 13.45 -57.38
CA ASN F 27 24.01 14.45 -58.26
C ASN F 27 24.45 13.77 -59.55
N ALA F 28 25.19 14.48 -60.40
CA ALA F 28 25.48 13.98 -61.73
C ALA F 28 26.43 12.79 -61.65
N GLN F 29 27.23 12.77 -60.60
CA GLN F 29 28.20 11.71 -60.38
C GLN F 29 27.58 10.46 -59.74
N GLY F 30 26.36 10.56 -59.21
CA GLY F 30 25.67 9.38 -58.74
C GLY F 30 24.92 9.53 -57.44
N THR F 31 24.80 8.40 -56.74
CA THR F 31 24.07 8.27 -55.50
C THR F 31 25.07 8.16 -54.34
N GLY F 32 24.68 8.64 -53.17
CA GLY F 32 25.52 8.50 -51.98
C GLY F 32 24.66 8.38 -50.74
N GLN F 33 25.27 7.97 -49.63
CA GLN F 33 24.53 7.84 -48.37
C GLN F 33 25.45 8.05 -47.19
N ALA F 34 25.00 8.80 -46.19
CA ALA F 34 25.80 9.01 -44.99
C ALA F 34 24.90 9.21 -43.79
N ALA F 35 25.41 8.82 -42.63
CA ALA F 35 24.65 8.99 -41.39
C ALA F 35 25.03 10.30 -40.77
N ASP F 36 24.07 10.96 -40.10
CA ASP F 36 24.37 12.16 -39.35
C ASP F 36 24.65 11.85 -37.88
N TYR F 37 25.89 12.02 -37.45
CA TYR F 37 26.31 11.64 -36.11
C TYR F 37 25.66 12.43 -34.98
N LYS F 38 25.63 13.76 -35.10
CA LYS F 38 25.12 14.62 -34.02
C LYS F 38 23.64 14.35 -33.71
N SER F 39 22.83 14.18 -34.74
CA SER F 39 21.41 13.93 -34.47
C SER F 39 21.21 12.54 -33.89
N THR F 40 21.93 11.54 -34.40
CA THR F 40 21.69 10.19 -33.88
C THR F 40 22.19 10.07 -32.45
N GLN F 41 23.25 10.82 -32.09
CA GLN F 41 23.74 10.79 -30.72
C GLN F 41 22.78 11.53 -29.76
N ALA F 42 22.20 12.61 -30.23
CA ALA F 42 21.19 13.32 -29.44
C ALA F 42 20.09 12.36 -29.00
N ALA F 43 19.76 11.40 -29.86
CA ALA F 43 18.72 10.43 -29.58
C ALA F 43 19.18 9.29 -28.68
N ILE F 44 20.31 8.70 -29.03
CA ILE F 44 20.84 7.62 -28.23
C ILE F 44 21.13 8.07 -26.79
N ASP F 45 21.67 9.28 -26.62
CA ASP F 45 21.91 9.82 -25.29
C ASP F 45 20.63 9.85 -24.46
N GLN F 46 19.55 10.35 -25.05
CA GLN F 46 18.29 10.44 -24.34
C GLN F 46 17.74 9.06 -23.99
N ILE F 47 17.85 8.10 -24.91
CA ILE F 47 17.49 6.73 -24.60
C ILE F 47 18.27 6.22 -23.39
N THR F 48 19.58 6.44 -23.39
CA THR F 48 20.42 5.87 -22.34
C THR F 48 20.12 6.56 -21.00
N GLY F 49 19.86 7.85 -21.02
CA GLY F 49 19.32 8.57 -19.86
C GLY F 49 18.06 7.93 -19.25
N LYS F 50 17.12 7.52 -20.11
CA LYS F 50 15.93 6.80 -19.68
C LYS F 50 16.27 5.46 -19.02
N LEU F 51 17.09 4.68 -19.71
CA LEU F 51 17.54 3.40 -19.18
C LEU F 51 18.22 3.56 -17.83
N ASN F 52 18.98 4.64 -17.67
CA ASN F 52 19.66 4.89 -16.40
C ASN F 52 18.70 5.03 -15.23
N ARG F 53 17.61 5.78 -15.43
CA ARG F 53 16.56 5.90 -14.43
C ARG F 53 15.91 4.56 -14.08
N LEU F 54 15.73 3.72 -15.10
CA LEU F 54 15.14 2.39 -14.94
C LEU F 54 15.83 1.56 -13.89
N VAL F 55 17.16 1.52 -13.97
CA VAL F 55 18.01 0.67 -13.13
C VAL F 55 18.40 1.37 -11.84
N GLU F 56 17.83 2.54 -11.58
CA GLU F 56 18.09 3.25 -10.32
C GLU F 56 17.59 2.51 -9.06
N LYS F 57 18.53 2.09 -8.22
CA LYS F 57 18.26 1.04 -7.25
C LYS F 57 18.45 1.39 -5.78
N THR F 58 18.46 2.66 -5.39
CA THR F 58 18.56 2.95 -3.95
C THR F 58 17.33 2.33 -3.27
N ASN F 59 17.55 1.17 -2.63
CA ASN F 59 16.45 0.30 -2.26
C ASN F 59 16.32 -0.11 -0.80
N THR F 60 15.06 -0.27 -0.41
CA THR F 60 14.67 -0.54 0.95
C THR F 60 14.80 -2.04 1.26
N GLU F 61 15.32 -2.35 2.45
CA GLU F 61 15.48 -3.74 2.82
C GLU F 61 14.19 -4.22 3.49
N PHE F 62 13.66 -5.34 3.01
CA PHE F 62 12.45 -5.89 3.58
C PHE F 62 12.75 -7.20 4.25
N GLU F 63 11.98 -7.51 5.28
CA GLU F 63 12.08 -8.78 5.98
C GLU F 63 10.79 -9.56 5.79
N SER F 64 10.87 -10.86 5.91
CA SER F 64 9.70 -11.73 5.88
C SER F 64 8.60 -11.31 6.87
N ILE F 65 7.34 -11.32 6.43
CA ILE F 65 6.23 -11.24 7.38
C ILE F 65 5.31 -12.43 7.27
N GLU F 66 5.57 -13.31 6.29
CA GLU F 66 4.85 -14.58 6.29
C GLU F 66 5.80 -15.77 6.12
N SER F 67 5.56 -16.79 6.92
CA SER F 67 6.45 -17.92 6.95
C SER F 67 6.20 -18.86 5.79
N GLU F 68 7.27 -19.20 5.08
CA GLU F 68 7.21 -20.15 3.98
C GLU F 68 6.82 -21.53 4.49
N PHE F 69 7.28 -21.85 5.70
CA PHE F 69 7.36 -23.22 6.20
C PHE F 69 6.42 -23.55 7.37
N SER F 70 5.78 -22.55 7.98
CA SER F 70 4.80 -22.79 9.05
C SER F 70 3.55 -21.93 8.85
N GLU F 71 2.52 -22.22 9.64
CA GLU F 71 1.21 -21.59 9.48
C GLU F 71 1.12 -20.24 10.18
N ILE F 72 0.48 -19.28 9.52
CA ILE F 72 0.28 -17.98 10.13
C ILE F 72 -1.13 -17.96 10.76
N GLU F 73 -1.35 -17.15 11.79
CA GLU F 73 -2.69 -16.98 12.34
C GLU F 73 -3.64 -16.42 11.20
N HIS F 74 -4.83 -16.99 11.14
CA HIS F 74 -5.67 -16.81 9.95
C HIS F 74 -5.99 -15.35 9.60
N GLN F 75 -6.39 -14.60 10.62
CA GLN F 75 -6.79 -13.23 10.44
C GLN F 75 -5.65 -12.28 10.03
N ILE F 76 -4.48 -12.40 10.63
CA ILE F 76 -3.40 -11.47 10.30
C ILE F 76 -2.86 -11.90 8.94
N GLY F 77 -2.95 -13.20 8.66
CA GLY F 77 -2.63 -13.74 7.34
C GLY F 77 -3.44 -13.18 6.19
N ASN F 78 -4.76 -13.12 6.38
CA ASN F 78 -5.65 -12.52 5.42
C ASN F 78 -5.35 -11.01 5.23
N VAL F 79 -5.13 -10.28 6.32
CA VAL F 79 -4.69 -8.89 6.20
C VAL F 79 -3.44 -8.76 5.36
N ILE F 80 -2.45 -9.62 5.65
CA ILE F 80 -1.20 -9.55 4.94
C ILE F 80 -1.39 -9.84 3.47
N ASN F 81 -2.22 -10.83 3.17
CA ASN F 81 -2.59 -11.18 1.80
C ASN F 81 -3.27 -10.05 1.06
N TRP F 82 -4.19 -9.37 1.72
CA TRP F 82 -4.89 -8.24 1.11
C TRP F 82 -3.90 -7.09 0.84
N THR F 83 -3.02 -6.82 1.80
CA THR F 83 -2.02 -5.76 1.69
C THR F 83 -1.03 -6.04 0.56
N LYS F 84 -0.46 -7.24 0.57
CA LYS F 84 0.48 -7.60 -0.46
C LYS F 84 -0.14 -7.58 -1.89
N ASP F 85 -1.34 -8.12 -2.07
CA ASP F 85 -2.00 -8.01 -3.38
C ASP F 85 -2.30 -6.54 -3.75
N SER F 86 -2.68 -5.73 -2.77
CA SER F 86 -2.90 -4.31 -3.03
C SER F 86 -1.66 -3.62 -3.53
N ILE F 87 -0.56 -3.82 -2.81
CA ILE F 87 0.73 -3.26 -3.17
C ILE F 87 1.15 -3.71 -4.57
N THR F 88 0.94 -4.99 -4.87
CA THR F 88 1.26 -5.55 -6.16
C THR F 88 0.40 -5.00 -7.29
N ASP F 89 -0.89 -4.71 -7.03
CA ASP F 89 -1.73 -4.13 -8.10
C ASP F 89 -1.17 -2.76 -8.40
N ILE F 90 -0.82 -2.02 -7.35
CA ILE F 90 -0.21 -0.70 -7.58
C ILE F 90 1.06 -0.81 -8.43
N TRP F 91 1.97 -1.72 -8.10
CA TRP F 91 3.25 -1.76 -8.82
C TRP F 91 3.04 -2.23 -10.25
N THR F 92 2.14 -3.20 -10.42
CA THR F 92 1.80 -3.70 -11.73
C THR F 92 1.20 -2.60 -12.59
N TYR F 93 0.35 -1.77 -11.99
CA TYR F 93 -0.24 -0.67 -12.71
C TYR F 93 0.84 0.36 -13.05
N GLN F 94 1.74 0.62 -12.11
CA GLN F 94 2.78 1.65 -12.31
C GLN F 94 3.81 1.27 -13.36
N ALA F 95 4.13 -0.01 -13.38
CA ALA F 95 5.02 -0.60 -14.37
C ALA F 95 4.44 -0.45 -15.77
N GLU F 96 3.16 -0.76 -15.94
CA GLU F 96 2.45 -0.59 -17.22
C GLU F 96 2.38 0.87 -17.67
N LEU F 97 2.05 1.75 -16.74
CA LEU F 97 2.01 3.17 -17.04
C LEU F 97 3.39 3.64 -17.46
N LEU F 98 4.40 3.27 -16.66
CA LEU F 98 5.78 3.71 -16.88
C LEU F 98 6.22 3.42 -18.29
N VAL F 99 6.12 2.16 -18.71
CA VAL F 99 6.60 1.82 -20.02
C VAL F 99 5.64 2.30 -21.12
N ALA F 100 4.33 2.37 -20.87
CA ALA F 100 3.43 2.92 -21.91
C ALA F 100 3.78 4.38 -22.21
N MET F 101 3.97 5.16 -21.17
CA MET F 101 4.26 6.58 -21.27
C MET F 101 5.66 6.80 -21.83
N GLU F 102 6.63 6.15 -21.19
CA GLU F 102 8.01 6.17 -21.64
C GLU F 102 8.15 5.85 -23.14
N ASN F 103 7.45 4.80 -23.58
CA ASN F 103 7.52 4.40 -24.99
C ASN F 103 6.94 5.44 -25.94
N GLN F 104 5.81 6.01 -25.53
CA GLN F 104 5.16 7.06 -26.28
C GLN F 104 6.15 8.16 -26.53
N HIS F 105 6.77 8.60 -25.44
CA HIS F 105 7.69 9.71 -25.49
C HIS F 105 8.95 9.39 -26.31
N THR F 106 9.35 8.13 -26.30
CA THR F 106 10.55 7.74 -27.01
C THR F 106 10.35 7.80 -28.52
N ILE F 107 9.25 7.20 -28.97
CA ILE F 107 8.79 7.30 -30.34
C ILE F 107 8.73 8.76 -30.83
N ASP F 108 8.15 9.63 -30.02
CA ASP F 108 7.97 11.00 -30.45
C ASP F 108 9.27 11.75 -30.37
N MET F 109 10.08 11.47 -29.37
CA MET F 109 11.35 12.17 -29.28
C MET F 109 12.21 11.90 -30.52
N ALA F 110 12.27 10.63 -30.93
CA ALA F 110 13.02 10.21 -32.12
C ALA F 110 12.54 10.90 -33.39
N ASP F 111 11.21 11.09 -33.44
CA ASP F 111 10.55 11.77 -34.52
C ASP F 111 11.02 13.23 -34.57
N SER F 112 11.12 13.88 -33.40
CA SER F 112 11.52 15.29 -33.39
C SER F 112 12.96 15.47 -33.79
N GLU F 113 13.82 14.50 -33.48
CA GLU F 113 15.21 14.67 -33.85
C GLU F 113 15.31 14.55 -35.34
N MET F 114 14.42 13.75 -35.94
CA MET F 114 14.44 13.63 -37.37
C MET F 114 14.06 14.99 -37.97
N LEU F 115 12.97 15.55 -37.45
CA LEU F 115 12.46 16.82 -37.92
C LEU F 115 13.49 17.91 -37.76
N ASN F 116 14.21 17.88 -36.65
CA ASN F 116 15.21 18.90 -36.44
C ASN F 116 16.41 18.75 -37.37
N LEU F 117 16.68 17.54 -37.83
CA LEU F 117 17.74 17.38 -38.82
C LEU F 117 17.24 17.99 -40.12
N TYR F 118 15.99 17.66 -40.46
CA TYR F 118 15.30 18.19 -41.64
C TYR F 118 15.22 19.72 -41.66
N GLU F 119 14.80 20.32 -40.55
CA GLU F 119 14.66 21.77 -40.44
C GLU F 119 16.00 22.47 -40.59
N ARG F 120 17.05 21.82 -40.08
CA ARG F 120 18.40 22.36 -40.16
C ARG F 120 18.82 22.48 -41.62
N VAL F 121 18.65 21.41 -42.36
CA VAL F 121 19.06 21.37 -43.75
C VAL F 121 18.26 22.40 -44.57
N ARG F 122 16.95 22.46 -44.32
CA ARG F 122 16.07 23.41 -45.00
C ARG F 122 16.54 24.85 -44.88
N LYS F 123 16.92 25.25 -43.67
CA LYS F 123 17.32 26.61 -43.43
C LYS F 123 18.70 26.90 -44.04
N GLN F 124 19.55 25.87 -44.08
CA GLN F 124 20.84 25.93 -44.76
C GLN F 124 20.75 26.27 -46.23
N LEU F 125 19.90 25.52 -46.93
CA LEU F 125 19.76 25.60 -48.36
C LEU F 125 19.13 26.92 -48.75
N ARG F 126 18.34 27.46 -47.82
CA ARG F 126 17.70 28.75 -47.96
C ARG F 126 16.87 28.82 -49.24
N GLN F 127 17.25 29.69 -50.17
CA GLN F 127 16.46 29.86 -51.38
C GLN F 127 16.98 29.03 -52.54
N ASN F 128 18.02 28.23 -52.26
CA ASN F 128 18.69 27.47 -53.30
C ASN F 128 18.07 26.11 -53.51
N ALA F 129 17.02 25.80 -52.76
CA ALA F 129 16.38 24.49 -52.87
C ALA F 129 14.90 24.53 -52.54
N GLU F 130 14.18 23.47 -52.91
CA GLU F 130 12.77 23.34 -52.55
C GLU F 130 12.39 21.92 -52.08
N GLU F 131 11.38 21.85 -51.23
CA GLU F 131 10.95 20.59 -50.62
C GLU F 131 10.05 19.80 -51.54
N ASP F 132 10.19 18.48 -51.57
CA ASP F 132 9.31 17.67 -52.42
C ASP F 132 8.18 17.04 -51.59
N GLY F 133 8.24 17.23 -50.28
CA GLY F 133 7.19 16.75 -49.40
C GLY F 133 7.40 15.34 -48.87
N LYS F 134 8.41 14.65 -49.41
CA LYS F 134 8.75 13.30 -48.99
C LYS F 134 10.12 13.30 -48.32
N GLY F 135 10.58 14.47 -47.90
CA GLY F 135 11.80 14.57 -47.12
C GLY F 135 13.03 15.00 -47.90
N CYS F 136 12.88 15.10 -49.22
CA CYS F 136 13.99 15.44 -50.10
C CYS F 136 14.01 16.94 -50.38
N PHE F 137 15.20 17.46 -50.65
CA PHE F 137 15.32 18.84 -51.12
C PHE F 137 15.81 18.81 -52.56
N GLU F 138 15.07 19.48 -53.43
CA GLU F 138 15.51 19.63 -54.80
C GLU F 138 16.36 20.87 -54.89
N ILE F 139 17.61 20.65 -55.26
CA ILE F 139 18.65 21.67 -55.28
C ILE F 139 18.82 22.27 -56.68
N TYR F 140 18.80 23.60 -56.78
CA TYR F 140 18.73 24.26 -58.09
C TYR F 140 20.06 24.76 -58.62
N HIS F 141 21.07 23.90 -58.49
CA HIS F 141 22.40 24.11 -59.05
C HIS F 141 23.10 22.77 -58.90
N ALA F 142 24.13 22.52 -59.70
CA ALA F 142 24.91 21.32 -59.56
C ALA F 142 25.41 21.27 -58.13
N CYS F 143 25.26 20.11 -57.49
CA CYS F 143 25.85 19.87 -56.19
C CYS F 143 26.79 18.67 -56.19
N ASP F 144 28.08 19.00 -56.27
CA ASP F 144 29.27 18.17 -56.00
C ASP F 144 29.20 17.22 -54.84
N ASP F 145 29.85 16.06 -54.96
CA ASP F 145 29.93 15.13 -53.82
C ASP F 145 30.46 15.96 -52.66
N SER F 146 31.39 16.85 -52.99
CA SER F 146 31.96 17.79 -52.03
C SER F 146 30.94 18.81 -51.53
N CYS F 147 30.06 19.25 -52.42
CA CYS F 147 29.01 20.20 -52.06
C CYS F 147 27.95 19.50 -51.19
N MET F 148 27.62 18.27 -51.53
CA MET F 148 26.71 17.48 -50.70
C MET F 148 27.29 17.35 -49.29
N GLU F 149 28.59 17.09 -49.23
CA GLU F 149 29.28 16.94 -47.97
C GLU F 149 29.10 18.22 -47.16
N SER F 150 29.32 19.38 -47.76
CA SER F 150 29.13 20.65 -47.07
C SER F 150 27.74 20.81 -46.46
N ILE F 151 26.74 20.15 -47.06
CA ILE F 151 25.39 20.18 -46.53
C ILE F 151 25.28 19.25 -45.30
N ARG F 152 25.74 18.00 -45.43
CA ARG F 152 25.72 17.07 -44.32
C ARG F 152 26.57 17.59 -43.17
N ASN F 153 27.60 18.34 -43.53
CA ASN F 153 28.64 18.86 -42.63
C ASN F 153 28.29 20.21 -42.01
N ASN F 154 27.21 20.82 -42.51
CA ASN F 154 26.74 22.13 -42.03
C ASN F 154 27.70 23.29 -42.36
N THR F 155 28.38 23.20 -43.50
CA THR F 155 29.23 24.32 -43.92
C THR F 155 28.81 24.87 -45.29
N TYR F 156 27.69 24.38 -45.81
CA TYR F 156 27.09 24.90 -47.04
C TYR F 156 26.85 26.41 -46.94
N ASP F 157 27.52 27.17 -47.82
CA ASP F 157 27.24 28.59 -47.92
C ASP F 157 26.22 28.82 -49.05
N HIS F 158 24.98 29.12 -48.68
CA HIS F 158 23.96 29.24 -49.69
C HIS F 158 24.25 30.41 -50.65
N SER F 159 24.85 31.49 -50.17
CA SER F 159 25.01 32.69 -50.99
C SER F 159 25.91 32.40 -52.20
N GLN F 160 26.86 31.50 -52.01
CA GLN F 160 27.73 31.01 -53.08
C GLN F 160 26.94 30.47 -54.28
N TYR F 161 25.71 30.00 -54.07
CA TYR F 161 24.95 29.44 -55.19
C TYR F 161 23.64 30.17 -55.42
N ARG F 162 23.41 31.25 -54.69
CA ARG F 162 22.08 31.87 -54.69
C ARG F 162 21.66 32.37 -56.07
N GLU F 163 22.51 33.18 -56.70
CA GLU F 163 22.22 33.75 -58.00
C GLU F 163 21.86 32.66 -58.99
N GLU F 164 22.75 31.68 -59.13
CA GLU F 164 22.49 30.56 -60.04
C GLU F 164 21.18 29.89 -59.66
N ALA F 165 21.00 29.60 -58.37
CA ALA F 165 19.84 28.84 -57.93
C ALA F 165 18.54 29.61 -58.13
N LEU F 166 18.58 30.92 -57.87
CA LEU F 166 17.35 31.71 -57.97
C LEU F 166 16.86 31.79 -59.40
N LEU F 167 17.77 31.81 -60.38
CA LEU F 167 17.30 31.91 -61.76
C LEU F 167 16.92 30.53 -62.30
N ASN F 168 17.54 29.46 -61.81
CA ASN F 168 17.10 28.11 -62.15
C ASN F 168 15.71 27.77 -61.61
N ARG F 169 15.38 28.35 -60.46
CA ARG F 169 14.06 28.13 -59.86
C ARG F 169 12.97 28.79 -60.69
N LEU F 170 13.31 29.89 -61.36
CA LEU F 170 12.34 30.65 -62.14
C LEU F 170 12.26 30.21 -63.60
N ASN F 171 13.39 30.05 -64.26
CA ASN F 171 13.36 29.65 -65.66
C ASN F 171 12.93 28.18 -65.77
C1 NAG G . 2.80 -7.08 58.26
C2 NAG G . 2.24 -5.87 57.49
C3 NAG G . 3.03 -5.57 56.21
C4 NAG G . 4.52 -5.55 56.48
C5 NAG G . 4.94 -6.82 57.22
C6 NAG G . 6.39 -6.57 57.61
C7 NAG G . -0.08 -5.57 56.91
C8 NAG G . -1.25 -6.18 56.19
N2 NAG G . 0.96 -6.37 57.08
O1 NAG G . 2.06 -7.22 59.46
O3 NAG G . 2.66 -4.31 55.64
O4 NAG G . 5.25 -5.50 55.27
O5 NAG G . 4.20 -7.01 58.39
O6 NAG G . 6.46 -5.34 58.34
O7 NAG G . -0.05 -4.44 57.33
C1 GAL G . 5.47 -4.29 54.53
C2 GAL G . 6.76 -4.42 53.73
C3 GAL G . 7.05 -3.12 52.98
C4 GAL G . 5.84 -2.72 52.13
C5 GAL G . 4.56 -2.77 52.98
C6 GAL G . 3.33 -2.54 52.11
O2 GAL G . 7.83 -4.73 54.60
O3 GAL G . 8.16 -3.31 52.12
O4 GAL G . 5.71 -3.59 51.03
O5 GAL G . 4.43 -4.03 53.61
O6 GAL G . 2.28 -2.22 52.98
C1 SIA G . 1.38 -0.96 51.33
C2 SIA G . 1.09 -1.84 52.52
C3 SIA G . 0.25 -1.21 53.62
C4 SIA G . -1.22 -1.12 53.26
C5 SIA G . -1.73 -2.46 52.78
C6 SIA G . -0.85 -3.02 51.68
C7 SIA G . -1.22 -4.37 51.08
C8 SIA G . -0.08 -4.93 50.22
C9 SIA G . -0.27 -6.29 49.61
C10 SIA G . -3.87 -3.32 52.09
C11 SIA G . -5.19 -3.01 51.51
N5 SIA G . -3.03 -2.31 52.18
O1A SIA G . 1.51 0.24 51.44
O1B SIA G . 1.49 -1.53 50.26
O4 SIA G . -1.96 -0.62 54.34
O6 SIA G . 0.53 -3.07 52.06
O7 SIA G . -1.51 -5.27 52.14
O8 SIA G . 0.26 -4.03 49.19
O9 SIA G . 1.05 -6.59 49.20
O10 SIA G . -3.56 -4.41 52.45
C1 NAG H . -34.99 -5.74 35.87
C2 NAG H . -36.14 -4.77 36.00
C3 NAG H . -37.06 -5.17 37.14
C4 NAG H . -37.53 -6.60 36.95
C5 NAG H . -36.35 -7.54 36.71
C6 NAG H . -36.77 -8.94 36.31
C7 NAG H . -35.81 -2.44 35.27
C8 NAG H . -35.26 -1.09 35.63
N2 NAG H . -35.65 -3.40 36.19
O3 NAG H . -38.15 -4.25 37.18
O4 NAG H . -38.25 -7.05 38.09
O5 NAG H . -35.51 -7.05 35.64
O6 NAG H . -36.76 -9.09 34.90
O7 NAG H . -36.38 -2.65 34.20
C1 BMA H . -39.62 -7.18 38.61
C2 BMA H . -39.94 -8.30 39.61
C3 BMA H . -41.44 -8.55 39.67
C4 BMA H . -42.24 -7.27 39.95
C5 BMA H . -41.88 -6.15 38.96
C6 BMA H . -42.53 -4.82 39.32
O2 BMA H . -39.44 -7.94 40.92
O3 BMA H . -41.70 -9.55 40.71
O4 BMA H . -43.63 -7.58 39.78
O5 BMA H . -40.41 -5.98 38.99
O6 BMA H . -42.14 -3.81 38.32
C1 MAN H . -42.69 -2.48 38.58
C2 MAN H . -42.22 -1.55 37.44
C3 MAN H . -40.74 -1.11 37.58
C4 MAN H . -40.45 -0.58 38.99
C5 MAN H . -40.80 -1.67 40.01
C6 MAN H . -40.50 -1.37 41.48
O2 MAN H . -43.07 -0.38 37.46
O3 MAN H . -40.42 -0.11 36.55
O4 MAN H . -39.06 -0.25 39.09
O5 MAN H . -42.24 -1.94 39.89
O6 MAN H . -41.02 -0.05 41.82
C1 NAG I . 6.87 -47.34 34.39
C2 NAG I . 7.96 -46.50 33.72
C3 NAG I . 7.57 -46.00 32.34
C4 NAG I . 6.98 -47.13 31.49
C5 NAG I . 5.89 -47.86 32.25
C6 NAG I . 5.57 -49.07 31.40
C7 NAG I . 9.11 -44.65 34.77
C8 NAG I . 8.92 -43.32 35.45
N2 NAG I . 8.01 -45.35 34.57
O1 NAG I . 7.38 -47.83 35.61
O3 NAG I . 8.67 -45.43 31.62
O4 NAG I . 6.41 -46.61 30.29
O5 NAG I . 6.34 -48.32 33.51
O6 NAG I . 6.77 -49.78 31.14
O7 NAG I . 10.18 -45.11 34.43
C1 GAL I . 7.18 -46.27 29.13
C2 GAL I . 6.31 -46.42 27.90
C3 GAL I . 7.11 -46.09 26.63
C4 GAL I . 7.77 -44.74 26.76
C5 GAL I . 8.50 -44.62 28.10
C6 GAL I . 9.03 -43.21 28.30
O2 GAL I . 5.77 -47.72 27.83
O3 GAL I . 6.24 -46.09 25.52
O4 GAL I . 6.82 -43.71 26.66
O5 GAL I . 7.65 -44.94 29.17
O6 GAL I . 9.99 -43.28 29.34
C1 SIA I . 11.06 -41.54 28.38
C2 SIA I . 10.74 -42.22 29.67
C3 SIA I . 11.91 -42.63 30.53
C4 SIA I . 12.56 -41.46 31.25
C5 SIA I . 11.50 -40.66 31.99
C6 SIA I . 10.35 -40.28 31.07
C7 SIA I . 9.16 -39.42 31.50
C8 SIA I . 7.96 -39.48 30.55
C9 SIA I . 6.75 -38.66 30.87
C10 SIA I . 11.44 -38.69 33.33
C11 SIA I . 11.98 -37.32 33.47
N5 SIA I . 12.05 -39.41 32.44
O1A SIA I . 10.32 -40.68 27.96
O1B SIA I . 12.03 -41.93 27.79
O4 SIA I . 13.46 -41.86 32.23
O6 SIA I . 9.80 -41.41 30.41
O7 SIA I . 8.76 -39.85 32.78
O8 SIA I . 8.37 -39.19 29.24
O9 SIA I . 5.77 -39.25 30.04
O10 SIA I . 10.53 -39.10 33.96
C1 NAG J . 17.47 -8.56 41.55
C2 NAG J . 17.00 -7.16 41.88
C3 NAG J . 18.14 -6.36 42.49
C4 NAG J . 18.81 -7.11 43.63
C5 NAG J . 19.07 -8.59 43.28
C6 NAG J . 19.30 -9.36 44.55
C7 NAG J . 15.17 -6.16 40.76
C8 NAG J . 14.77 -5.41 39.57
N2 NAG J . 16.40 -6.53 40.76
O3 NAG J . 17.74 -5.08 42.97
O4 NAG J . 20.07 -6.50 43.91
O5 NAG J . 17.91 -9.20 42.71
O6 NAG J . 18.34 -10.39 44.55
O7 NAG J . 14.40 -6.39 41.63
C1 NAG J . 20.57 -6.06 45.19
C2 NAG J . 22.08 -6.09 45.38
C3 NAG J . 22.46 -5.31 46.62
C4 NAG J . 21.91 -3.89 46.54
C5 NAG J . 20.41 -3.91 46.24
C6 NAG J . 19.88 -2.51 45.98
C7 NAG J . 23.63 -7.81 44.82
C8 NAG J . 24.38 -8.98 45.37
N2 NAG J . 22.54 -7.45 45.48
O3 NAG J . 23.89 -5.25 46.76
O4 NAG J . 22.10 -3.27 47.82
O5 NAG J . 20.14 -4.71 45.07
O6 NAG J . 19.76 -2.34 44.57
O7 NAG J . 23.98 -7.21 43.82
C1 SIA K . -34.13 -24.22 29.64
C2 SIA K . -34.26 -24.88 30.99
C3 SIA K . -34.93 -26.24 30.92
C4 SIA K . -34.02 -27.31 30.34
C5 SIA K . -32.69 -27.33 31.07
C6 SIA K . -32.08 -25.93 31.09
C7 SIA K . -30.74 -25.80 31.83
C8 SIA K . -30.37 -24.32 32.03
C9 SIA K . -29.00 -24.16 32.66
C10 SIA K . -30.70 -28.66 30.98
C11 SIA K . -29.71 -29.37 30.10
N5 SIA K . -31.79 -28.22 30.39
O1A SIA K . -33.02 -23.75 29.33
O1B SIA K . -35.13 -24.18 28.91
O2 SIA K . -34.93 -24.06 31.80
O4 SIA K . -34.63 -28.60 30.45
O6 SIA K . -32.97 -24.95 31.63
O7 SIA K . -30.80 -26.43 33.10
O8 SIA K . -30.40 -23.64 30.77
O9 SIA K . -29.00 -23.04 33.55
O10 SIA K . -30.50 -28.47 32.16
C1 NAG L . -18.47 10.74 -26.67
C2 NAG L . -18.62 10.56 -28.16
C3 NAG L . -19.26 9.21 -28.46
C4 NAG L . -18.55 8.08 -27.73
C5 NAG L . -18.25 8.43 -26.26
C6 NAG L . -17.22 7.44 -25.75
C7 NAG L . -19.21 12.34 -29.61
C8 NAG L . -19.90 13.68 -29.57
N2 NAG L . -19.58 11.48 -28.69
O3 NAG L . -19.31 8.95 -29.85
O4 NAG L . -19.36 6.92 -27.69
O5 NAG L . -17.66 9.73 -26.16
O6 NAG L . -15.97 8.02 -25.95
O7 NAG L . -18.36 12.06 -30.41
C1 NAG M . -5.04 -42.08 16.58
C2 NAG M . -3.55 -42.24 16.78
C3 NAG M . -3.06 -43.47 16.04
C4 NAG M . -3.91 -44.71 16.36
C5 NAG M . -5.41 -44.40 16.34
C6 NAG M . -6.21 -45.54 16.94
C7 NAG M . -1.90 -40.49 16.87
C8 NAG M . -1.13 -39.49 16.05
N2 NAG M . -2.92 -41.06 16.26
O3 NAG M . -1.68 -43.76 16.30
O4 NAG M . -3.65 -45.70 15.38
O5 NAG M . -5.70 -43.20 17.08
O6 NAG M . -5.87 -45.68 18.30
O7 NAG M . -1.61 -40.75 18.02
C1 NAG N . 11.99 32.16 -8.53
C2 NAG N . 12.14 33.66 -8.40
C3 NAG N . 13.00 34.00 -7.18
C4 NAG N . 12.50 33.28 -5.93
C5 NAG N . 12.17 31.81 -6.20
C6 NAG N . 11.32 31.18 -5.09
C7 NAG N . 12.81 34.07 -10.70
C8 NAG N . 11.58 34.82 -11.05
N2 NAG N . 13.08 34.06 -9.43
O3 NAG N . 13.03 35.40 -6.93
O4 NAG N . 13.42 33.43 -4.86
O5 NAG N . 11.37 31.66 -7.38
O6 NAG N . 9.96 31.08 -5.53
O7 NAG N . 13.53 33.52 -11.49
C1 NAG O . -30.27 -4.72 33.81
C2 NAG O . -31.03 -5.97 33.45
C3 NAG O . -32.52 -5.77 33.71
C4 NAG O . -32.77 -5.22 35.11
C5 NAG O . -31.81 -4.08 35.48
C6 NAG O . -31.91 -3.82 36.97
C7 NAG O . -30.48 -7.46 31.63
C8 NAG O . -30.02 -7.51 30.21
N2 NAG O . -30.83 -6.25 32.05
O3 NAG O . -33.23 -7.00 33.57
O4 NAG O . -34.10 -4.70 35.15
O5 NAG O . -30.45 -4.43 35.16
O6 NAG O . -32.01 -5.05 37.69
O7 NAG O . -30.52 -8.45 32.33
#